data_1GS9
# 
_entry.id   1GS9 
# 
_audit_conform.dict_name       mmcif_pdbx.dic 
_audit_conform.dict_version    5.382 
_audit_conform.dict_location   http://mmcif.pdb.org/dictionaries/ascii/mmcif_pdbx.dic 
# 
loop_
_database_2.database_id 
_database_2.database_code 
_database_2.pdbx_database_accession 
_database_2.pdbx_DOI 
PDB   1GS9         pdb_00001gs9 10.2210/pdb1gs9/pdb 
PDBE  EBI-9192     ?            ?                   
WWPDB D_1290009192 ?            ?                   
# 
loop_
_pdbx_database_related.db_name 
_pdbx_database_related.db_id 
_pdbx_database_related.content_type 
_pdbx_database_related.details 
PDB 1BZ4 unspecified 'APOLIPOPROTEIN E3 (APO-E3), TRUNCATION MUTANT 165' 
PDB 1EA8 unspecified 'APOLIPOPROTEIN E3 22KD FRAGMENT LYS146GLN MUTANT' 
PDB 1H7I unspecified 'APOLIPOPROTEIN E3 22KD FRAGMENT LYS146GLN MUTANT' 
PDB 1LE2 unspecified . 
PDB 1LE4 unspecified . 
PDB 1LPE unspecified . 
PDB 1NFN unspecified 'APOLIPOPROTEIN E3 (APOE3)' 
PDB 1NFO unspecified 'APOLIPOPROTEIN E2 (APOE2, D154A MUTATION)' 
PDB 1OEF unspecified 
'PEPTIDE OF HUMAN APOE RESIDUES 263 - 286, NMR, 5 STRUCTURES AT PH 4.8, 37 DEGREES CELSIUS AND PEPTIDE:SDS MOLE RATIO OF 1:90' 
PDB 1OEG unspecified 
'PEPTIDE OF HUMAN APOE RESIDUES 267 - 289, NMR, 5 STRUCTURES AT PH 6.0, 37 DEGREES CELSIUS AND PEPTIDE:SDS MOLE RATIO OF 1:90' 
PDB 1OR2 unspecified 'APOLIPOPROTEIN E3 (APOE3) TRUNCATION MUTANT 165' 
PDB 1OR3 unspecified 'APOLIPOPROTEIN E3 (APOE3), TRIGONAL TRUNCATION MUTANT 165' 
# 
_pdbx_database_status.status_code                     REL 
_pdbx_database_status.entry_id                        1GS9 
_pdbx_database_status.deposit_site                    PDBE 
_pdbx_database_status.process_site                    PDBE 
_pdbx_database_status.SG_entry                        . 
_pdbx_database_status.recvd_initial_deposition_date   2002-01-02 
_pdbx_database_status.pdb_format_compatible           Y 
_pdbx_database_status.status_code_sf                  REL 
_pdbx_database_status.status_code_mr                  ? 
_pdbx_database_status.status_code_cs                  ? 
_pdbx_database_status.methods_development_category    ? 
_pdbx_database_status.status_code_nmr_data            ? 
# 
loop_
_audit_author.name 
_audit_author.pdbx_ordinal 
'Verderame, J.R.'  1 
'Kantardjieff, K.' 2 
'Segelke, B.'      3 
'Weisgraber, K.'   4 
'Rupp, B.'         5 
# 
_citation.id                        primary 
_citation.title                     'Crystal Structure of the 22K Domain of Human Apolipoprotein E4' 
_citation.journal_abbrev            'To be Published' 
_citation.journal_volume            ? 
_citation.page_first                ? 
_citation.page_last                 ? 
_citation.year                      ? 
_citation.journal_id_ASTM           ? 
_citation.country                   ? 
_citation.journal_id_ISSN           ? 
_citation.journal_id_CSD            0353 
_citation.book_publisher            ? 
_citation.pdbx_database_id_PubMed   ? 
_citation.pdbx_database_id_DOI      ? 
# 
loop_
_citation_author.citation_id 
_citation_author.name 
_citation_author.ordinal 
_citation_author.identifier_ORCID 
primary 'Verderame, J.R.'  1 ? 
primary 'Kantardjieff, K.' 2 ? 
primary 'Segelke, B.'      3 ? 
primary 'Weisgraber, K.'   4 ? 
primary 'Rupp, B.'         5 ? 
# 
_cell.entry_id           1GS9 
_cell.length_a           45.511 
_cell.length_b           53.089 
_cell.length_c           73.372 
_cell.angle_alpha        90.00 
_cell.angle_beta         90.00 
_cell.angle_gamma        90.00 
_cell.Z_PDB              4 
_cell.pdbx_unique_axis   ? 
# 
_symmetry.entry_id                         1GS9 
_symmetry.space_group_name_H-M             'P 21 21 21' 
_symmetry.pdbx_full_space_group_name_H-M   ? 
_symmetry.cell_setting                     ? 
_symmetry.Int_Tables_number                19 
# 
loop_
_entity.id 
_entity.type 
_entity.src_method 
_entity.pdbx_description 
_entity.formula_weight 
_entity.pdbx_number_of_molecules 
_entity.pdbx_ec 
_entity.pdbx_mutation 
_entity.pdbx_fragment 
_entity.details 
1 polymer man 'APOLIPOPROTEIN E' 19351.857 1   ? YES 'RECEPTOR BINDING DOMAIN, RESIDUES 1-165' ? 
2 water   nat water              18.015    223 ? ?   ?                                         ? 
# 
_entity_name_com.entity_id   1 
_entity_name_com.name        APOE4 
# 
_entity_poly.entity_id                      1 
_entity_poly.type                           'polypeptide(L)' 
_entity_poly.nstd_linkage                   no 
_entity_poly.nstd_monomer                   no 
_entity_poly.pdbx_seq_one_letter_code       
;KVEQAVETEPEPELRQQTEWQSGQRWELALGRFWDYLRWVQTLSEQVQEELLSSQVTQELRALMDETMKELKAYKSELEE
QLTPVAEETRARLSKELQAAQARLGADMEDVRGRLVQYRGEVQAMLGQSTEELRVRLASHLRKLRKRLLRDADDLQKRLA
VYQAG
;
_entity_poly.pdbx_seq_one_letter_code_can   
;KVEQAVETEPEPELRQQTEWQSGQRWELALGRFWDYLRWVQTLSEQVQEELLSSQVTQELRALMDETMKELKAYKSELEE
QLTPVAEETRARLSKELQAAQARLGADMEDVRGRLVQYRGEVQAMLGQSTEELRVRLASHLRKLRKRLLRDADDLQKRLA
VYQAG
;
_entity_poly.pdbx_strand_id                 A 
_entity_poly.pdbx_target_identifier         ? 
# 
loop_
_entity_poly_seq.entity_id 
_entity_poly_seq.num 
_entity_poly_seq.mon_id 
_entity_poly_seq.hetero 
1 1   LYS n 
1 2   VAL n 
1 3   GLU n 
1 4   GLN n 
1 5   ALA n 
1 6   VAL n 
1 7   GLU n 
1 8   THR n 
1 9   GLU n 
1 10  PRO n 
1 11  GLU n 
1 12  PRO n 
1 13  GLU n 
1 14  LEU n 
1 15  ARG n 
1 16  GLN n 
1 17  GLN n 
1 18  THR n 
1 19  GLU n 
1 20  TRP n 
1 21  GLN n 
1 22  SER n 
1 23  GLY n 
1 24  GLN n 
1 25  ARG n 
1 26  TRP n 
1 27  GLU n 
1 28  LEU n 
1 29  ALA n 
1 30  LEU n 
1 31  GLY n 
1 32  ARG n 
1 33  PHE n 
1 34  TRP n 
1 35  ASP n 
1 36  TYR n 
1 37  LEU n 
1 38  ARG n 
1 39  TRP n 
1 40  VAL n 
1 41  GLN n 
1 42  THR n 
1 43  LEU n 
1 44  SER n 
1 45  GLU n 
1 46  GLN n 
1 47  VAL n 
1 48  GLN n 
1 49  GLU n 
1 50  GLU n 
1 51  LEU n 
1 52  LEU n 
1 53  SER n 
1 54  SER n 
1 55  GLN n 
1 56  VAL n 
1 57  THR n 
1 58  GLN n 
1 59  GLU n 
1 60  LEU n 
1 61  ARG n 
1 62  ALA n 
1 63  LEU n 
1 64  MET n 
1 65  ASP n 
1 66  GLU n 
1 67  THR n 
1 68  MET n 
1 69  LYS n 
1 70  GLU n 
1 71  LEU n 
1 72  LYS n 
1 73  ALA n 
1 74  TYR n 
1 75  LYS n 
1 76  SER n 
1 77  GLU n 
1 78  LEU n 
1 79  GLU n 
1 80  GLU n 
1 81  GLN n 
1 82  LEU n 
1 83  THR n 
1 84  PRO n 
1 85  VAL n 
1 86  ALA n 
1 87  GLU n 
1 88  GLU n 
1 89  THR n 
1 90  ARG n 
1 91  ALA n 
1 92  ARG n 
1 93  LEU n 
1 94  SER n 
1 95  LYS n 
1 96  GLU n 
1 97  LEU n 
1 98  GLN n 
1 99  ALA n 
1 100 ALA n 
1 101 GLN n 
1 102 ALA n 
1 103 ARG n 
1 104 LEU n 
1 105 GLY n 
1 106 ALA n 
1 107 ASP n 
1 108 MET n 
1 109 GLU n 
1 110 ASP n 
1 111 VAL n 
1 112 ARG n 
1 113 GLY n 
1 114 ARG n 
1 115 LEU n 
1 116 VAL n 
1 117 GLN n 
1 118 TYR n 
1 119 ARG n 
1 120 GLY n 
1 121 GLU n 
1 122 VAL n 
1 123 GLN n 
1 124 ALA n 
1 125 MET n 
1 126 LEU n 
1 127 GLY n 
1 128 GLN n 
1 129 SER n 
1 130 THR n 
1 131 GLU n 
1 132 GLU n 
1 133 LEU n 
1 134 ARG n 
1 135 VAL n 
1 136 ARG n 
1 137 LEU n 
1 138 ALA n 
1 139 SER n 
1 140 HIS n 
1 141 LEU n 
1 142 ARG n 
1 143 LYS n 
1 144 LEU n 
1 145 ARG n 
1 146 LYS n 
1 147 ARG n 
1 148 LEU n 
1 149 LEU n 
1 150 ARG n 
1 151 ASP n 
1 152 ALA n 
1 153 ASP n 
1 154 ASP n 
1 155 LEU n 
1 156 GLN n 
1 157 LYS n 
1 158 ARG n 
1 159 LEU n 
1 160 ALA n 
1 161 VAL n 
1 162 TYR n 
1 163 GLN n 
1 164 ALA n 
1 165 GLY n 
# 
_entity_src_gen.entity_id                          1 
_entity_src_gen.pdbx_src_id                        1 
_entity_src_gen.pdbx_alt_source_flag               sample 
_entity_src_gen.pdbx_seq_type                      ? 
_entity_src_gen.pdbx_beg_seq_num                   ? 
_entity_src_gen.pdbx_end_seq_num                   ? 
_entity_src_gen.gene_src_common_name               HUMAN 
_entity_src_gen.gene_src_genus                     ? 
_entity_src_gen.pdbx_gene_src_gene                 ? 
_entity_src_gen.gene_src_species                   ? 
_entity_src_gen.gene_src_strain                    ? 
_entity_src_gen.gene_src_tissue                    ? 
_entity_src_gen.gene_src_tissue_fraction           ? 
_entity_src_gen.gene_src_details                   ? 
_entity_src_gen.pdbx_gene_src_fragment             ? 
_entity_src_gen.pdbx_gene_src_scientific_name      'HOMO SAPIENS' 
_entity_src_gen.pdbx_gene_src_ncbi_taxonomy_id     9606 
_entity_src_gen.pdbx_gene_src_variant              ? 
_entity_src_gen.pdbx_gene_src_cell_line            ? 
_entity_src_gen.pdbx_gene_src_atcc                 ? 
_entity_src_gen.pdbx_gene_src_organ                ? 
_entity_src_gen.pdbx_gene_src_organelle            ? 
_entity_src_gen.pdbx_gene_src_cell                 ? 
_entity_src_gen.pdbx_gene_src_cellular_location    ? 
_entity_src_gen.host_org_common_name               ? 
_entity_src_gen.pdbx_host_org_scientific_name      'ESCHERICHIA COLI' 
_entity_src_gen.pdbx_host_org_ncbi_taxonomy_id     511693 
_entity_src_gen.host_org_genus                     ? 
_entity_src_gen.pdbx_host_org_gene                 ? 
_entity_src_gen.pdbx_host_org_organ                ? 
_entity_src_gen.host_org_species                   ? 
_entity_src_gen.pdbx_host_org_tissue               ? 
_entity_src_gen.pdbx_host_org_tissue_fraction      ? 
_entity_src_gen.pdbx_host_org_strain               BL21 
_entity_src_gen.pdbx_host_org_variant              ? 
_entity_src_gen.pdbx_host_org_cell_line            ? 
_entity_src_gen.pdbx_host_org_atcc                 ? 
_entity_src_gen.pdbx_host_org_culture_collection   ? 
_entity_src_gen.pdbx_host_org_cell                 ? 
_entity_src_gen.pdbx_host_org_organelle            ? 
_entity_src_gen.pdbx_host_org_cellular_location    ? 
_entity_src_gen.pdbx_host_org_vector_type          ? 
_entity_src_gen.pdbx_host_org_vector               ? 
_entity_src_gen.host_org_details                   ? 
_entity_src_gen.expression_system_id               ? 
_entity_src_gen.plasmid_name                       ? 
_entity_src_gen.plasmid_details                    ? 
_entity_src_gen.pdbx_description                   
'OBTAINED THROUGH PROTEOLYTIC CLEAVAGE OF FULL LENGTH APOE4 (299 RESIDUES) DURING CRYSTALLIZATION' 
# 
_struct_ref.id                         1 
_struct_ref.db_name                    UNP 
_struct_ref.db_code                    APE_HUMAN 
_struct_ref.entity_id                  1 
_struct_ref.pdbx_seq_one_letter_code   ? 
_struct_ref.pdbx_align_begin           ? 
_struct_ref.pdbx_db_accession          P02649 
_struct_ref.pdbx_db_isoform            ? 
# 
_struct_ref_seq.align_id                      1 
_struct_ref_seq.ref_id                        1 
_struct_ref_seq.pdbx_PDB_id_code              1GS9 
_struct_ref_seq.pdbx_strand_id                A 
_struct_ref_seq.seq_align_beg                 1 
_struct_ref_seq.pdbx_seq_align_beg_ins_code   ? 
_struct_ref_seq.seq_align_end                 165 
_struct_ref_seq.pdbx_seq_align_end_ins_code   ? 
_struct_ref_seq.pdbx_db_accession             P02649 
_struct_ref_seq.db_align_beg                  19 
_struct_ref_seq.pdbx_db_align_beg_ins_code    ? 
_struct_ref_seq.db_align_end                  183 
_struct_ref_seq.pdbx_db_align_end_ins_code    ? 
_struct_ref_seq.pdbx_auth_seq_align_beg       1 
_struct_ref_seq.pdbx_auth_seq_align_end       165 
# 
_struct_ref_seq_dif.align_id                     1 
_struct_ref_seq_dif.pdbx_pdb_id_code             1GS9 
_struct_ref_seq_dif.mon_id                       ARG 
_struct_ref_seq_dif.pdbx_pdb_strand_id           A 
_struct_ref_seq_dif.seq_num                      112 
_struct_ref_seq_dif.pdbx_pdb_ins_code            ? 
_struct_ref_seq_dif.pdbx_seq_db_name             UNP 
_struct_ref_seq_dif.pdbx_seq_db_accession_code   P02649 
_struct_ref_seq_dif.db_mon_id                    CYS 
_struct_ref_seq_dif.pdbx_seq_db_seq_num          130 
_struct_ref_seq_dif.details                      variant 
_struct_ref_seq_dif.pdbx_auth_seq_num            112 
_struct_ref_seq_dif.pdbx_ordinal                 1 
# 
loop_
_chem_comp.id 
_chem_comp.type 
_chem_comp.mon_nstd_flag 
_chem_comp.name 
_chem_comp.pdbx_synonyms 
_chem_comp.formula 
_chem_comp.formula_weight 
ALA 'L-peptide linking' y ALANINE         ? 'C3 H7 N O2'     89.093  
ARG 'L-peptide linking' y ARGININE        ? 'C6 H15 N4 O2 1' 175.209 
ASP 'L-peptide linking' y 'ASPARTIC ACID' ? 'C4 H7 N O4'     133.103 
CYS 'L-peptide linking' y CYSTEINE        ? 'C3 H7 N O2 S'   121.158 
GLN 'L-peptide linking' y GLUTAMINE       ? 'C5 H10 N2 O3'   146.144 
GLU 'L-peptide linking' y 'GLUTAMIC ACID' ? 'C5 H9 N O4'     147.129 
GLY 'peptide linking'   y GLYCINE         ? 'C2 H5 N O2'     75.067  
HIS 'L-peptide linking' y HISTIDINE       ? 'C6 H10 N3 O2 1' 156.162 
HOH non-polymer         . WATER           ? 'H2 O'           18.015  
LEU 'L-peptide linking' y LEUCINE         ? 'C6 H13 N O2'    131.173 
LYS 'L-peptide linking' y LYSINE          ? 'C6 H15 N2 O2 1' 147.195 
MET 'L-peptide linking' y METHIONINE      ? 'C5 H11 N O2 S'  149.211 
PHE 'L-peptide linking' y PHENYLALANINE   ? 'C9 H11 N O2'    165.189 
PRO 'L-peptide linking' y PROLINE         ? 'C5 H9 N O2'     115.130 
SER 'L-peptide linking' y SERINE          ? 'C3 H7 N O3'     105.093 
THR 'L-peptide linking' y THREONINE       ? 'C4 H9 N O3'     119.119 
TRP 'L-peptide linking' y TRYPTOPHAN      ? 'C11 H12 N2 O2'  204.225 
TYR 'L-peptide linking' y TYROSINE        ? 'C9 H11 N O3'    181.189 
VAL 'L-peptide linking' y VALINE          ? 'C5 H11 N O2'    117.146 
# 
_exptl.entry_id          1GS9 
_exptl.method            'X-RAY DIFFRACTION' 
_exptl.crystals_number   1 
# 
_exptl_crystal.id                    1 
_exptl_crystal.density_meas          ? 
_exptl_crystal.density_Matthews      2.56 
_exptl_crystal.density_percent_sol   49.9 
_exptl_crystal.description           ? 
# 
_exptl_crystal_grow.crystal_id      1 
_exptl_crystal_grow.method          ? 
_exptl_crystal_grow.temp            ? 
_exptl_crystal_grow.temp_details    ? 
_exptl_crystal_grow.pH              5.6 
_exptl_crystal_grow.pdbx_pH_range   ? 
_exptl_crystal_grow.pdbx_details    
;50MM NA-CACODYLATE, PH 5.6, 20-25% PEG 400, 1% 2-ME, RT, CRYSTALLIZED FROM FULL LENGTH APOE4 CONSTRUCT (299 RESIDUES). PROTEOLYTIC CLEAVAGE IN CRYSTALLIZATION DROP TO 22K FRAGMENT. NEW, THIRD ORTHOGONAL CRYSTAL FORM OF APOE (ORTHO-3)
;
# 
_diffrn.id                     1 
_diffrn.ambient_temp           125 
_diffrn.ambient_temp_details   ? 
_diffrn.crystal_id             1 
# 
_diffrn_detector.diffrn_id              1 
_diffrn_detector.detector               CCD 
_diffrn_detector.type                   'ADSC CCD' 
_diffrn_detector.pdbx_collection_date   1999-04-15 
_diffrn_detector.details                MIRRORS 
# 
_diffrn_radiation.diffrn_id                        1 
_diffrn_radiation.wavelength_id                    1 
_diffrn_radiation.pdbx_monochromatic_or_laue_m_l   M 
_diffrn_radiation.monochromator                    SI 
_diffrn_radiation.pdbx_diffrn_protocol             'SINGLE WAVELENGTH' 
_diffrn_radiation.pdbx_scattering_type             x-ray 
# 
_diffrn_radiation_wavelength.id           1 
_diffrn_radiation_wavelength.wavelength   1.1000 
_diffrn_radiation_wavelength.wt           1.0 
# 
_diffrn_source.diffrn_id                   1 
_diffrn_source.source                      SYNCHROTRON 
_diffrn_source.type                        'ALS BEAMLINE 5.0.2' 
_diffrn_source.pdbx_synchrotron_site       ALS 
_diffrn_source.pdbx_synchrotron_beamline   5.0.2 
_diffrn_source.pdbx_wavelength             1.1000 
_diffrn_source.pdbx_wavelength_list        ? 
# 
_reflns.pdbx_diffrn_id               1 
_reflns.pdbx_ordinal                 1 
_reflns.entry_id                     1GS9 
_reflns.observed_criterion_sigma_I   . 
_reflns.observed_criterion_sigma_F   ? 
_reflns.d_resolution_low             20.9 
_reflns.d_resolution_high            1.7 
_reflns.number_obs                   20168 
_reflns.number_all                   ? 
_reflns.percent_possible_obs         99.97 
_reflns.pdbx_Rmerge_I_obs            ? 
_reflns.pdbx_Rsym_value              0.035 
_reflns.pdbx_netI_over_sigmaI        12.1 
_reflns.B_iso_Wilson_estimate        ? 
_reflns.pdbx_redundancy              7.7 
# 
_refine.pdbx_refine_id                           'X-RAY DIFFRACTION' 
_refine.entry_id                                 1GS9 
_refine.pdbx_diffrn_id                           1 
_refine.pdbx_TLS_residual_ADP_flag               ? 
_refine.ls_number_reflns_obs                     19116 
_refine.ls_number_reflns_all                     ? 
_refine.pdbx_ls_sigma_I                          ? 
_refine.pdbx_ls_sigma_F                          ? 
_refine.pdbx_data_cutoff_high_absF               ? 
_refine.pdbx_data_cutoff_low_absF                ? 
_refine.pdbx_data_cutoff_high_rms_absF           ? 
_refine.ls_d_res_low                             20.90 
_refine.ls_d_res_high                            1.70 
_refine.ls_percent_reflns_obs                    100.0 
_refine.ls_R_factor_obs                          0.219 
_refine.ls_R_factor_all                          ? 
_refine.ls_R_factor_R_work                       0.218 
_refine.ls_R_factor_R_free                       0.247 
_refine.ls_R_factor_R_free_error                 ? 
_refine.ls_R_factor_R_free_error_details         ? 
_refine.ls_percent_reflns_R_free                 5.200 
_refine.ls_number_reflns_R_free                  1045 
_refine.ls_number_parameters                     ? 
_refine.ls_number_restraints                     ? 
_refine.occupancy_min                            ? 
_refine.occupancy_max                            ? 
_refine.correlation_coeff_Fo_to_Fc               0.947 
_refine.correlation_coeff_Fo_to_Fc_free          0.939 
_refine.B_iso_mean                               30.25 
_refine.aniso_B[1][1]                            -0.40000 
_refine.aniso_B[2][2]                            -1.00000 
_refine.aniso_B[3][3]                            1.40000 
_refine.aniso_B[1][2]                            0.00000 
_refine.aniso_B[1][3]                            0.00000 
_refine.aniso_B[2][3]                            0.00000 
_refine.solvent_model_details                    'BABINET MODEL WITH MASK' 
_refine.solvent_model_param_ksol                 ? 
_refine.solvent_model_param_bsol                 ? 
_refine.pdbx_solvent_vdw_probe_radii             1.40 
_refine.pdbx_solvent_ion_probe_radii             0.80 
_refine.pdbx_solvent_shrinkage_radii             0.80 
_refine.pdbx_ls_cross_valid_method               THROUGHOUT 
_refine.details                                  
;HYDROGENS HAVE BEEN ADDED IN THE RIDING POSITIONS THIS IS THE 4TH KNOWN (3RD ORTHORHOMBIC) CRYSTAL FORM OF APOLIPOPROTEIN E. COMPARE 1BZ4, 1OR2, 1OR3, HIGHEST RESOLUTION E4 VARIANT. RESIDUES 1-21 ARE ABSENT FROM ELECTRON DENSITY AS OBSERVED IN OTHER CRYSTAL FORMS OF APOE. THE C-TERMINAL BECOMES UNDEFINED PAST RESIDUE 165, ALTHOUGH WEA DENSITY INDICATES THAT MORE RESIDUES COULD BE PRESENT. IT IS NOT KNOWN HOW MANY RESIDUES PAST 165 THIS CONSTRUCT CONTAINS AS IT FORMED IN SITU IN THE CRYSTALLIZATION DROPS THROUGH UNKNOWN PROTOLYTICAL CLEAVAGE FROM 299 RESIDUE, FULL LENGTH NAT APOE4. IT IS KNOWN THAT THROMBIN CLEAVAGE LEAVES A 191 RESIDUE 22KD FRAGMENT. RESIDUES IN FLEXIBLE LOOP REGION 84-89 ARE WEAKLY DEFINED AND EXHIBIT HIGH B-FACTORS, AS COMMONLY OBSERVED IN THE OTHER APOE CRYSTAL FORMS. REGION 124- 126 LINKING HELIX 3 AND 4 APPEARS TO HAVE MULTIPLE CONFORMATIONS INCLUDING THE BACKBONE BUT HAS BEEN MODELLED WITH SINGLE CHAIN ONLY.
;
_refine.pdbx_starting_model                      'PDB ENTRY 1BZ4' 
_refine.pdbx_method_to_determine_struct          'MOLECULAR REPLACEMENT' 
_refine.pdbx_isotropic_thermal_model             ? 
_refine.pdbx_stereochemistry_target_values       'MAXIMUM LIKELIHOOD' 
_refine.pdbx_stereochem_target_val_spec_case     ? 
_refine.pdbx_R_Free_selection_details            RANDOM 
_refine.pdbx_overall_ESU_R                       0.124 
_refine.pdbx_overall_ESU_R_Free                  0.117 
_refine.overall_SU_ML                            0.080 
_refine.pdbx_overall_phase_error                 ? 
_refine.overall_SU_B                             2.415 
_refine.overall_SU_R_Cruickshank_DPI             ? 
_refine.pdbx_overall_SU_R_free_Cruickshank_DPI   ? 
_refine.pdbx_overall_SU_R_Blow_DPI               ? 
_refine.pdbx_overall_SU_R_free_Blow_DPI          ? 
# 
_refine_hist.pdbx_refine_id                   'X-RAY DIFFRACTION' 
_refine_hist.cycle_id                         LAST 
_refine_hist.pdbx_number_atoms_protein        1179 
_refine_hist.pdbx_number_atoms_nucleic_acid   0 
_refine_hist.pdbx_number_atoms_ligand         0 
_refine_hist.number_atoms_solvent             223 
_refine_hist.number_atoms_total               1402 
_refine_hist.d_res_high                       1.70 
_refine_hist.d_res_low                        20.90 
# 
loop_
_refine_ls_restr.type 
_refine_ls_restr.dev_ideal 
_refine_ls_restr.dev_ideal_target 
_refine_ls_restr.weight 
_refine_ls_restr.number 
_refine_ls_restr.pdbx_refine_id 
_refine_ls_restr.pdbx_restraint_function 
r_bond_refined_d             0.016  0.021  ? 1222 'X-RAY DIFFRACTION' ? 
r_bond_other_d               ?      ?      ? ?    'X-RAY DIFFRACTION' ? 
r_angle_refined_deg          1.794  1.974  ? 1635 'X-RAY DIFFRACTION' ? 
r_angle_other_deg            ?      ?      ? ?    'X-RAY DIFFRACTION' ? 
r_dihedral_angle_1_deg       4.161  3.000  ? 143  'X-RAY DIFFRACTION' ? 
r_dihedral_angle_2_deg       ?      ?      ? ?    'X-RAY DIFFRACTION' ? 
r_dihedral_angle_3_deg       16.592 15.000 ? 255  'X-RAY DIFFRACTION' ? 
r_dihedral_angle_4_deg       ?      ?      ? ?    'X-RAY DIFFRACTION' ? 
r_chiral_restr               0.117  0.200  ? 178  'X-RAY DIFFRACTION' ? 
r_gen_planes_refined         0.008  0.020  ? 916  'X-RAY DIFFRACTION' ? 
r_gen_planes_other           ?      ?      ? ?    'X-RAY DIFFRACTION' ? 
r_nbd_refined                0.232  0.300  ? 634  'X-RAY DIFFRACTION' ? 
r_nbd_other                  ?      ?      ? ?    'X-RAY DIFFRACTION' ? 
r_nbtor_refined              ?      ?      ? ?    'X-RAY DIFFRACTION' ? 
r_nbtor_other                ?      ?      ? ?    'X-RAY DIFFRACTION' ? 
r_xyhbond_nbd_refined        0.222  0.500  ? 149  'X-RAY DIFFRACTION' ? 
r_xyhbond_nbd_other          ?      ?      ? ?    'X-RAY DIFFRACTION' ? 
r_metal_ion_refined          ?      ?      ? ?    'X-RAY DIFFRACTION' ? 
r_metal_ion_other            ?      ?      ? ?    'X-RAY DIFFRACTION' ? 
r_symmetry_vdw_refined       0.257  0.300  ? 35   'X-RAY DIFFRACTION' ? 
r_symmetry_vdw_other         ?      ?      ? ?    'X-RAY DIFFRACTION' ? 
r_symmetry_hbond_refined     0.232  0.500  ? 32   'X-RAY DIFFRACTION' ? 
r_symmetry_hbond_other       ?      ?      ? ?    'X-RAY DIFFRACTION' ? 
r_symmetry_metal_ion_refined ?      ?      ? ?    'X-RAY DIFFRACTION' ? 
r_symmetry_metal_ion_other   ?      ?      ? ?    'X-RAY DIFFRACTION' ? 
r_mcbond_it                  1.237  2.000  ? 716  'X-RAY DIFFRACTION' ? 
r_mcbond_other               ?      ?      ? ?    'X-RAY DIFFRACTION' ? 
r_mcangle_it                 2.354  3.000  ? 1140 'X-RAY DIFFRACTION' ? 
r_mcangle_other              ?      ?      ? ?    'X-RAY DIFFRACTION' ? 
r_scbond_it                  2.507  3.000  ? 506  'X-RAY DIFFRACTION' ? 
r_scbond_other               ?      ?      ? ?    'X-RAY DIFFRACTION' ? 
r_scangle_it                 4.111  4.000  ? 495  'X-RAY DIFFRACTION' ? 
r_scangle_other              ?      ?      ? ?    'X-RAY DIFFRACTION' ? 
r_long_range_B_refined       ?      ?      ? ?    'X-RAY DIFFRACTION' ? 
r_long_range_B_other         ?      ?      ? ?    'X-RAY DIFFRACTION' ? 
r_rigid_bond_restr           ?      ?      ? ?    'X-RAY DIFFRACTION' ? 
r_sphericity_free            ?      ?      ? ?    'X-RAY DIFFRACTION' ? 
r_sphericity_bonded          ?      ?      ? ?    'X-RAY DIFFRACTION' ? 
# 
_refine_ls_shell.pdbx_refine_id                   'X-RAY DIFFRACTION' 
_refine_ls_shell.pdbx_total_number_of_bins_used   40 
_refine_ls_shell.d_res_high                       1.70 
_refine_ls_shell.d_res_low                        1.72 
_refine_ls_shell.number_reflns_R_work             696 
_refine_ls_shell.R_factor_R_work                  0.3040 
_refine_ls_shell.percent_reflns_obs               ? 
_refine_ls_shell.R_factor_R_free                  0.4290 
_refine_ls_shell.R_factor_R_free_error            ? 
_refine_ls_shell.percent_reflns_R_free            ? 
_refine_ls_shell.number_reflns_R_free             38 
_refine_ls_shell.number_reflns_all                ? 
_refine_ls_shell.R_factor_all                     ? 
# 
_struct.entry_id                  1GS9 
_struct.title                     'Apolipoprotein E4, 22k domain' 
_struct.pdbx_model_details        ? 
_struct.pdbx_CASP_flag            ? 
_struct.pdbx_model_type_details   ? 
# 
_struct_keywords.entry_id        1GS9 
_struct_keywords.pdbx_keywords   'LIPID BINDING PROTEIN' 
_struct_keywords.text            'LIPID TRANSPORT, HEPARIN-BINDING, PLASMA, LIPID BINDING PROTEIN' 
# 
loop_
_struct_asym.id 
_struct_asym.pdbx_blank_PDB_chainid_flag 
_struct_asym.pdbx_modified 
_struct_asym.entity_id 
_struct_asym.details 
A N N 1 ? 
B N N 2 ? 
# 
_struct_biol.id   1 
# 
loop_
_struct_conf.conf_type_id 
_struct_conf.id 
_struct_conf.pdbx_PDB_helix_id 
_struct_conf.beg_label_comp_id 
_struct_conf.beg_label_asym_id 
_struct_conf.beg_label_seq_id 
_struct_conf.pdbx_beg_PDB_ins_code 
_struct_conf.end_label_comp_id 
_struct_conf.end_label_asym_id 
_struct_conf.end_label_seq_id 
_struct_conf.pdbx_end_PDB_ins_code 
_struct_conf.beg_auth_comp_id 
_struct_conf.beg_auth_asym_id 
_struct_conf.beg_auth_seq_id 
_struct_conf.end_auth_comp_id 
_struct_conf.end_auth_asym_id 
_struct_conf.end_auth_seq_id 
_struct_conf.pdbx_PDB_helix_class 
_struct_conf.details 
_struct_conf.pdbx_PDB_helix_length 
HELX_P HELX_P1 1 GLN A 24  ? LEU A 43  ? GLN A 24  LEU A 43  1 ? 20 
HELX_P HELX_P2 2 SER A 44  ? SER A 53  ? SER A 44  SER A 53  1 ? 10 
HELX_P HELX_P3 3 SER A 54  ? GLU A 79  ? SER A 54  GLU A 79  1 ? 26 
HELX_P HELX_P4 4 GLU A 87  ? ALA A 124 ? GLU A 87  ALA A 124 1 ? 38 
HELX_P HELX_P5 5 THR A 130 ? TYR A 162 ? THR A 130 TYR A 162 1 ? 33 
# 
_struct_conf_type.id          HELX_P 
_struct_conf_type.criteria    ? 
_struct_conf_type.reference   ? 
# 
_atom_sites.entry_id                    1GS9 
_atom_sites.fract_transf_matrix[1][1]   -0.01746813 
_atom_sites.fract_transf_matrix[1][2]   -0.01269193 
_atom_sites.fract_transf_matrix[1][3]   -0.00407332 
_atom_sites.fract_transf_matrix[2][1]   0.00921231 
_atom_sites.fract_transf_matrix[2][2]   -0.00808973 
_atom_sites.fract_transf_matrix[2][3]   -0.01429981 
_atom_sites.fract_transf_matrix[3][1]   0.00489136 
_atom_sites.fract_transf_matrix[3][2]   -0.00946118 
_atom_sites.fract_transf_matrix[3][3]   0.00850355 
_atom_sites.fract_transf_vector[1]      0.392771 
_atom_sites.fract_transf_vector[2]      0.791050 
_atom_sites.fract_transf_vector[3]      0.689079 
# 
loop_
_atom_type.symbol 
C 
N 
O 
S 
# 
loop_
_atom_site.group_PDB 
_atom_site.id 
_atom_site.type_symbol 
_atom_site.label_atom_id 
_atom_site.label_alt_id 
_atom_site.label_comp_id 
_atom_site.label_asym_id 
_atom_site.label_entity_id 
_atom_site.label_seq_id 
_atom_site.pdbx_PDB_ins_code 
_atom_site.Cartn_x 
_atom_site.Cartn_y 
_atom_site.Cartn_z 
_atom_site.occupancy 
_atom_site.B_iso_or_equiv 
_atom_site.pdbx_formal_charge 
_atom_site.auth_seq_id 
_atom_site.auth_comp_id 
_atom_site.auth_asym_id 
_atom_site.auth_atom_id 
_atom_site.pdbx_PDB_model_num 
ATOM   1    N N   . SER A 1 22  ? -16.419 -4.325  0.697   1.00 52.17 ? 22   SER A N   1 
ATOM   2    C CA  . SER A 1 22  ? -17.680 -4.232  1.529   1.00 51.80 ? 22   SER A CA  1 
ATOM   3    C C   . SER A 1 22  ? -17.519 -3.470  2.868   1.00 50.25 ? 22   SER A C   1 
ATOM   4    O O   . SER A 1 22  ? -18.393 -3.557  3.753   1.00 51.15 ? 22   SER A O   1 
ATOM   5    C CB  . SER A 1 22  ? -18.344 -5.610  1.738   1.00 52.64 ? 22   SER A CB  1 
ATOM   6    O OG  . SER A 1 22  ? -19.429 -5.808  0.824   1.00 54.52 ? 22   SER A OG  1 
ATOM   7    N N   . GLY A 1 23  ? -16.396 -2.753  3.008   1.00 47.46 ? 23   GLY A N   1 
ATOM   8    C CA  . GLY A 1 23  ? -16.199 -1.797  4.089   1.00 42.34 ? 23   GLY A CA  1 
ATOM   9    C C   . GLY A 1 23  ? -15.521 -2.212  5.378   1.00 38.40 ? 23   GLY A C   1 
ATOM   10   O O   . GLY A 1 23  ? -15.828 -1.645  6.416   1.00 38.73 ? 23   GLY A O   1 
ATOM   11   N N   . GLN A 1 24  ? -14.613 -3.184  5.333   1.00 33.99 ? 24   GLN A N   1 
ATOM   12   C CA  . GLN A 1 24  ? -13.898 -3.558  6.534   1.00 30.45 ? 24   GLN A CA  1 
ATOM   13   C C   . GLN A 1 24  ? -12.947 -2.401  6.958   1.00 27.66 ? 24   GLN A C   1 
ATOM   14   O O   . GLN A 1 24  ? -12.534 -1.533  6.138   1.00 26.78 ? 24   GLN A O   1 
ATOM   15   C CB  . GLN A 1 24  ? -13.048 -4.823  6.340   1.00 30.66 ? 24   GLN A CB  1 
ATOM   16   C CG  . GLN A 1 24  ? -13.771 -6.130  5.977   1.00 32.87 ? 24   GLN A CG  1 
ATOM   17   C CD  . GLN A 1 24  ? -14.996 -6.436  6.878   1.00 33.04 ? 24   GLN A CD  1 
ATOM   18   O OE1 . GLN A 1 24  ? -14.940 -6.380  8.127   1.00 33.31 ? 24   GLN A OE1 1 
ATOM   19   N NE2 . GLN A 1 24  ? -16.101 -6.776  6.224   1.00 36.79 ? 24   GLN A NE2 1 
ATOM   20   N N   . ARG A 1 25  ? -12.561 -2.398  8.226   1.00 24.76 ? 25   ARG A N   1 
ATOM   21   C CA  . ARG A 1 25  ? -11.634 -1.359  8.695   1.00 23.12 ? 25   ARG A CA  1 
ATOM   22   C C   . ARG A 1 25  ? -10.340 -1.293  7.861   1.00 21.72 ? 25   ARG A C   1 
ATOM   23   O O   . ARG A 1 25  ? -9.806  -0.218  7.610   1.00 20.86 ? 25   ARG A O   1 
ATOM   24   C CB  . ARG A 1 25  ? -11.260 -1.614  10.144  1.00 23.11 ? 25   ARG A CB  1 
ATOM   25   C CG  . ARG A 1 25  ? -12.427 -1.511  11.027  1.00 24.12 ? 25   ARG A CG  1 
ATOM   26   C CD  . ARG A 1 25  ? -12.194 -1.942  12.469  1.00 25.30 ? 25   ARG A CD  1 
ATOM   27   N NE  . ARG A 1 25  ? -11.029 -1.326  13.134  1.00 25.82 ? 25   ARG A NE  1 
ATOM   28   C CZ  . ARG A 1 25  ? -11.060 -0.684  14.314  1.00 23.90 ? 25   ARG A CZ  1 
ATOM   29   N NH1 . ARG A 1 25  ? -12.199 -0.536  14.986  1.00 20.81 ? 25   ARG A NH1 1 
ATOM   30   N NH2 . ARG A 1 25  ? -9.935  -0.204  14.827  1.00 22.32 ? 25   ARG A NH2 1 
ATOM   31   N N   . TRP A 1 26  ? -9.786  -2.454  7.506   1.00 20.45 ? 26   TRP A N   1 
ATOM   32   C CA  . TRP A 1 26  ? -8.536  -2.455  6.761   1.00 19.78 ? 26   TRP A CA  1 
ATOM   33   C C   . TRP A 1 26  ? -8.723  -1.870  5.377   1.00 18.31 ? 26   TRP A C   1 
ATOM   34   O O   . TRP A 1 26  ? -7.803  -1.260  4.834   1.00 18.65 ? 26   TRP A O   1 
ATOM   35   C CB  . TRP A 1 26  ? -7.892  -3.856  6.638   1.00 19.80 ? 26   TRP A CB  1 
ATOM   36   C CG  . TRP A 1 26  ? -8.476  -4.780  5.619   1.00 21.97 ? 26   TRP A CG  1 
ATOM   37   C CD1 . TRP A 1 26  ? -9.496  -5.657  5.791   1.00 21.52 ? 26   TRP A CD1 1 
ATOM   38   C CD2 . TRP A 1 26  ? -8.050  -4.925  4.278   1.00 21.15 ? 26   TRP A CD2 1 
ATOM   39   N NE1 . TRP A 1 26  ? -9.758  -6.328  4.626   1.00 21.76 ? 26   TRP A NE1 1 
ATOM   40   C CE2 . TRP A 1 26  ? -8.863  -5.905  3.676   1.00 22.32 ? 26   TRP A CE2 1 
ATOM   41   C CE3 . TRP A 1 26  ? -7.063  -4.312  3.511   1.00 21.67 ? 26   TRP A CE3 1 
ATOM   42   C CZ2 . TRP A 1 26  ? -8.714  -6.279  2.349   1.00 22.57 ? 26   TRP A CZ2 1 
ATOM   43   C CZ3 . TRP A 1 26  ? -6.904  -4.698  2.180   1.00 20.61 ? 26   TRP A CZ3 1 
ATOM   44   C CH2 . TRP A 1 26  ? -7.720  -5.661  1.623   1.00 22.44 ? 26   TRP A CH2 1 
ATOM   45   N N   . GLU A 1 27  ? -9.903  -2.068  4.808   1.00 19.38 ? 27   GLU A N   1 
ATOM   46   C CA  . GLU A 1 27  ? -10.165 -1.553  3.446   1.00 20.46 ? 27   GLU A CA  1 
ATOM   47   C C   . GLU A 1 27  ? -10.298 -0.024  3.497   1.00 20.28 ? 27   GLU A C   1 
ATOM   48   O O   . GLU A 1 27  ? -9.880  0.668   2.545   1.00 20.14 ? 27   GLU A O   1 
ATOM   49   C CB  . GLU A 1 27  ? -11.435 -2.181  2.854   1.00 21.91 ? 27   GLU A CB  1 
ATOM   50   C CG  . GLU A 1 27  ? -11.314 -3.702  2.665   1.00 25.11 ? 27   GLU A CG  1 
ATOM   51   C CD  . GLU A 1 27  ? -12.638 -4.368  2.327   1.00 28.05 ? 27   GLU A CD  1 
ATOM   52   O OE1 . GLU A 1 27  ? -13.692 -3.853  2.671   1.00 32.29 ? 27   GLU A OE1 1 
ATOM   53   O OE2 . GLU A 1 27  ? -12.617 -5.402  1.666   1.00 32.98 ? 27   GLU A OE2 1 
ATOM   54   N N   . LEU A 1 28  ? -10.853 0.491   4.582   1.00 20.62 ? 28   LEU A N   1 
ATOM   55   C CA  . LEU A 1 28  ? -10.985 1.931   4.780   1.00 20.22 ? 28   LEU A CA  1 
ATOM   56   C C   . LEU A 1 28  ? -9.611  2.531   4.955   1.00 19.33 ? 28   LEU A C   1 
ATOM   57   O O   . LEU A 1 28  ? -9.342  3.596   4.406   1.00 18.41 ? 28   LEU A O   1 
ATOM   58   C CB  . LEU A 1 28  ? -11.889 2.275   5.972   1.00 22.08 ? 28   LEU A CB  1 
ATOM   59   C CG  . LEU A 1 28  ? -13.334 1.825   5.744   1.00 25.22 ? 28   LEU A CG  1 
ATOM   60   C CD1 . LEU A 1 28  ? -14.190 1.953   7.022   1.00 27.12 ? 28   LEU A CD1 1 
ATOM   61   C CD2 . LEU A 1 28  ? -13.966 2.556   4.576   1.00 27.50 ? 28   LEU A CD2 1 
ATOM   62   N N   . ALA A 1 29  ? -8.750  1.874   5.739   1.00 18.85 ? 29   ALA A N   1 
ATOM   63   C CA  . ALA A 1 29  ? -7.379  2.359   5.906   1.00 17.47 ? 29   ALA A CA  1 
ATOM   64   C C   . ALA A 1 29  ? -6.651  2.407   4.541   1.00 18.12 ? 29   ALA A C   1 
ATOM   65   O O   . ALA A 1 29  ? -5.970  3.377   4.211   1.00 18.14 ? 29   ALA A O   1 
ATOM   66   C CB  . ALA A 1 29  ? -6.612  1.471   6.936   1.00 17.79 ? 29   ALA A CB  1 
ATOM   67   N N   . LEU A 1 30  ? -6.732  1.327   3.770   1.00 16.43 ? 30   LEU A N   1 
ATOM   68   C CA  . LEU A 1 30  ? -6.109  1.314   2.439   1.00 17.77 ? 30   LEU A CA  1 
ATOM   69   C C   . LEU A 1 30  ? -6.730  2.412   1.584   1.00 16.98 ? 30   LEU A C   1 
ATOM   70   O O   . LEU A 1 30  ? -6.046  3.068   0.795   1.00 17.03 ? 30   LEU A O   1 
ATOM   71   C CB  . LEU A 1 30  ? -6.337  -0.044  1.784   1.00 17.88 ? 30   LEU A CB  1 
ATOM   72   C CG  . LEU A 1 30  ? -5.752  -0.150  0.358   1.00 18.43 ? 30   LEU A CG  1 
ATOM   73   C CD1 . LEU A 1 30  ? -4.291  0.090   0.314   1.00 18.99 ? 30   LEU A CD1 1 
ATOM   74   C CD2 . LEU A 1 30  ? -6.052  -1.553  -0.220  1.00 21.04 ? 30   LEU A CD2 1 
ATOM   75   N N   . GLY A 1 31  ? -8.023  2.633   1.756   1.00 16.34 ? 31   GLY A N   1 
ATOM   76   C CA  . GLY A 1 31  ? -8.701  3.692   1.003   1.00 17.18 ? 31   GLY A CA  1 
ATOM   77   C C   . GLY A 1 31  ? -8.074  5.061   1.289   1.00 17.02 ? 31   GLY A C   1 
ATOM   78   O O   . GLY A 1 31  ? -7.898  5.875   0.358   1.00 17.36 ? 31   GLY A O   1 
ATOM   79   N N   . ARG A 1 32  ? -7.718  5.303   2.552   1.00 16.80 ? 32   ARG A N   1 
ATOM   80   C CA  . ARG A 1 32  ? -7.054  6.571   2.927   1.00 17.02 ? 32   ARG A CA  1 
ATOM   81   C C   . ARG A 1 32  ? -5.706  6.652   2.260   1.00 15.77 ? 32   ARG A C   1 
ATOM   82   O O   . ARG A 1 32  ? -5.318  7.665   1.656   1.00 16.27 ? 32   ARG A O   1 
ATOM   83   C CB  . ARG A 1 32  ? -7.025  6.760   4.425   1.00 18.52 ? 32   ARG A CB  1 
ATOM   84   C CG  . ARG A 1 32  ? -8.434  6.885   5.032   1.00 23.63 ? 32   ARG A CG  1 
ATOM   85   C CD  . ARG A 1 32  ? -8.420  7.201   6.496   1.00 27.24 ? 32   ARG A CD  1 
ATOM   86   N NE  . ARG A 1 32  ? -8.019  6.121   7.366   1.00 31.35 ? 32   ARG A NE  1 
ATOM   87   C CZ  . ARG A 1 32  ? -8.903  5.293   7.938   1.00 34.57 ? 32   ARG A CZ  1 
ATOM   88   N NH1 . ARG A 1 32  ? -10.187 5.453   7.688   1.00 35.41 ? 32   ARG A NH1 1 
ATOM   89   N NH2 . ARG A 1 32  ? -8.458  4.331   8.720   1.00 35.23 ? 32   ARG A NH2 1 
ATOM   90   N N   . PHE A 1 33  ? -4.986  5.518   2.295   1.00 14.74 ? 33   PHE A N   1 
ATOM   91   C CA  . PHE A 1 33  ? -3.698  5.495   1.564   1.00 15.22 ? 33   PHE A CA  1 
ATOM   92   C C   . PHE A 1 33  ? -3.912  5.842   0.086   1.00 15.83 ? 33   PHE A C   1 
ATOM   93   O O   . PHE A 1 33  ? -3.145  6.650   -0.471  1.00 16.89 ? 33   PHE A O   1 
ATOM   94   C CB  . PHE A 1 33  ? -3.104  4.075   1.639   1.00 16.47 ? 33   PHE A CB  1 
ATOM   95   C CG  . PHE A 1 33  ? -1.743  3.918   1.039   1.00 15.99 ? 33   PHE A CG  1 
ATOM   96   C CD1 . PHE A 1 33  ? -1.512  3.626   -0.279  1.00 17.15 ? 33   PHE A CD1 1 
ATOM   97   C CD2 . PHE A 1 33  ? -0.631  4.046   1.883   1.00 16.96 ? 33   PHE A CD2 1 
ATOM   98   C CE1 . PHE A 1 33  ? -0.219  3.490   -0.767  1.00 17.44 ? 33   PHE A CE1 1 
ATOM   99   C CE2 . PHE A 1 33  ? 0.650   3.906   1.411   1.00 17.00 ? 33   PHE A CE2 1 
ATOM   100  C CZ  . PHE A 1 33  ? 0.862   3.631   0.073   1.00 16.30 ? 33   PHE A CZ  1 
ATOM   101  N N   . TRP A 1 34  ? -4.896  5.240   -0.537  1.00 14.77 ? 34   TRP A N   1 
ATOM   102  C CA  . TRP A 1 34  ? -5.168  5.489   -1.966  1.00 15.08 ? 34   TRP A CA  1 
ATOM   103  C C   . TRP A 1 34  ? -5.488  6.981   -2.204  1.00 15.14 ? 34   TRP A C   1 
ATOM   104  O O   . TRP A 1 34  ? -5.082  7.534   -3.228  1.00 17.45 ? 34   TRP A O   1 
ATOM   105  C CB  . TRP A 1 34  ? -6.345  4.688   -2.475  1.00 16.87 ? 34   TRP A CB  1 
ATOM   106  C CG  . TRP A 1 34  ? -6.184  3.238   -2.685  1.00 19.07 ? 34   TRP A CG  1 
ATOM   107  C CD1 . TRP A 1 34  ? -6.954  2.229   -2.208  1.00 19.33 ? 34   TRP A CD1 1 
ATOM   108  C CD2 . TRP A 1 34  ? -5.191  2.624   -3.549  1.00 20.52 ? 34   TRP A CD2 1 
ATOM   109  N NE1 . TRP A 1 34  ? -6.490  1.025   -2.705  1.00 20.76 ? 34   TRP A NE1 1 
ATOM   110  C CE2 . TRP A 1 34  ? -5.411  1.240   -3.530  1.00 21.33 ? 34   TRP A CE2 1 
ATOM   111  C CE3 . TRP A 1 34  ? -4.116  3.129   -4.277  1.00 21.64 ? 34   TRP A CE3 1 
ATOM   112  C CZ2 . TRP A 1 34  ? -4.606  0.325   -4.228  1.00 24.03 ? 34   TRP A CZ2 1 
ATOM   113  C CZ3 . TRP A 1 34  ? -3.323  2.229   -4.968  1.00 23.44 ? 34   TRP A CZ3 1 
ATOM   114  C CH2 . TRP A 1 34  ? -3.565  0.853   -4.933  1.00 23.46 ? 34   TRP A CH2 1 
ATOM   115  N N   . ASP A 1 35  ? -6.266  7.568   -1.321  1.00 15.76 ? 35   ASP A N   1 
ATOM   116  C CA  . ASP A 1 35  ? -6.704  8.936   -1.512  1.00 15.83 ? 35   ASP A CA  1 
ATOM   117  C C   . ASP A 1 35  ? -5.485  9.858   -1.423  1.00 17.05 ? 35   ASP A C   1 
ATOM   118  O O   . ASP A 1 35  ? -5.351  10.800  -2.196  1.00 15.69 ? 35   ASP A O   1 
ATOM   119  C CB  . ASP A 1 35  ? -7.689  9.399   -0.422  1.00 17.36 ? 35   ASP A CB  1 
ATOM   120  C CG  . ASP A 1 35  ? -9.083  8.836   -0.608  1.00 21.01 ? 35   ASP A CG  1 
ATOM   121  O OD1 . ASP A 1 35  ? -9.418  8.439   -1.743  1.00 24.84 ? 35   ASP A OD1 1 
ATOM   122  O OD2 . ASP A 1 35  ? -9.833  8.782   0.357   1.00 24.64 ? 35   ASP A OD2 1 
ATOM   123  N N   . TYR A 1 36  ? -4.602  9.562   -0.484  1.00 16.24 ? 36   TYR A N   1 
ATOM   124  C CA  . TYR A 1 36  ? -3.416  10.409  -0.307  1.00 16.58 ? 36   TYR A CA  1 
ATOM   125  C C   . TYR A 1 36  ? -2.479  10.205  -1.492  1.00 16.98 ? 36   TYR A C   1 
ATOM   126  O O   . TYR A 1 36  ? -1.883  11.150  -2.008  1.00 17.05 ? 36   TYR A O   1 
ATOM   127  C CB  . TYR A 1 36  ? -2.694  10.041  1.030   1.00 17.58 ? 36   TYR A CB  1 
ATOM   128  C CG  . TYR A 1 36  ? -1.669  11.065  1.424   1.00 16.46 ? 36   TYR A CG  1 
ATOM   129  C CD1 . TYR A 1 36  ? -0.327  10.780  1.274   1.00 17.13 ? 36   TYR A CD1 1 
ATOM   130  C CD2 . TYR A 1 36  ? -2.053  12.297  1.954   1.00 18.17 ? 36   TYR A CD2 1 
ATOM   131  C CE1 . TYR A 1 36  ? 0.641   11.688  1.704   1.00 17.98 ? 36   TYR A CE1 1 
ATOM   132  C CE2 . TYR A 1 36  ? -1.088  13.241  2.354   1.00 18.25 ? 36   TYR A CE2 1 
ATOM   133  C CZ  . TYR A 1 36  ? 0.247   12.903  2.188   1.00 19.48 ? 36   TYR A CZ  1 
ATOM   134  O OH  . TYR A 1 36  ? 1.235   13.809  2.566   1.00 21.18 ? 36   TYR A OH  1 
ATOM   135  N N   . LEU A 1 37  ? -2.284  8.965   -1.942  1.00 15.49 ? 37   LEU A N   1 
ATOM   136  C CA  . LEU A 1 37  ? -1.389  8.710   -3.071  1.00 16.52 ? 37   LEU A CA  1 
ATOM   137  C C   . LEU A 1 37  ? -1.917  9.332   -4.322  1.00 17.76 ? 37   LEU A C   1 
ATOM   138  O O   . LEU A 1 37  ? -1.151  9.868   -5.130  1.00 16.89 ? 37   LEU A O   1 
ATOM   139  C CB  . LEU A 1 37  ? -1.225  7.207   -3.296  1.00 17.65 ? 37   LEU A CB  1 
ATOM   140  C CG  . LEU A 1 37  ? -0.450  6.810   -4.543  1.00 19.64 ? 37   LEU A CG  1 
ATOM   141  C CD1 . LEU A 1 37  ? 0.977   7.379   -4.395  1.00 19.34 ? 37   LEU A CD1 1 
ATOM   142  C CD2 . LEU A 1 37  ? -0.386  5.285   -4.634  1.00 21.06 ? 37   LEU A CD2 1 
ATOM   143  N N   . ARG A 1 38  ? -3.243  9.321   -4.483  1.00 17.47 ? 38   ARG A N   1 
ATOM   144  C CA  . ARG A 1 38  ? -3.756  9.914   -5.693  1.00 18.76 ? 38   ARG A CA  1 
ATOM   145  C C   . ARG A 1 38  ? -3.408  11.380  -5.739  1.00 18.06 ? 38   ARG A C   1 
ATOM   146  O O   . ARG A 1 38  ? -3.039  11.907  -6.797  1.00 19.98 ? 38   ARG A O   1 
ATOM   147  C CB  . ARG A 1 38  ? -5.293  9.580   -5.832  1.00 19.80 ? 38   ARG A CB  1 
ATOM   148  C CG  . ARG A 1 38  ? -6.124  10.283  -6.941  1.00 23.43 ? 38   ARG A CG  1 
ATOM   149  C CD  A ARG A 1 38  ? -7.462  9.578   -7.240  0.50 24.58 ? 38   ARG A CD  1 
ATOM   150  C CD  B ARG A 1 38  ? -7.421  9.432   -7.356  0.50 23.09 ? 38   ARG A CD  1 
ATOM   151  N NE  A ARG A 1 38  ? -7.777  8.639   -6.182  0.50 28.48 ? 38   ARG A NE  1 
ATOM   152  N NE  B ARG A 1 38  ? -7.112  8.488   -8.438  0.50 25.41 ? 38   ARG A NE  1 
ATOM   153  C CZ  A ARG A 1 38  ? -7.783  7.339   -6.312  0.50 27.71 ? 38   ARG A CZ  1 
ATOM   154  C CZ  B ARG A 1 38  ? -7.240  7.188   -8.353  0.50 26.58 ? 38   ARG A CZ  1 
ATOM   155  N NH1 A ARG A 1 38  ? -7.523  6.766   -7.488  0.50 30.04 ? 38   ARG A NH1 1 
ATOM   156  N NH1 B ARG A 1 38  ? -7.702  6.625   -7.245  0.50 28.75 ? 38   ARG A NH1 1 
ATOM   157  N NH2 A ARG A 1 38  ? -8.062  6.634   -5.230  0.50 27.26 ? 38   ARG A NH2 1 
ATOM   158  N NH2 B ARG A 1 38  ? -6.863  6.461   -9.381  0.50 27.70 ? 38   ARG A NH2 1 
ATOM   159  N N   . TRP A 1 39  ? -3.493  12.025  -4.584  1.00 16.81 ? 39   TRP A N   1 
ATOM   160  C CA  . TRP A 1 39  ? -3.172  13.443  -4.520  1.00 17.43 ? 39   TRP A CA  1 
ATOM   161  C C   . TRP A 1 39  ? -1.676  13.639  -4.822  1.00 17.14 ? 39   TRP A C   1 
ATOM   162  O O   . TRP A 1 39  ? -1.320  14.461  -5.661  1.00 18.58 ? 39   TRP A O   1 
ATOM   163  C CB  . TRP A 1 39  ? -3.499  14.005  -3.141  1.00 18.39 ? 39   TRP A CB  1 
ATOM   164  C CG  . TRP A 1 39  ? -2.964  15.437  -2.937  1.00 18.79 ? 39   TRP A CG  1 
ATOM   165  C CD1 . TRP A 1 39  ? -3.373  16.580  -3.599  1.00 20.53 ? 39   TRP A CD1 1 
ATOM   166  C CD2 . TRP A 1 39  ? -1.956  15.838  -2.023  1.00 19.04 ? 39   TRP A CD2 1 
ATOM   167  N NE1 . TRP A 1 39  ? -2.651  17.662  -3.145  1.00 19.44 ? 39   TRP A NE1 1 
ATOM   168  C CE2 . TRP A 1 39  ? -1.798  17.231  -2.162  1.00 19.57 ? 39   TRP A CE2 1 
ATOM   169  C CE3 . TRP A 1 39  ? -1.174  15.156  -1.082  1.00 19.67 ? 39   TRP A CE3 1 
ATOM   170  C CZ2 . TRP A 1 39  ? -0.864  17.956  -1.409  1.00 19.77 ? 39   TRP A CZ2 1 
ATOM   171  C CZ3 . TRP A 1 39  ? -0.237  15.874  -0.348  1.00 21.74 ? 39   TRP A CZ3 1 
ATOM   172  C CH2 . TRP A 1 39  ? -0.125  17.251  -0.496  1.00 20.19 ? 39   TRP A CH2 1 
ATOM   173  N N   . VAL A 1 40  ? -0.836  12.822  -4.194  1.00 16.66 ? 40   VAL A N   1 
ATOM   174  C CA  . VAL A 1 40  ? 0.602   12.934  -4.429  1.00 16.78 ? 40   VAL A CA  1 
ATOM   175  C C   . VAL A 1 40  ? 0.845   12.787  -5.895  1.00 18.37 ? 40   VAL A C   1 
ATOM   176  O O   . VAL A 1 40  ? 1.684   13.473  -6.441  1.00 18.48 ? 40   VAL A O   1 
ATOM   177  C CB  . VAL A 1 40  ? 1.366   11.808  -3.688  1.00 16.78 ? 40   VAL A CB  1 
ATOM   178  C CG1 . VAL A 1 40  ? 2.849   11.767  -4.207  1.00 17.49 ? 40   VAL A CG1 1 
ATOM   179  C CG2 . VAL A 1 40  ? 1.314   12.079  -2.221  1.00 16.10 ? 40   VAL A CG2 1 
ATOM   180  N N   . GLN A 1 41  ? 0.078   11.934  -6.565  1.00 17.11 ? 41   GLN A N   1 
ATOM   181  C CA  . GLN A 1 41  ? 0.361   11.745  -7.974  1.00 18.24 ? 41   GLN A CA  1 
ATOM   182  C C   . GLN A 1 41  ? 0.129   12.932  -8.914  1.00 18.55 ? 41   GLN A C   1 
ATOM   183  O O   . GLN A 1 41  ? 0.647   12.929  -10.061 1.00 19.74 ? 41   GLN A O   1 
ATOM   184  C CB  . GLN A 1 41  ? -0.409  10.485  -8.450  1.00 19.20 ? 41   GLN A CB  1 
ATOM   185  C CG  . GLN A 1 41  ? 0.436   9.290   -8.104  1.00 19.89 ? 41   GLN A CG  1 
ATOM   186  C CD  . GLN A 1 41  ? -0.155  8.034   -8.721  1.00 24.90 ? 41   GLN A CD  1 
ATOM   187  O OE1 . GLN A 1 41  ? 0.134   7.702   -9.892  1.00 25.05 ? 41   GLN A OE1 1 
ATOM   188  N NE2 . GLN A 1 41  ? -1.042  7.408   -7.975  1.00 27.30 ? 41   GLN A NE2 1 
ATOM   189  N N   . THR A 1 42  ? -0.623  13.908  -8.445  1.00 18.89 ? 42   THR A N   1 
ATOM   190  C CA  . THR A 1 42  ? -0.835  15.131  -9.231  1.00 19.10 ? 42   THR A CA  1 
ATOM   191  C C   . THR A 1 42  ? 0.478   15.944  -9.334  1.00 19.31 ? 42   THR A C   1 
ATOM   192  O O   . THR A 1 42  ? 0.644   16.753  -10.257 1.00 19.40 ? 42   THR A O   1 
ATOM   193  C CB  . THR A 1 42  ? -1.928  16.020  -8.657  1.00 18.80 ? 42   THR A CB  1 
ATOM   194  O OG1 . THR A 1 42  ? -1.578  16.525  -7.362  1.00 19.78 ? 42   THR A OG1 1 
ATOM   195  C CG2 . THR A 1 42  ? -3.260  15.244  -8.439  1.00 20.13 ? 42   THR A CG2 1 
ATOM   196  N N   . LEU A 1 43  ? 1.377   15.726  -8.380  1.00 17.90 ? 43   LEU A N   1 
ATOM   197  C CA  . LEU A 1 43  ? 2.688   16.405  -8.374  1.00 19.23 ? 43   LEU A CA  1 
ATOM   198  C C   . LEU A 1 43  ? 2.581   17.926  -8.575  1.00 18.92 ? 43   LEU A C   1 
ATOM   199  O O   . LEU A 1 43  ? 3.386   18.538  -9.293  1.00 17.94 ? 43   LEU A O   1 
ATOM   200  C CB  . LEU A 1 43  ? 3.635   15.799  -9.442  1.00 19.96 ? 43   LEU A CB  1 
ATOM   201  C CG  . LEU A 1 43  ? 4.057   14.331  -9.177  1.00 21.10 ? 43   LEU A CG  1 
ATOM   202  C CD1 . LEU A 1 43  ? 4.788   13.708  -10.383 1.00 20.60 ? 43   LEU A CD1 1 
ATOM   203  C CD2 . LEU A 1 43  ? 4.886   14.152  -7.924  1.00 21.50 ? 43   LEU A CD2 1 
ATOM   204  N N   . SER A 1 44  ? 1.577   18.512  -7.952  1.00 18.26 ? 44   SER A N   1 
ATOM   205  C CA  . SER A 1 44  ? 1.408   19.963  -7.946  1.00 18.74 ? 44   SER A CA  1 
ATOM   206  C C   . SER A 1 44  ? 2.492   20.615  -7.085  1.00 19.14 ? 44   SER A C   1 
ATOM   207  O O   . SER A 1 44  ? 3.242   19.953  -6.390  1.00 17.84 ? 44   SER A O   1 
ATOM   208  C CB  . SER A 1 44  ? 0.057   20.292  -7.306  1.00 18.14 ? 44   SER A CB  1 
ATOM   209  O OG  . SER A 1 44  ? 0.060   20.000  -5.886  1.00 18.44 ? 44   SER A OG  1 
ATOM   210  N N   . GLU A 1 45  ? 2.500   21.935  -7.073  1.00 18.59 ? 45   GLU A N   1 
ATOM   211  C CA  . GLU A 1 45  ? 3.418   22.652  -6.190  1.00 18.74 ? 45   GLU A CA  1 
ATOM   212  C C   . GLU A 1 45  ? 3.171   22.366  -4.702  1.00 18.30 ? 45   GLU A C   1 
ATOM   213  O O   . GLU A 1 45  ? 4.107   22.283  -3.895  1.00 20.57 ? 45   GLU A O   1 
ATOM   214  C CB  . GLU A 1 45  ? 3.381   24.179  -6.527  1.00 18.87 ? 45   GLU A CB  1 
ATOM   215  C CG  . GLU A 1 45  ? 4.196   25.084  -5.576  1.00 21.00 ? 45   GLU A CG  1 
ATOM   216  C CD  . GLU A 1 45  ? 5.699   24.750  -5.450  1.00 21.12 ? 45   GLU A CD  1 
ATOM   217  O OE1 . GLU A 1 45  ? 6.300   24.039  -6.270  1.00 23.02 ? 45   GLU A OE1 1 
ATOM   218  O OE2 . GLU A 1 45  ? 6.294   25.172  -4.450  1.00 25.08 ? 45   GLU A OE2 1 
ATOM   219  N N   . GLN A 1 46  ? 1.908   22.194  -4.311  1.00 18.29 ? 46   GLN A N   1 
ATOM   220  C CA  . GLN A 1 46  ? 1.616   21.839  -2.919  1.00 17.85 ? 46   GLN A CA  1 
ATOM   221  C C   . GLN A 1 46  ? 2.190   20.472  -2.614  1.00 17.99 ? 46   GLN A C   1 
ATOM   222  O O   . GLN A 1 46  ? 2.642   20.221  -1.508  1.00 18.97 ? 46   GLN A O   1 
ATOM   223  C CB  . GLN A 1 46  ? 0.082   21.742  -2.744  1.00 18.73 ? 46   GLN A CB  1 
ATOM   224  C CG  . GLN A 1 46  ? -0.644  23.088  -2.699  1.00 21.08 ? 46   GLN A CG  1 
ATOM   225  C CD  . GLN A 1 46  ? -0.986  23.712  -4.077  1.00 21.94 ? 46   GLN A CD  1 
ATOM   226  O OE1 . GLN A 1 46  ? -0.590  23.210  -5.109  1.00 23.31 ? 46   GLN A OE1 1 
ATOM   227  N NE2 . GLN A 1 46  ? -1.813  24.799  -4.062  1.00 23.31 ? 46   GLN A NE2 1 
ATOM   228  N N   . VAL A 1 47  ? 2.028   19.544  -3.549  1.00 17.00 ? 47   VAL A N   1 
ATOM   229  C CA  . VAL A 1 47  ? 2.596   18.201  -3.323  1.00 18.16 ? 47   VAL A CA  1 
ATOM   230  C C   . VAL A 1 47  ? 4.109   18.308  -3.117  1.00 19.64 ? 47   VAL A C   1 
ATOM   231  O O   . VAL A 1 47  ? 4.700   17.776  -2.155  1.00 20.19 ? 47   VAL A O   1 
ATOM   232  C CB  . VAL A 1 47  ? 2.308   17.291  -4.510  1.00 15.81 ? 47   VAL A CB  1 
ATOM   233  C CG1 . VAL A 1 47  ? 3.084   16.041  -4.413  1.00 16.34 ? 47   VAL A CG1 1 
ATOM   234  C CG2 . VAL A 1 47  ? 0.732   16.969  -4.543  1.00 17.44 ? 47   VAL A CG2 1 
ATOM   235  N N   . GLN A 1 48  ? 4.711   19.016  -4.050  1.00 18.90 ? 48   GLN A N   1 
ATOM   236  C CA  . GLN A 1 48  ? 6.155   19.140  -4.091  1.00 19.27 ? 48   GLN A CA  1 
ATOM   237  C C   . GLN A 1 48  ? 6.685   19.700  -2.792  1.00 20.55 ? 48   GLN A C   1 
ATOM   238  O O   . GLN A 1 48  ? 7.731   19.282  -2.328  1.00 20.57 ? 48   GLN A O   1 
ATOM   239  C CB  A GLN A 1 48  ? 6.555   20.050  -5.259  0.50 18.68 ? 48   GLN A CB  1 
ATOM   240  C CB  B GLN A 1 48  ? 6.601   19.906  -5.357  0.50 19.72 ? 48   GLN A CB  1 
ATOM   241  C CG  A GLN A 1 48  ? 8.051   20.252  -5.411  0.50 17.19 ? 48   GLN A CG  1 
ATOM   242  C CG  B GLN A 1 48  ? 6.284   19.128  -6.657  0.50 20.34 ? 48   GLN A CG  1 
ATOM   243  C CD  A GLN A 1 48  ? 8.711   19.093  -6.143  0.50 18.05 ? 48   GLN A CD  1 
ATOM   244  C CD  B GLN A 1 48  ? 6.672   19.829  -7.956  0.50 21.44 ? 48   GLN A CD  1 
ATOM   245  O OE1 A GLN A 1 48  ? 8.074   18.048  -6.437  0.50 17.47 ? 48   GLN A OE1 1 
ATOM   246  O OE1 B GLN A 1 48  ? 5.837   20.022  -8.867  0.50 19.66 ? 48   GLN A OE1 1 
ATOM   247  N NE2 A GLN A 1 48  ? 9.973   19.274  -6.468  0.50 15.66 ? 48   GLN A NE2 1 
ATOM   248  N NE2 B GLN A 1 48  ? 7.950   20.191  -8.071  0.50 20.32 ? 48   GLN A NE2 1 
ATOM   249  N N   . GLU A 1 49  ? 5.952   20.622  -2.184  1.00 20.21 ? 49   GLU A N   1 
ATOM   250  C CA  . GLU A 1 49  ? 6.305   21.142  -0.885  1.00 22.56 ? 49   GLU A CA  1 
ATOM   251  C C   . GLU A 1 49  ? 6.354   20.029  0.158   1.00 23.48 ? 49   GLU A C   1 
ATOM   252  O O   . GLU A 1 49  ? 7.320   19.917  0.943   1.00 25.55 ? 49   GLU A O   1 
ATOM   253  C CB  . GLU A 1 49  ? 5.307   22.235  -0.480  1.00 24.07 ? 49   GLU A CB  1 
ATOM   254  C CG  . GLU A 1 49  ? 5.338   22.604  0.984   1.00 26.94 ? 49   GLU A CG  1 
ATOM   255  C CD  . GLU A 1 49  ? 6.558   23.460  1.286   1.00 31.46 ? 49   GLU A CD  1 
ATOM   256  O OE1 . GLU A 1 49  ? 6.966   23.592  2.462   1.00 33.89 ? 49   GLU A OE1 1 
ATOM   257  O OE2 . GLU A 1 49  ? 7.163   24.013  0.343   1.00 29.56 ? 49   GLU A OE2 1 
ATOM   258  N N   . GLU A 1 50  ? 5.331   19.177  0.148   1.00 23.46 ? 50   GLU A N   1 
ATOM   259  C CA  . GLU A 1 50  ? 5.241   18.167  1.177   1.00 25.48 ? 50   GLU A CA  1 
ATOM   260  C C   . GLU A 1 50  ? 6.158   17.008  0.902   1.00 23.99 ? 50   GLU A C   1 
ATOM   261  O O   . GLU A 1 50  ? 6.478   16.268  1.811   1.00 25.34 ? 50   GLU A O   1 
ATOM   262  C CB  . GLU A 1 50  ? 3.802   17.715  1.337   1.00 26.86 ? 50   GLU A CB  1 
ATOM   263  C CG  . GLU A 1 50  ? 2.842   18.902  1.359   1.00 32.23 ? 50   GLU A CG  1 
ATOM   264  C CD  . GLU A 1 50  ? 2.462   19.361  2.742   1.00 37.42 ? 50   GLU A CD  1 
ATOM   265  O OE1 . GLU A 1 50  ? 3.082   20.310  3.301   1.00 40.30 ? 50   GLU A OE1 1 
ATOM   266  O OE2 . GLU A 1 50  ? 1.519   18.748  3.274   1.00 40.91 ? 50   GLU A OE2 1 
ATOM   267  N N   . LEU A 1 51  ? 6.519   16.808  -0.363  1.00 22.94 ? 51   LEU A N   1 
ATOM   268  C CA  . LEU A 1 51  ? 7.457   15.757  -0.708  1.00 23.09 ? 51   LEU A CA  1 
ATOM   269  C C   . LEU A 1 51  ? 8.822   16.171  -0.208  1.00 24.80 ? 51   LEU A C   1 
ATOM   270  O O   . LEU A 1 51  ? 9.558   15.351  0.352   1.00 25.84 ? 51   LEU A O   1 
ATOM   271  C CB  . LEU A 1 51  ? 7.515   15.534  -2.220  1.00 23.82 ? 51   LEU A CB  1 
ATOM   272  C CG  . LEU A 1 51  ? 6.484   14.578  -2.811  1.00 25.43 ? 51   LEU A CG  1 
ATOM   273  C CD1 . LEU A 1 51  ? 6.528   14.608  -4.348  1.00 25.22 ? 51   LEU A CD1 1 
ATOM   274  C CD2 . LEU A 1 51  ? 6.831   13.182  -2.312  1.00 26.76 ? 51   LEU A CD2 1 
ATOM   275  N N   . LEU A 1 52  ? 9.164   17.446  -0.431  1.00 24.44 ? 52   LEU A N   1 
ATOM   276  C CA  . LEU A 1 52  ? 10.505  17.921  -0.117  1.00 25.93 ? 52   LEU A CA  1 
ATOM   277  C C   . LEU A 1 52  ? 10.712  17.978  1.376   1.00 27.49 ? 52   LEU A C   1 
ATOM   278  O O   . LEU A 1 52  ? 11.811  17.737  1.874   1.00 29.05 ? 52   LEU A O   1 
ATOM   279  C CB  . LEU A 1 52  ? 10.855  19.233  -0.836  1.00 25.09 ? 52   LEU A CB  1 
ATOM   280  C CG  . LEU A 1 52  ? 11.645  18.925  -2.101  1.00 26.26 ? 52   LEU A CG  1 
ATOM   281  C CD1 . LEU A 1 52  ? 13.046  18.376  -1.782  1.00 25.59 ? 52   LEU A CD1 1 
ATOM   282  C CD2 . LEU A 1 52  ? 10.912  17.886  -2.978  1.00 24.63 ? 52   LEU A CD2 1 
ATOM   283  N N   . SER A 1 53  ? 9.672   18.294  2.115   1.00 28.01 ? 53   SER A N   1 
ATOM   284  C CA  . SER A 1 53  ? 9.775   18.111  3.538   1.00 30.52 ? 53   SER A CA  1 
ATOM   285  C C   . SER A 1 53  ? 9.565   16.584  3.658   1.00 31.89 ? 53   SER A C   1 
ATOM   286  O O   . SER A 1 53  ? 9.329   15.891  2.718   1.00 34.62 ? 53   SER A O   1 
ATOM   287  C CB  . SER A 1 53  ? 8.719   18.935  4.247   1.00 29.78 ? 53   SER A CB  1 
ATOM   288  O OG  . SER A 1 53  ? 7.417   18.396  4.034   1.00 30.66 ? 53   SER A OG  1 
ATOM   289  N N   . SER A 1 54  ? 9.669   15.986  4.784   1.00 34.55 ? 54   SER A N   1 
ATOM   290  C CA  . SER A 1 54  ? 9.431   14.564  4.614   1.00 31.99 ? 54   SER A CA  1 
ATOM   291  C C   . SER A 1 54  ? 7.950   14.249  4.912   1.00 29.36 ? 54   SER A C   1 
ATOM   292  O O   . SER A 1 54  ? 7.596   13.141  5.211   1.00 28.78 ? 54   SER A O   1 
ATOM   293  C CB  . SER A 1 54  ? 10.386  13.787  5.508   1.00 33.11 ? 54   SER A CB  1 
ATOM   294  O OG  . SER A 1 54  ? 10.529  14.459  6.744   1.00 37.12 ? 54   SER A OG  1 
ATOM   295  N N   . GLN A 1 55  ? 7.087   15.250  4.810   1.00 26.16 ? 55   GLN A N   1 
ATOM   296  C CA  . GLN A 1 55  ? 5.724   15.039  5.264   1.00 25.38 ? 55   GLN A CA  1 
ATOM   297  C C   . GLN A 1 55  ? 4.982   13.945  4.486   1.00 22.63 ? 55   GLN A C   1 
ATOM   298  O O   . GLN A 1 55  ? 4.226   13.151  5.056   1.00 21.44 ? 55   GLN A O   1 
ATOM   299  C CB  . GLN A 1 55  ? 4.985   16.369  5.200   1.00 27.27 ? 55   GLN A CB  1 
ATOM   300  C CG  . GLN A 1 55  ? 3.584   16.299  5.687   1.00 32.90 ? 55   GLN A CG  1 
ATOM   301  C CD  . GLN A 1 55  ? 3.106   17.656  6.197   1.00 38.43 ? 55   GLN A CD  1 
ATOM   302  O OE1 . GLN A 1 55  ? 2.093   17.735  6.885   1.00 41.76 ? 55   GLN A OE1 1 
ATOM   303  N NE2 . GLN A 1 55  ? 3.847   18.715  5.878   1.00 40.16 ? 55   GLN A NE2 1 
ATOM   304  N N   . VAL A 1 56  ? 5.142   13.931  3.173   1.00 20.67 ? 56   VAL A N   1 
ATOM   305  C CA  . VAL A 1 56  ? 4.446   12.886  2.383   1.00 19.81 ? 56   VAL A CA  1 
ATOM   306  C C   . VAL A 1 56  ? 4.873   11.474  2.806   1.00 21.16 ? 56   VAL A C   1 
ATOM   307  O O   . VAL A 1 56  ? 4.036   10.577  3.028   1.00 21.61 ? 56   VAL A O   1 
ATOM   308  C CB  . VAL A 1 56  ? 4.676   13.092  0.863   1.00 20.00 ? 56   VAL A CB  1 
ATOM   309  C CG1 . VAL A 1 56  ? 4.449   11.813  0.053   1.00 20.63 ? 56   VAL A CG1 1 
ATOM   310  C CG2 . VAL A 1 56  ? 3.805   14.248  0.373   1.00 21.01 ? 56   VAL A CG2 1 
ATOM   311  N N   . THR A 1 57  ? 6.176   11.269  2.929   1.00 21.24 ? 57   THR A N   1 
ATOM   312  C CA  . THR A 1 57  ? 6.613   9.919   3.238   1.00 21.69 ? 57   THR A CA  1 
ATOM   313  C C   . THR A 1 57  ? 6.256   9.554   4.693   1.00 22.16 ? 57   THR A C   1 
ATOM   314  O O   . THR A 1 57  ? 6.002   8.391   4.978   1.00 21.89 ? 57   THR A O   1 
ATOM   315  C CB  . THR A 1 57  ? 8.082   9.697   2.881   1.00 22.92 ? 57   THR A CB  1 
ATOM   316  O OG1 . THR A 1 57  ? 8.912   10.693  3.495   1.00 23.45 ? 57   THR A OG1 1 
ATOM   317  C CG2 . THR A 1 57  ? 8.301   9.879   1.365   1.00 23.55 ? 57   THR A CG2 1 
ATOM   318  N N   . GLN A 1 58  ? 6.191   10.544  5.583   1.00 20.90 ? 58   GLN A N   1 
ATOM   319  C CA  . GLN A 1 58  ? 5.779   10.263  6.963   1.00 22.16 ? 58   GLN A CA  1 
ATOM   320  C C   . GLN A 1 58  ? 4.304   9.886   7.011   1.00 21.48 ? 58   GLN A C   1 
ATOM   321  O O   . GLN A 1 58  ? 3.902   8.978   7.721   1.00 21.66 ? 58   GLN A O   1 
ATOM   322  C CB  . GLN A 1 58  ? 6.007   11.467  7.882   1.00 24.42 ? 58   GLN A CB  1 
ATOM   323  C CG  . GLN A 1 58  ? 7.465   11.795  8.116   1.00 30.13 ? 58   GLN A CG  1 
ATOM   324  C CD  . GLN A 1 58  ? 7.620   13.052  8.987   1.00 34.32 ? 58   GLN A CD  1 
ATOM   325  O OE1 . GLN A 1 58  ? 7.991   14.127  8.488   1.00 38.10 ? 58   GLN A OE1 1 
ATOM   326  N NE2 . GLN A 1 58  ? 7.306   12.927  10.289  1.00 36.63 ? 58   GLN A NE2 1 
ATOM   327  N N   . GLU A 1 59  ? 3.510   10.622  6.244   1.00 22.01 ? 59   GLU A N   1 
ATOM   328  C CA  . GLU A 1 59  ? 2.089   10.354  6.158   1.00 21.40 ? 59   GLU A CA  1 
ATOM   329  C C   . GLU A 1 59  ? 1.868   8.963   5.558   1.00 20.70 ? 59   GLU A C   1 
ATOM   330  O O   . GLU A 1 59  ? 1.035   8.191   6.087   1.00 21.33 ? 59   GLU A O   1 
ATOM   331  C CB  . GLU A 1 59  ? 1.377   11.434  5.345   1.00 22.42 ? 59   GLU A CB  1 
ATOM   332  C CG  . GLU A 1 59  ? -0.132  11.223  5.338   1.00 28.21 ? 59   GLU A CG  1 
ATOM   333  C CD  . GLU A 1 59  ? -0.775  11.265  6.725   1.00 31.34 ? 59   GLU A CD  1 
ATOM   334  O OE1 . GLU A 1 59  ? -1.863  10.636  6.882   1.00 33.79 ? 59   GLU A OE1 1 
ATOM   335  O OE2 . GLU A 1 59  ? -0.201  11.883  7.668   1.00 31.93 ? 59   GLU A OE2 1 
ATOM   336  N N   . LEU A 1 60  ? 2.569   8.629   4.470   1.00 19.63 ? 60   LEU A N   1 
ATOM   337  C CA  . LEU A 1 60  ? 2.367   7.331   3.825   1.00 20.29 ? 60   LEU A CA  1 
ATOM   338  C C   . LEU A 1 60  ? 2.742   6.205   4.759   1.00 21.04 ? 60   LEU A C   1 
ATOM   339  O O   . LEU A 1 60  ? 2.063   5.204   4.807   1.00 20.18 ? 60   LEU A O   1 
ATOM   340  C CB  . LEU A 1 60  ? 3.148   7.192   2.527   1.00 20.60 ? 60   LEU A CB  1 
ATOM   341  C CG  . LEU A 1 60  ? 2.539   7.972   1.376   1.00 21.50 ? 60   LEU A CG  1 
ATOM   342  C CD1 . LEU A 1 60  ? 3.562   8.054   0.223   1.00 21.78 ? 60   LEU A CD1 1 
ATOM   343  C CD2 . LEU A 1 60  ? 1.275   7.313   0.938   1.00 22.21 ? 60   LEU A CD2 1 
ATOM   344  N N   . ARG A 1 61  ? 3.825   6.385   5.492   1.00 21.46 ? 61   ARG A N   1 
ATOM   345  C CA  . ARG A 1 61  ? 4.187   5.382   6.489   1.00 22.53 ? 61   ARG A CA  1 
ATOM   346  C C   . ARG A 1 61  ? 3.082   5.179   7.541   1.00 20.56 ? 61   ARG A C   1 
ATOM   347  O O   . ARG A 1 61  ? 2.744   4.028   7.833   1.00 20.79 ? 61   ARG A O   1 
ATOM   348  C CB  . ARG A 1 61  ? 5.486   5.787   7.161   1.00 24.68 ? 61   ARG A CB  1 
ATOM   349  C CG  . ARG A 1 61  ? 5.925   4.864   8.253   1.00 29.34 ? 61   ARG A CG  1 
ATOM   350  C CD  . ARG A 1 61  ? 7.039   5.455   9.055   1.00 36.71 ? 61   ARG A CD  1 
ATOM   351  N NE  . ARG A 1 61  ? 7.814   4.489   9.846   1.00 43.62 ? 61   ARG A NE  1 
ATOM   352  C CZ  . ARG A 1 61  ? 8.399   4.788   11.022  1.00 45.93 ? 61   ARG A CZ  1 
ATOM   353  N NH1 . ARG A 1 61  ? 8.264   6.014   11.557  1.00 47.66 ? 61   ARG A NH1 1 
ATOM   354  N NH2 . ARG A 1 61  ? 9.109   3.863   11.663  1.00 47.71 ? 61   ARG A NH2 1 
ATOM   355  N N   . ALA A 1 62  ? 2.489   6.275   8.043   1.00 19.04 ? 62   ALA A N   1 
ATOM   356  C CA  . ALA A 1 62  ? 1.407   6.169   9.043   1.00 18.60 ? 62   ALA A CA  1 
ATOM   357  C C   . ALA A 1 62  ? 0.243   5.399   8.452   1.00 18.69 ? 62   ALA A C   1 
ATOM   358  O O   . ALA A 1 62  ? -0.301  4.499   9.080   1.00 18.67 ? 62   ALA A O   1 
ATOM   359  C CB  . ALA A 1 62  ? 0.942   7.547   9.490   1.00 18.27 ? 62   ALA A CB  1 
ATOM   360  N N   . LEU A 1 63  ? -0.117  5.730   7.203   1.00 17.96 ? 63   LEU A N   1 
ATOM   361  C CA  . LEU A 1 63  ? -1.292  5.109   6.604   1.00 17.59 ? 63   LEU A CA  1 
ATOM   362  C C   . LEU A 1 63  ? -1.058  3.639   6.296   1.00 18.11 ? 63   LEU A C   1 
ATOM   363  O O   . LEU A 1 63  ? -1.955  2.798   6.461   1.00 18.52 ? 63   LEU A O   1 
ATOM   364  C CB  . LEU A 1 63  ? -1.719  5.869   5.328   1.00 17.99 ? 63   LEU A CB  1 
ATOM   365  C CG  . LEU A 1 63  ? -2.259  7.297   5.551   1.00 19.98 ? 63   LEU A CG  1 
ATOM   366  C CD1 . LEU A 1 63  ? -2.360  7.973   4.215   1.00 21.91 ? 63   LEU A CD1 1 
ATOM   367  C CD2 . LEU A 1 63  ? -3.625  7.198   6.161   1.00 23.51 ? 63   LEU A CD2 1 
ATOM   368  N N   . MET A 1 64  ? 0.162   3.333   5.893   1.00 18.18 ? 64   MET A N   1 
ATOM   369  C CA  . MET A 1 64  ? 0.594   1.983   5.612   1.00 19.39 ? 64   MET A CA  1 
ATOM   370  C C   . MET A 1 64  ? 0.516   1.142   6.904   1.00 20.11 ? 64   MET A C   1 
ATOM   371  O O   . MET A 1 64  ? -0.025  0.034   6.933   1.00 20.30 ? 64   MET A O   1 
ATOM   372  C CB  . MET A 1 64  ? 2.027   2.046   5.132   1.00 20.77 ? 64   MET A CB  1 
ATOM   373  C CG  . MET A 1 64  ? 2.675   0.714   4.982   1.00 25.54 ? 64   MET A CG  1 
ATOM   374  S SD  . MET A 1 64  ? 4.330   0.853   4.215   1.00 31.25 ? 64   MET A SD  1 
ATOM   375  C CE  . MET A 1 64  ? 4.358   2.585   3.675   1.00 31.04 ? 64   MET A CE  1 
ATOM   376  N N   . ASP A 1 65  ? 1.081   1.681   7.974   1.00 20.09 ? 65   ASP A N   1 
ATOM   377  C CA  . ASP A 1 65  ? 1.150   0.960   9.248   1.00 20.39 ? 65   ASP A CA  1 
ATOM   378  C C   . ASP A 1 65  ? -0.247  0.674   9.748   1.00 20.22 ? 65   ASP A C   1 
ATOM   379  O O   . ASP A 1 65  ? -0.505  -0.425  10.233  1.00 21.00 ? 65   ASP A O   1 
ATOM   380  C CB  . ASP A 1 65  ? 1.919   1.788   10.289  1.00 22.08 ? 65   ASP A CB  1 
ATOM   381  C CG  . ASP A 1 65  ? 3.437   1.830   10.032  1.00 24.30 ? 65   ASP A CG  1 
ATOM   382  O OD1 . ASP A 1 65  ? 3.968   1.038   9.224   1.00 25.83 ? 65   ASP A OD1 1 
ATOM   383  O OD2 . ASP A 1 65  ? 4.177   2.665   10.636  1.00 27.40 ? 65   ASP A OD2 1 
ATOM   384  N N   . GLU A 1 66  ? -1.155  1.648   9.641   1.00 19.74 ? 66   GLU A N   1 
ATOM   385  C CA  . GLU A 1 66  ? -2.520  1.423   10.048  1.00 19.44 ? 66   GLU A CA  1 
ATOM   386  C C   . GLU A 1 66  ? -3.145  0.313   9.247   1.00 18.97 ? 66   GLU A C   1 
ATOM   387  O O   . GLU A 1 66  ? -3.846  -0.564  9.768   1.00 18.66 ? 66   GLU A O   1 
ATOM   388  C CB  . GLU A 1 66  ? -3.341  2.713   9.935   1.00 21.24 ? 66   GLU A CB  1 
ATOM   389  C CG  . GLU A 1 66  ? -4.781  2.618   10.399  1.00 27.14 ? 66   GLU A CG  1 
ATOM   390  C CD  . GLU A 1 66  ? -5.535  3.926   10.333  1.00 32.49 ? 66   GLU A CD  1 
ATOM   391  O OE1 . GLU A 1 66  ? -4.903  4.963   10.044  1.00 35.33 ? 66   GLU A OE1 1 
ATOM   392  O OE2 . GLU A 1 66  ? -6.765  3.911   10.558  1.00 34.42 ? 66   GLU A OE2 1 
ATOM   393  N N   . THR A 1 67  ? -2.940  0.375   7.923   1.00 17.45 ? 67   THR A N   1 
ATOM   394  C CA  . THR A 1 67  ? -3.566  -0.674  7.089   1.00 16.83 ? 67   THR A CA  1 
ATOM   395  C C   . THR A 1 67  ? -3.117  -2.038  7.563   1.00 17.63 ? 67   THR A C   1 
ATOM   396  O O   . THR A 1 67  ? -3.921  -2.979  7.611   1.00 18.50 ? 67   THR A O   1 
ATOM   397  C CB  . THR A 1 67  ? -3.179  -0.448  5.616   1.00 16.89 ? 67   THR A CB  1 
ATOM   398  O OG1 . THR A 1 67  ? -3.598  0.876   5.231   1.00 17.93 ? 67   THR A OG1 1 
ATOM   399  C CG2 . THR A 1 67  ? -3.831  -1.435  4.675   1.00 16.51 ? 67   THR A CG2 1 
ATOM   400  N N   . MET A 1 68  ? -1.809  -2.187  7.755   1.00 18.39 ? 68   MET A N   1 
ATOM   401  C CA  . MET A 1 68  ? -1.265  -3.526  8.051   1.00 19.80 ? 68   MET A CA  1 
ATOM   402  C C   . MET A 1 68  ? -1.785  -4.026  9.384   1.00 20.50 ? 68   MET A C   1 
ATOM   403  O O   . MET A 1 68  ? -2.181  -5.186  9.545   1.00 21.26 ? 68   MET A O   1 
ATOM   404  C CB  . MET A 1 68  ? 0.256   -3.502  8.018   1.00 19.81 ? 68   MET A CB  1 
ATOM   405  C CG  . MET A 1 68  ? 0.879   -3.156  6.674   1.00 21.03 ? 68   MET A CG  1 
ATOM   406  S SD  . MET A 1 68  ? 0.370   -4.334  5.387   1.00 24.92 ? 68   MET A SD  1 
ATOM   407  C CE  . MET A 1 68  ? 1.214   -5.821  5.912   1.00 24.12 ? 68   MET A CE  1 
ATOM   408  N N   . LYS A 1 69  ? -1.848  -3.073  10.298  1.00 21.22 ? 69   LYS A N   1 
ATOM   409  C CA  . LYS A 1 69  ? -2.327  -3.377  11.660  1.00 21.92 ? 69   LYS A CA  1 
ATOM   410  C C   . LYS A 1 69  ? -3.773  -3.848  11.598  1.00 21.60 ? 69   LYS A C   1 
ATOM   411  O O   . LYS A 1 69  ? -4.139  -4.885  12.207  1.00 21.36 ? 69   LYS A O   1 
ATOM   412  C CB  . LYS A 1 69  ? -2.202  -2.124  12.528  1.00 22.68 ? 69   LYS A CB  1 
ATOM   413  C CG  . LYS A 1 69  ? -2.699  -2.337  13.984  1.00 26.67 ? 69   LYS A CG  1 
ATOM   414  C CD  . LYS A 1 69  ? -3.317  -1.077  14.576  1.00 32.02 ? 69   LYS A CD  1 
ATOM   415  C CE  . LYS A 1 69  ? -2.399  0.088   14.653  1.00 34.81 ? 69   LYS A CE  1 
ATOM   416  N NZ  . LYS A 1 69  ? -3.220  1.335   15.050  1.00 35.99 ? 69   LYS A NZ  1 
ATOM   417  N N   . GLU A 1 70  ? -4.594  -3.139  10.823  1.00 20.24 ? 70   GLU A N   1 
ATOM   418  C CA  . GLU A 1 70  ? -5.995  -3.502  10.731  1.00 20.25 ? 70   GLU A CA  1 
ATOM   419  C C   . GLU A 1 70  ? -6.134  -4.833  9.981   1.00 20.50 ? 70   GLU A C   1 
ATOM   420  O O   . GLU A 1 70  ? -7.026  -5.631  10.279  1.00 21.51 ? 70   GLU A O   1 
ATOM   421  C CB  . GLU A 1 70  ? -6.799  -2.382  10.071  1.00 20.90 ? 70   GLU A CB  1 
ATOM   422  C CG  . GLU A 1 70  ? -6.856  -1.108  10.914  1.00 21.49 ? 70   GLU A CG  1 
ATOM   423  C CD  . GLU A 1 70  ? -7.611  -1.292  12.237  1.00 24.60 ? 70   GLU A CD  1 
ATOM   424  O OE1 . GLU A 1 70  ? -8.440  -2.223  12.344  1.00 23.31 ? 70   GLU A OE1 1 
ATOM   425  O OE2 . GLU A 1 70  ? -7.379  -0.501  13.151  1.00 24.46 ? 70   GLU A OE2 1 
ATOM   426  N N   . LEU A 1 71  ? -5.298  -5.052  8.971   1.00 20.21 ? 71   LEU A N   1 
ATOM   427  C CA  . LEU A 1 71  ? -5.379  -6.277  8.231   1.00 21.49 ? 71   LEU A CA  1 
ATOM   428  C C   . LEU A 1 71  ? -5.093  -7.476  9.127   1.00 21.91 ? 71   LEU A C   1 
ATOM   429  O O   . LEU A 1 71  ? -5.809  -8.483  9.091   1.00 22.32 ? 71   LEU A O   1 
ATOM   430  C CB  . LEU A 1 71  ? -4.387  -6.200  7.060   1.00 22.31 ? 71   LEU A CB  1 
ATOM   431  C CG  . LEU A 1 71  ? -4.347  -7.310  6.070   1.00 24.85 ? 71   LEU A CG  1 
ATOM   432  C CD1 . LEU A 1 71  ? -5.707  -7.570  5.357   1.00 24.74 ? 71   LEU A CD1 1 
ATOM   433  C CD2 . LEU A 1 71  ? -3.288  -6.783  5.048   1.00 24.66 ? 71   LEU A CD2 1 
ATOM   434  N N   . LYS A 1 72  ? -4.079  -7.354  9.961   1.00 22.10 ? 72   LYS A N   1 
ATOM   435  C CA  . LYS A 1 72  ? -3.710  -8.486  10.794  1.00 23.28 ? 72   LYS A CA  1 
ATOM   436  C C   . LYS A 1 72  ? -4.846  -8.768  11.816  1.00 23.26 ? 72   LYS A C   1 
ATOM   437  O O   . LYS A 1 72  ? -5.209  -9.932  12.078  1.00 24.09 ? 72   LYS A O   1 
ATOM   438  C CB  A LYS A 1 72  ? -2.409  -8.176  11.510  0.50 23.63 ? 72   LYS A CB  1 
ATOM   439  C CB  B LYS A 1 72  ? -2.397  -8.163  11.488  0.50 24.64 ? 72   LYS A CB  1 
ATOM   440  C CG  A LYS A 1 72  ? -2.135  -9.000  12.741  0.50 25.06 ? 72   LYS A CG  1 
ATOM   441  C CG  B LYS A 1 72  ? -2.364  -8.377  12.970  0.50 27.92 ? 72   LYS A CG  1 
ATOM   442  C CD  A LYS A 1 72  ? -2.616  -8.262  13.998  0.50 25.40 ? 72   LYS A CD  1 
ATOM   443  C CD  B LYS A 1 72  ? -1.937  -9.781  13.365  0.50 30.58 ? 72   LYS A CD  1 
ATOM   444  C CE  A LYS A 1 72  ? -2.124  -6.809  13.935  0.50 24.92 ? 72   LYS A CE  1 
ATOM   445  C CE  B LYS A 1 72  ? -2.127  -9.964  14.865  0.50 31.92 ? 72   LYS A CE  1 
ATOM   446  N NZ  A LYS A 1 72  ? -2.910  -5.811  14.646  0.50 18.97 ? 72   LYS A NZ  1 
ATOM   447  N NZ  B LYS A 1 72  ? -3.172  -8.982  15.395  0.50 31.69 ? 72   LYS A NZ  1 
ATOM   448  N N   . ALA A 1 73  ? -5.432  -7.697  12.338  1.00 22.39 ? 73   ALA A N   1 
ATOM   449  C CA  . ALA A 1 73  ? -6.505  -7.837  13.320  1.00 21.69 ? 73   ALA A CA  1 
ATOM   450  C C   . ALA A 1 73  ? -7.719  -8.437  12.673  1.00 22.02 ? 73   ALA A C   1 
ATOM   451  O O   . ALA A 1 73  ? -8.414  -9.227  13.269  1.00 22.31 ? 73   ALA A O   1 
ATOM   452  C CB  . ALA A 1 73  ? -6.833  -6.484  13.912  1.00 20.60 ? 73   ALA A CB  1 
ATOM   453  N N   . TYR A 1 74  ? -8.017  -8.056  11.429  1.00 20.47 ? 74   TYR A N   1 
ATOM   454  C CA  . TYR A 1 74  ? -9.159  -8.645  10.741  1.00 20.75 ? 74   TYR A CA  1 
ATOM   455  C C   . TYR A 1 74  ? -8.984  -10.142 10.540  1.00 20.84 ? 74   TYR A C   1 
ATOM   456  O O   . TYR A 1 74  ? -9.926  -10.910 10.732  1.00 22.01 ? 74   TYR A O   1 
ATOM   457  C CB  . TYR A 1 74  ? -9.325  -7.993  9.370   1.00 19.61 ? 74   TYR A CB  1 
ATOM   458  C CG  . TYR A 1 74  ? -10.509 -8.449  8.585   1.00 21.10 ? 74   TYR A CG  1 
ATOM   459  C CD1 . TYR A 1 74  ? -11.773 -8.503  9.161   1.00 23.55 ? 74   TYR A CD1 1 
ATOM   460  C CD2 . TYR A 1 74  ? -10.365 -8.842  7.273   1.00 21.94 ? 74   TYR A CD2 1 
ATOM   461  C CE1 . TYR A 1 74  ? -12.858 -8.890  8.419   1.00 25.34 ? 74   TYR A CE1 1 
ATOM   462  C CE2 . TYR A 1 74  ? -11.434 -9.225  6.534   1.00 23.48 ? 74   TYR A CE2 1 
ATOM   463  C CZ  . TYR A 1 74  ? -12.683 -9.237  7.093   1.00 24.99 ? 74   TYR A CZ  1 
ATOM   464  O OH  . TYR A 1 74  ? -13.764 -9.631  6.307   1.00 25.88 ? 74   TYR A OH  1 
ATOM   465  N N   . LYS A 1 75  ? -7.793  -10.547 10.106  1.00 21.42 ? 75   LYS A N   1 
ATOM   466  C CA  . LYS A 1 75  ? -7.535  -11.965 9.844   1.00 22.59 ? 75   LYS A CA  1 
ATOM   467  C C   . LYS A 1 75  ? -7.736  -12.747 11.134  1.00 22.46 ? 75   LYS A C   1 
ATOM   468  O O   . LYS A 1 75  ? -8.396  -13.768 11.119  1.00 23.80 ? 75   LYS A O   1 
ATOM   469  C CB  . LYS A 1 75  ? -6.131  -12.160 9.320   1.00 23.46 ? 75   LYS A CB  1 
ATOM   470  C CG  . LYS A 1 75  ? -5.691  -13.635 9.135   1.00 27.84 ? 75   LYS A CG  1 
ATOM   471  C CD  . LYS A 1 75  ? -4.168  -13.648 8.853   1.00 31.27 ? 75   LYS A CD  1 
ATOM   472  C CE  . LYS A 1 75  ? -3.757  -14.884 8.103   1.00 34.35 ? 75   LYS A CE  1 
ATOM   473  N NZ  . LYS A 1 75  ? -3.885  -16.093 8.946   1.00 36.36 ? 75   LYS A NZ  1 
ATOM   474  N N   . SER A 1 76  ? -7.271  -12.177 12.228  1.00 22.43 ? 76   SER A N   1 
ATOM   475  C CA  . SER A 1 76  ? -7.393  -12.827 13.545  1.00 22.77 ? 76   SER A CA  1 
ATOM   476  C C   . SER A 1 76  ? -8.865  -13.016 13.918  1.00 23.22 ? 76   SER A C   1 
ATOM   477  O O   . SER A 1 76  ? -9.280  -14.096 14.434  1.00 23.31 ? 76   SER A O   1 
ATOM   478  C CB  . SER A 1 76  ? -6.646  -12.040 14.599  1.00 23.67 ? 76   SER A CB  1 
ATOM   479  O OG  . SER A 1 76  ? -6.729  -12.694 15.853  1.00 27.11 ? 76   SER A OG  1 
ATOM   480  N N   . GLU A 1 77  ? -9.696  -11.995 13.672  1.00 22.55 ? 77   GLU A N   1 
ATOM   481  C CA  . GLU A 1 77  ? -11.115 -12.134 13.962  1.00 21.69 ? 77   GLU A CA  1 
ATOM   482  C C   . GLU A 1 77  ? -11.806 -13.123 13.051  1.00 22.49 ? 77   GLU A C   1 
ATOM   483  O O   . GLU A 1 77  ? -12.725 -13.829 13.489  1.00 22.51 ? 77   GLU A O   1 
ATOM   484  C CB  . GLU A 1 77  ? -11.842 -10.755 13.923  1.00 21.71 ? 77   GLU A CB  1 
ATOM   485  C CG  . GLU A 1 77  ? -11.332 -9.850  15.039  1.00 21.30 ? 77   GLU A CG  1 
ATOM   486  C CD  . GLU A 1 77  ? -12.093 -8.538  15.159  1.00 22.77 ? 77   GLU A CD  1 
ATOM   487  O OE1 . GLU A 1 77  ? -13.224 -8.473  14.727  1.00 21.70 ? 77   GLU A OE1 1 
ATOM   488  O OE2 . GLU A 1 77  ? -11.523 -7.583  15.719  1.00 23.37 ? 77   GLU A OE2 1 
ATOM   489  N N   . LEU A 1 78  ? -11.436 -13.129 11.763  1.00 22.60 ? 78   LEU A N   1 
ATOM   490  C CA  . LEU A 1 78  ? -12.037 -14.069 10.825  1.00 24.58 ? 78   LEU A CA  1 
ATOM   491  C C   . LEU A 1 78  ? -11.810 -15.503 11.315  1.00 25.24 ? 78   LEU A C   1 
ATOM   492  O O   . LEU A 1 78  ? -12.598 -16.376 10.996  1.00 26.67 ? 78   LEU A O   1 
ATOM   493  C CB  . LEU A 1 78  ? -11.419 -13.950 9.421   1.00 25.75 ? 78   LEU A CB  1 
ATOM   494  C CG  . LEU A 1 78  ? -11.872 -12.746 8.608   1.00 28.34 ? 78   LEU A CG  1 
ATOM   495  C CD1 . LEU A 1 78  ? -11.173 -12.764 7.257   1.00 28.87 ? 78   LEU A CD1 1 
ATOM   496  C CD2 . LEU A 1 78  ? -13.373 -12.804 8.447   1.00 29.21 ? 78   LEU A CD2 1 
ATOM   497  N N   . GLU A 1 79  ? -10.699 -15.740 11.979  1.00 26.64 ? 79   GLU A N   1 
ATOM   498  C CA  . GLU A 1 79  ? -10.347 -17.093 12.428  1.00 29.76 ? 79   GLU A CA  1 
ATOM   499  C C   . GLU A 1 79  ? -11.260 -17.574 13.554  1.00 31.12 ? 79   GLU A C   1 
ATOM   500  O O   . GLU A 1 79  ? -11.252 -18.751 13.928  1.00 31.03 ? 79   GLU A O   1 
ATOM   501  C CB  . GLU A 1 79  ? -8.863  -17.164 12.795  1.00 31.41 ? 79   GLU A CB  1 
ATOM   502  C CG  . GLU A 1 79  ? -7.990  -17.088 11.532  1.00 35.01 ? 79   GLU A CG  1 
ATOM   503  C CD  . GLU A 1 79  ? -6.506  -16.958 11.777  1.00 37.68 ? 79   GLU A CD  1 
ATOM   504  O OE1 . GLU A 1 79  ? -6.078  -16.815 12.962  1.00 40.23 ? 79   GLU A OE1 1 
ATOM   505  O OE2 . GLU A 1 79  ? -5.754  -16.995 10.761  1.00 38.89 ? 79   GLU A OE2 1 
ATOM   506  N N   . GLU A 1 80  ? -12.071 -16.659 14.075  1.00 31.83 ? 80   GLU A N   1 
ATOM   507  C CA  . GLU A 1 80  ? -13.042 -17.025 15.101  1.00 33.79 ? 80   GLU A CA  1 
ATOM   508  C C   . GLU A 1 80  ? -14.260 -17.663 14.478  1.00 36.25 ? 80   GLU A C   1 
ATOM   509  O O   . GLU A 1 80  ? -15.048 -18.315 15.161  1.00 37.49 ? 80   GLU A O   1 
ATOM   510  C CB  . GLU A 1 80  ? -13.455 -15.803 15.927  1.00 33.14 ? 80   GLU A CB  1 
ATOM   511  C CG  . GLU A 1 80  ? -12.318 -15.306 16.797  1.00 30.94 ? 80   GLU A CG  1 
ATOM   512  C CD  . GLU A 1 80  ? -11.837 -16.355 17.763  1.00 30.90 ? 80   GLU A CD  1 
ATOM   513  O OE1 . GLU A 1 80  ? -12.699 -17.008 18.356  1.00 30.73 ? 80   GLU A OE1 1 
ATOM   514  O OE2 . GLU A 1 80  ? -10.613 -16.554 17.899  1.00 31.44 ? 80   GLU A OE2 1 
ATOM   515  N N   . GLN A 1 81  ? -14.425 -17.506 13.174  1.00 39.34 ? 81   GLN A N   1 
ATOM   516  C CA  . GLN A 1 81  ? -15.613 -18.051 12.539  1.00 42.51 ? 81   GLN A CA  1 
ATOM   517  C C   . GLN A 1 81  ? -15.317 -18.769 11.223  1.00 44.06 ? 81   GLN A C   1 
ATOM   518  O O   . GLN A 1 81  ? -15.748 -18.339 10.161  1.00 44.06 ? 81   GLN A O   1 
ATOM   519  C CB  . GLN A 1 81  ? -16.640 -16.932 12.362  1.00 43.59 ? 81   GLN A CB  1 
ATOM   520  C CG  . GLN A 1 81  ? -17.023 -16.262 13.710  1.00 46.57 ? 81   GLN A CG  1 
ATOM   521  C CD  . GLN A 1 81  ? -18.052 -15.162 13.549  1.00 48.53 ? 81   GLN A CD  1 
ATOM   522  O OE1 . GLN A 1 81  ? -17.941 -14.328 12.633  1.00 49.64 ? 81   GLN A OE1 1 
ATOM   523  N NE2 . GLN A 1 81  ? -19.064 -15.150 14.433  1.00 49.37 ? 81   GLN A NE2 1 
ATOM   524  N N   . LEU A 1 82  ? -14.583 -19.870 11.295  1.00 46.19 ? 82   LEU A N   1 
ATOM   525  C CA  . LEU A 1 82  ? -14.188 -20.580 10.086  1.00 48.36 ? 82   LEU A CA  1 
ATOM   526  C C   . LEU A 1 82  ? -15.018 -21.809 9.859   1.00 50.61 ? 82   LEU A C   1 
ATOM   527  O O   . LEU A 1 82  ? -15.518 -22.425 10.806  1.00 51.19 ? 82   LEU A O   1 
ATOM   528  C CB  . LEU A 1 82  ? -12.746 -21.069 10.203  1.00 47.99 ? 82   LEU A CB  1 
ATOM   529  C CG  . LEU A 1 82  ? -11.634 -20.059 10.379  1.00 47.70 ? 82   LEU A CG  1 
ATOM   530  C CD1 . LEU A 1 82  ? -10.330 -20.804 10.589  1.00 47.46 ? 82   LEU A CD1 1 
ATOM   531  C CD2 . LEU A 1 82  ? -11.595 -19.157 9.164   1.00 46.92 ? 82   LEU A CD2 1 
ATOM   532  N N   . THR A 1 83  ? -15.157 -22.171 8.596   1.00 53.09 ? 83   THR A N   1 
ATOM   533  C CA  . THR A 1 83  ? -15.716 -23.464 8.264   1.00 55.77 ? 83   THR A CA  1 
ATOM   534  C C   . THR A 1 83  ? -14.556 -24.452 8.468   1.00 57.64 ? 83   THR A C   1 
ATOM   535  O O   . THR A 1 83  ? -13.438 -24.224 7.991   1.00 57.64 ? 83   THR A O   1 
ATOM   536  C CB  . THR A 1 83  ? -16.214 -23.472 6.819   1.00 55.76 ? 83   THR A CB  1 
ATOM   537  O OG1 . THR A 1 83  ? -17.336 -22.589 6.700   1.00 55.96 ? 83   THR A OG1 1 
ATOM   538  C CG2 . THR A 1 83  ? -16.803 -24.831 6.461   1.00 56.72 ? 83   THR A CG2 1 
ATOM   539  N N   . PRO A 1 84  ? -14.807 -25.536 9.196   1.00 59.45 ? 84   PRO A N   1 
ATOM   540  C CA  . PRO A 1 84  ? -13.754 -26.505 9.501   1.00 60.91 ? 84   PRO A CA  1 
ATOM   541  C C   . PRO A 1 84  ? -13.516 -27.346 8.263   1.00 62.41 ? 84   PRO A C   1 
ATOM   542  O O   . PRO A 1 84  ? -14.378 -28.127 7.851   1.00 62.82 ? 84   PRO A O   1 
ATOM   543  C CB  . PRO A 1 84  ? -14.358 -27.345 10.625  1.00 60.86 ? 84   PRO A CB  1 
ATOM   544  C CG  . PRO A 1 84  ? -15.687 -26.693 10.953  1.00 60.49 ? 84   PRO A CG  1 
ATOM   545  C CD  . PRO A 1 84  ? -16.109 -25.940 9.741   1.00 59.76 ? 84   PRO A CD  1 
ATOM   546  N N   . VAL A 1 85  ? -12.374 -27.129 7.628   1.00 63.85 ? 85   VAL A N   1 
ATOM   547  C CA  . VAL A 1 85  ? -11.996 -27.939 6.478   1.00 65.27 ? 85   VAL A CA  1 
ATOM   548  C C   . VAL A 1 85  ? -10.842 -28.847 6.909   1.00 66.19 ? 85   VAL A C   1 
ATOM   549  O O   . VAL A 1 85  ? -10.414 -28.799 8.071   1.00 66.33 ? 85   VAL A O   1 
ATOM   550  C CB  . VAL A 1 85  ? -11.744 -27.109 5.188   1.00 65.37 ? 85   VAL A CB  1 
ATOM   551  C CG1 . VAL A 1 85  ? -13.066 -26.513 4.697   1.00 65.24 ? 85   VAL A CG1 1 
ATOM   552  C CG2 . VAL A 1 85  ? -10.719 -26.013 5.425   1.00 65.23 ? 85   VAL A CG2 1 
ATOM   553  N N   . ALA A 1 86  ? -10.351 -29.665 5.984   1.00 67.32 ? 86   ALA A N   1 
ATOM   554  C CA  . ALA A 1 86  ? -9.436  -30.776 6.313   1.00 68.51 ? 86   ALA A CA  1 
ATOM   555  C C   . ALA A 1 86  ? -8.296  -30.481 7.294   1.00 69.17 ? 86   ALA A C   1 
ATOM   556  O O   . ALA A 1 86  ? -8.036  -31.258 8.222   1.00 69.78 ? 86   ALA A O   1 
ATOM   557  C CB  . ALA A 1 86  ? -8.905  -31.428 5.032   1.00 68.34 ? 86   ALA A CB  1 
ATOM   558  N N   . GLU A 1 87  ? -7.604  -29.380 7.030   1.00 69.60 ? 87   GLU A N   1 
ATOM   559  C CA  . GLU A 1 87  ? -6.648  -28.754 7.950   1.00 69.94 ? 87   GLU A CA  1 
ATOM   560  C C   . GLU A 1 87  ? -5.337  -28.530 7.240   1.00 69.37 ? 87   GLU A C   1 
ATOM   561  O O   . GLU A 1 87  ? -4.591  -27.605 7.557   1.00 69.28 ? 87   GLU A O   1 
ATOM   562  C CB  . GLU A 1 87  ? -6.516  -29.451 9.315   1.00 70.66 ? 87   GLU A CB  1 
ATOM   563  C CG  . GLU A 1 87  ? -5.666  -28.667 10.319  1.00 72.32 ? 87   GLU A CG  1 
ATOM   564  C CD  . GLU A 1 87  ? -4.381  -29.391 10.676  1.00 73.38 ? 87   GLU A CD  1 
ATOM   565  O OE1 . GLU A 1 87  ? -4.068  -29.495 11.885  1.00 74.09 ? 87   GLU A OE1 1 
ATOM   566  O OE2 . GLU A 1 87  ? -3.698  -29.879 9.751   1.00 73.89 ? 87   GLU A OE2 1 
ATOM   567  N N   . GLU A 1 88  ? -5.120  -29.365 6.230   1.00 68.79 ? 88   GLU A N   1 
ATOM   568  C CA  . GLU A 1 88  ? -3.961  -29.320 5.365   1.00 68.16 ? 88   GLU A CA  1 
ATOM   569  C C   . GLU A 1 88  ? -4.285  -28.103 4.511   1.00 66.72 ? 88   GLU A C   1 
ATOM   570  O O   . GLU A 1 88  ? -3.593  -27.089 4.569   1.00 66.86 ? 88   GLU A O   1 
ATOM   571  C CB  . GLU A 1 88  ? -3.903  -30.635 4.581   1.00 69.14 ? 88   GLU A CB  1 
ATOM   572  C CG  . GLU A 1 88  ? -2.727  -30.849 3.631   1.00 71.30 ? 88   GLU A CG  1 
ATOM   573  C CD  . GLU A 1 88  ? -1.348  -30.422 4.161   1.00 72.75 ? 88   GLU A CD  1 
ATOM   574  O OE1 . GLU A 1 88  ? -1.059  -30.488 5.383   1.00 73.47 ? 88   GLU A OE1 1 
ATOM   575  O OE2 . GLU A 1 88  ? -0.515  -30.020 3.318   1.00 73.33 ? 88   GLU A OE2 1 
ATOM   576  N N   . THR A 1 89  ? -5.374  -28.193 3.762   1.00 64.58 ? 89   THR A N   1 
ATOM   577  C CA  . THR A 1 89  ? -5.977  -27.020 3.138   1.00 62.77 ? 89   THR A CA  1 
ATOM   578  C C   . THR A 1 89  ? -5.936  -25.746 4.008   1.00 61.19 ? 89   THR A C   1 
ATOM   579  O O   . THR A 1 89  ? -5.673  -24.653 3.511   1.00 60.89 ? 89   THR A O   1 
ATOM   580  C CB  . THR A 1 89  ? -7.473  -27.301 2.917   1.00 62.79 ? 89   THR A CB  1 
ATOM   581  O OG1 . THR A 1 89  ? -7.650  -28.624 2.410   1.00 63.12 ? 89   THR A OG1 1 
ATOM   582  C CG2 . THR A 1 89  ? -8.056  -26.407 1.831   1.00 62.74 ? 89   THR A CG2 1 
ATOM   583  N N   . ARG A 1 90  ? -6.238  -25.887 5.298   1.00 59.17 ? 90   ARG A N   1 
ATOM   584  C CA  . ARG A 1 90  ? -6.386  -24.726 6.179   1.00 57.17 ? 90   ARG A CA  1 
ATOM   585  C C   . ARG A 1 90  ? -5.061  -24.032 6.430   1.00 55.58 ? 90   ARG A C   1 
ATOM   586  O O   . ARG A 1 90  ? -4.947  -22.801 6.325   1.00 55.10 ? 90   ARG A O   1 
ATOM   587  C CB  . ARG A 1 90  ? -7.054  -25.134 7.498   1.00 57.20 ? 90   ARG A CB  1 
ATOM   588  C CG  . ARG A 1 90  ? -7.267  -24.004 8.510   1.00 57.27 ? 90   ARG A CG  1 
ATOM   589  C CD  . ARG A 1 90  ? -8.060  -22.779 7.998   1.00 57.07 ? 90   ARG A CD  1 
ATOM   590  N NE  . ARG A 1 90  ? -9.500  -22.998 7.804   1.00 56.32 ? 90   ARG A NE  1 
ATOM   591  C CZ  . ARG A 1 90  ? -10.294 -22.190 7.085   1.00 56.30 ? 90   ARG A CZ  1 
ATOM   592  N NH1 . ARG A 1 90  ? -11.597 -22.445 6.949   1.00 55.43 ? 90   ARG A NH1 1 
ATOM   593  N NH2 . ARG A 1 90  ? -9.786  -21.110 6.503   1.00 56.44 ? 90   ARG A NH2 1 
ATOM   594  N N   . ALA A 1 91  ? -4.063  -24.835 6.762   1.00 53.77 ? 91   ALA A N   1 
ATOM   595  C CA  . ALA A 1 91  ? -2.714  -24.326 6.939   1.00 52.16 ? 91   ALA A CA  1 
ATOM   596  C C   . ALA A 1 91  ? -2.259  -23.656 5.648   1.00 50.84 ? 91   ALA A C   1 
ATOM   597  O O   . ALA A 1 91  ? -1.514  -22.683 5.690   1.00 50.49 ? 91   ALA A O   1 
ATOM   598  C CB  . ALA A 1 91  ? -1.756  -25.457 7.317   1.00 51.89 ? 91   ALA A CB  1 
ATOM   599  N N   . ARG A 1 92  ? -2.705  -24.162 4.501   1.00 49.15 ? 92   ARG A N   1 
ATOM   600  C CA  . ARG A 1 92  ? -2.248  -23.558 3.260   1.00 48.25 ? 92   ARG A CA  1 
ATOM   601  C C   . ARG A 1 92  ? -3.007  -22.266 2.951   1.00 46.31 ? 92   ARG A C   1 
ATOM   602  O O   . ARG A 1 92  ? -2.409  -21.279 2.511   1.00 45.91 ? 92   ARG A O   1 
ATOM   603  C CB  . ARG A 1 92  ? -2.203  -24.547 2.090   1.00 49.25 ? 92   ARG A CB  1 
ATOM   604  C CG  . ARG A 1 92  ? -3.414  -24.639 1.208   1.00 51.96 ? 92   ARG A CG  1 
ATOM   605  C CD  . ARG A 1 92  ? -3.160  -25.488 -0.047  1.00 54.49 ? 92   ARG A CD  1 
ATOM   606  N NE  . ARG A 1 92  ? -4.043  -25.117 -1.151  1.00 56.51 ? 92   ARG A NE  1 
ATOM   607  C CZ  . ARG A 1 92  ? -3.628  -24.814 -2.386  1.00 57.70 ? 92   ARG A CZ  1 
ATOM   608  N NH1 . ARG A 1 92  ? -4.514  -24.486 -3.319  1.00 57.98 ? 92   ARG A NH1 1 
ATOM   609  N NH2 . ARG A 1 92  ? -2.331  -24.840 -2.699  1.00 58.07 ? 92   ARG A NH2 1 
ATOM   610  N N   . LEU A 1 93  ? -4.304  -22.251 3.226   1.00 43.97 ? 93   LEU A N   1 
ATOM   611  C CA  . LEU A 1 93  ? -5.048  -21.029 3.011   1.00 42.00 ? 93   LEU A CA  1 
ATOM   612  C C   . LEU A 1 93  ? -4.484  -19.949 3.919   1.00 40.34 ? 93   LEU A C   1 
ATOM   613  O O   . LEU A 1 93  ? -4.422  -18.779 3.523   1.00 38.93 ? 93   LEU A O   1 
ATOM   614  C CB  . LEU A 1 93  ? -6.538  -21.222 3.256   1.00 42.38 ? 93   LEU A CB  1 
ATOM   615  C CG  . LEU A 1 93  ? -7.278  -22.075 2.222   1.00 42.96 ? 93   LEU A CG  1 
ATOM   616  C CD1 . LEU A 1 93  ? -8.771  -22.063 2.549   1.00 43.46 ? 93   LEU A CD1 1 
ATOM   617  C CD2 . LEU A 1 93  ? -7.022  -21.622 0.773   1.00 43.58 ? 93   LEU A CD2 1 
ATOM   618  N N   . SER A 1 94  ? -4.065  -20.332 5.123   1.00 37.99 ? 94   SER A N   1 
ATOM   619  C CA  . SER A 1 94  ? -3.510  -19.366 6.056   1.00 37.36 ? 94   SER A CA  1 
ATOM   620  C C   . SER A 1 94  ? -2.161  -18.835 5.560   1.00 37.25 ? 94   SER A C   1 
ATOM   621  O O   . SER A 1 94  ? -1.865  -17.647 5.682   1.00 37.32 ? 94   SER A O   1 
ATOM   622  C CB  . SER A 1 94  ? -3.365  -19.956 7.450   1.00 36.89 ? 94   SER A CB  1 
ATOM   623  O OG  . SER A 1 94  ? -2.871  -18.992 8.377   1.00 35.88 ? 94   SER A OG  1 
ATOM   624  N N   . LYS A 1 95  ? -1.338  -19.718 5.025   1.00 37.16 ? 95   LYS A N   1 
ATOM   625  C CA  . LYS A 1 95  ? -0.036  -19.303 4.490   1.00 37.78 ? 95   LYS A CA  1 
ATOM   626  C C   . LYS A 1 95  ? -0.190  -18.383 3.281   1.00 36.61 ? 95   LYS A C   1 
ATOM   627  O O   . LYS A 1 95  ? 0.519   -17.384 3.148   1.00 36.42 ? 95   LYS A O   1 
ATOM   628  C CB  . LYS A 1 95  ? 0.813   -20.536 4.096   1.00 39.41 ? 95   LYS A CB  1 
ATOM   629  C CG  . LYS A 1 95  ? 2.326   -20.254 4.183   1.00 43.05 ? 95   LYS A CG  1 
ATOM   630  C CD  . LYS A 1 95  ? 3.195   -21.272 3.439   1.00 45.14 ? 95   LYS A CD  1 
ATOM   631  C CE  . LYS A 1 95  ? 4.667   -20.837 3.488   1.00 45.85 ? 95   LYS A CE  1 
ATOM   632  N NZ  . LYS A 1 95  ? 5.552   -21.736 2.756   1.00 46.63 ? 95   LYS A NZ  1 
ATOM   633  N N   . GLU A 1 96  ? -1.119  -18.734 2.409   1.00 34.82 ? 96   GLU A N   1 
ATOM   634  C CA  . GLU A 1 96  ? -1.363  -17.961 1.213   1.00 34.65 ? 96   GLU A CA  1 
ATOM   635  C C   . GLU A 1 96  ? -1.880  -16.573 1.599   1.00 33.63 ? 96   GLU A C   1 
ATOM   636  O O   . GLU A 1 96  ? -1.560  -15.585 0.952   1.00 32.92 ? 96   GLU A O   1 
ATOM   637  C CB  . GLU A 1 96  ? -2.389  -18.678 0.346   1.00 35.58 ? 96   GLU A CB  1 
ATOM   638  C CG  . GLU A 1 96  ? -1.842  -19.999 -0.204  1.00 38.15 ? 96   GLU A CG  1 
ATOM   639  C CD  . GLU A 1 96  ? -2.797  -20.691 -1.147  1.00 40.53 ? 96   GLU A CD  1 
ATOM   640  O OE1 . GLU A 1 96  ? -4.018  -20.398 -1.101  1.00 41.78 ? 96   GLU A OE1 1 
ATOM   641  O OE2 . GLU A 1 96  ? -2.331  -21.567 -1.936  1.00 42.82 ? 96   GLU A OE2 1 
ATOM   642  N N   . LEU A 1 97  ? -2.672  -16.506 2.661   1.00 31.87 ? 97   LEU A N   1 
ATOM   643  C CA  . LEU A 1 97  ? -3.215  -15.221 3.095   1.00 32.21 ? 97   LEU A CA  1 
ATOM   644  C C   . LEU A 1 97  ? -2.094  -14.379 3.667   1.00 31.93 ? 97   LEU A C   1 
ATOM   645  O O   . LEU A 1 97  ? -2.013  -13.162 3.457   1.00 31.38 ? 97   LEU A O   1 
ATOM   646  C CB  . LEU A 1 97  ? -4.270  -15.440 4.177   1.00 31.50 ? 97   LEU A CB  1 
ATOM   647  C CG  . LEU A 1 97  ? -5.076  -14.213 4.528   1.00 32.40 ? 97   LEU A CG  1 
ATOM   648  C CD1 . LEU A 1 97  ? -5.622  -13.601 3.223   1.00 32.30 ? 97   LEU A CD1 1 
ATOM   649  C CD2 . LEU A 1 97  ? -6.220  -14.620 5.465   1.00 32.47 ? 97   LEU A CD2 1 
ATOM   650  N N   . GLN A 1 98  ? -1.222  -15.026 4.404   1.00 31.87 ? 98   GLN A N   1 
ATOM   651  C CA  . GLN A 1 98  ? -0.105  -14.341 4.992   1.00 33.18 ? 98   GLN A CA  1 
ATOM   652  C C   . GLN A 1 98  ? 0.778   -13.748 3.885   1.00 32.18 ? 98   GLN A C   1 
ATOM   653  O O   . GLN A 1 98  ? 1.294   -12.638 4.014   1.00 32.00 ? 98   GLN A O   1 
ATOM   654  C CB  . GLN A 1 98  ? 0.714   -15.321 5.820   1.00 35.25 ? 98   GLN A CB  1 
ATOM   655  C CG  . GLN A 1 98  ? 1.719   -14.667 6.736   1.00 40.99 ? 98   GLN A CG  1 
ATOM   656  C CD  . GLN A 1 98  ? 1.567   -15.165 8.165   1.00 45.79 ? 98   GLN A CD  1 
ATOM   657  O OE1 . GLN A 1 98  ? 1.864   -14.432 9.119   1.00 49.56 ? 98   GLN A OE1 1 
ATOM   658  N NE2 . GLN A 1 98  ? 1.074   -16.396 8.324   1.00 47.16 ? 98   GLN A NE2 1 
ATOM   659  N N   . ALA A 1 99  ? 0.946   -14.516 2.820   1.00 30.73 ? 99   ALA A N   1 
ATOM   660  C CA  . ALA A 1 99  ? 1.791   -14.084 1.723   1.00 29.76 ? 99   ALA A CA  1 
ATOM   661  C C   . ALA A 1 99  ? 1.162   -12.874 1.080   1.00 27.53 ? 99   ALA A C   1 
ATOM   662  O O   . ALA A 1 99  ? 1.896   -11.954 0.653   1.00 27.57 ? 99   ALA A O   1 
ATOM   663  C CB  . ALA A 1 99  ? 1.935   -15.174 0.680   1.00 29.39 ? 99   ALA A CB  1 
ATOM   664  N N   . ALA A 1 100 ? -0.160  -12.924 0.937   1.00 26.24 ? 100  ALA A N   1 
ATOM   665  C CA  . ALA A 1 100 ? -0.899  -11.840 0.306   1.00 25.02 ? 100  ALA A CA  1 
ATOM   666  C C   . ALA A 1 100 ? -0.776  -10.576 1.157   1.00 25.45 ? 100  ALA A C   1 
ATOM   667  O O   . ALA A 1 100 ? -0.620  -9.460  0.620   1.00 24.47 ? 100  ALA A O   1 
ATOM   668  C CB  . ALA A 1 100 ? -2.348  -12.207 0.066   1.00 24.48 ? 100  ALA A CB  1 
ATOM   669  N N   . GLN A 1 101 ? -0.837  -10.731 2.483   1.00 24.39 ? 101  GLN A N   1 
ATOM   670  C CA  . GLN A 1 101 ? -0.708  -9.561  3.343   1.00 24.35 ? 101  GLN A CA  1 
ATOM   671  C C   . GLN A 1 101 ? 0.665   -8.950  3.197   1.00 24.41 ? 101  GLN A C   1 
ATOM   672  O O   . GLN A 1 101 ? 0.837   -7.719  3.077   1.00 23.88 ? 101  GLN A O   1 
ATOM   673  C CB  . GLN A 1 101 ? -0.918  -9.923  4.814   1.00 26.02 ? 101  GLN A CB  1 
ATOM   674  C CG  . GLN A 1 101 ? -2.285  -10.366 5.148   1.00 28.39 ? 101  GLN A CG  1 
ATOM   675  C CD  . GLN A 1 101 ? -2.296  -10.932 6.574   1.00 32.57 ? 101  GLN A CD  1 
ATOM   676  O OE1 . GLN A 1 101 ? -2.296  -12.158 6.755   1.00 36.26 ? 101  GLN A OE1 1 
ATOM   677  N NE2 . GLN A 1 101 ? -2.182  -10.062 7.561   1.00 32.34 ? 101  GLN A NE2 1 
ATOM   678  N N   . ALA A 1 102 ? 1.663   -9.812  3.164   1.00 23.68 ? 102  ALA A N   1 
ATOM   679  C CA  . ALA A 1 102 ? 3.038   -9.362  3.041   1.00 23.89 ? 102  ALA A CA  1 
ATOM   680  C C   . ALA A 1 102 ? 3.284   -8.587  1.762   1.00 23.49 ? 102  ALA A C   1 
ATOM   681  O O   . ALA A 1 102 ? 3.982   -7.556  1.768   1.00 24.03 ? 102  ALA A O   1 
ATOM   682  C CB  . ALA A 1 102 ? 3.985   -10.551 3.076   1.00 23.70 ? 102  ALA A CB  1 
ATOM   683  N N   . ARG A 1 103 ? 2.735   -9.097  0.677   1.00 24.00 ? 103  ARG A N   1 
ATOM   684  C CA  . ARG A 1 103 ? 2.855   -8.401  -0.599  1.00 25.09 ? 103  ARG A CA  1 
ATOM   685  C C   . ARG A 1 103 ? 2.293   -6.983  -0.545  1.00 23.67 ? 103  ARG A C   1 
ATOM   686  O O   . ARG A 1 103 ? 2.936   -6.051  -1.065  1.00 23.98 ? 103  ARG A O   1 
ATOM   687  C CB  . ARG A 1 103 ? 2.175   -9.182  -1.694  1.00 28.06 ? 103  ARG A CB  1 
ATOM   688  C CG  . ARG A 1 103 ? 3.223   -9.933  -2.452  1.00 31.52 ? 103  ARG A CG  1 
ATOM   689  C CD  A ARG A 1 103 ? 2.746   -11.105 -3.240  0.50 32.43 ? 103  ARG A CD  1 
ATOM   690  C CD  B ARG A 1 103 ? 2.719   -11.075 -3.266  0.50 34.60 ? 103  ARG A CD  1 
ATOM   691  N NE  A ARG A 1 103 ? 1.307   -11.189 -3.441  0.50 32.06 ? 103  ARG A NE  1 
ATOM   692  N NE  B ARG A 1 103 ? 3.766   -11.632 -4.129  0.50 37.04 ? 103  ARG A NE  1 
ATOM   693  C CZ  A ARG A 1 103 ? 0.619   -12.302 -3.204  0.50 33.34 ? 103  ARG A CZ  1 
ATOM   694  C CZ  B ARG A 1 103 ? 5.055   -11.764 -3.801  0.50 37.62 ? 103  ARG A CZ  1 
ATOM   695  N NH1 A ARG A 1 103 ? 1.244   -13.391 -2.749  0.50 32.32 ? 103  ARG A NH1 1 
ATOM   696  N NH1 B ARG A 1 103 ? 5.517   -11.378 -2.614  0.50 39.25 ? 103  ARG A NH1 1 
ATOM   697  N NH2 A ARG A 1 103 ? -0.683  -12.332 -3.419  0.50 33.65 ? 103  ARG A NH2 1 
ATOM   698  N NH2 B ARG A 1 103 ? 5.890   -12.288 -4.670  0.50 37.99 ? 103  ARG A NH2 1 
ATOM   699  N N   . LEU A 1 104 ? 1.130   -6.832  0.097   1.00 21.98 ? 104  LEU A N   1 
ATOM   700  C CA  . LEU A 1 104 ? 0.482   -5.498  0.203   1.00 20.55 ? 104  LEU A CA  1 
ATOM   701  C C   . LEU A 1 104 ? 1.410   -4.540  0.921   1.00 20.26 ? 104  LEU A C   1 
ATOM   702  O O   . LEU A 1 104 ? 1.615   -3.400  0.482   1.00 20.72 ? 104  LEU A O   1 
ATOM   703  C CB  . LEU A 1 104 ? -0.876  -5.592  0.862   1.00 20.53 ? 104  LEU A CB  1 
ATOM   704  C CG  . LEU A 1 104 ? -1.778  -4.355  0.768   1.00 22.63 ? 104  LEU A CG  1 
ATOM   705  C CD1 . LEU A 1 104 ? -2.478  -4.421  -0.584  1.00 24.33 ? 104  LEU A CD1 1 
ATOM   706  C CD2 . LEU A 1 104 ? -2.777  -4.287  1.911   1.00 24.01 ? 104  LEU A CD2 1 
ATOM   707  N N   . GLY A 1 105 ? 1.984   -4.999  2.031   1.00 19.89 ? 105  GLY A N   1 
ATOM   708  C CA  . GLY A 1 105 ? 2.914   -4.143  2.794   1.00 19.36 ? 105  GLY A CA  1 
ATOM   709  C C   . GLY A 1 105 ? 4.168   -3.739  2.026   1.00 20.01 ? 105  GLY A C   1 
ATOM   710  O O   . GLY A 1 105 ? 4.611   -2.592  2.095   1.00 18.67 ? 105  GLY A O   1 
ATOM   711  N N   . ALA A 1 106 ? 4.746   -4.702  1.317   1.00 19.67 ? 106  ALA A N   1 
ATOM   712  C CA  . ALA A 1 106 ? 5.977   -4.468  0.566   1.00 20.67 ? 106  ALA A CA  1 
ATOM   713  C C   . ALA A 1 106 ? 5.681   -3.429  -0.542  1.00 19.13 ? 106  ALA A C   1 
ATOM   714  O O   . ALA A 1 106 ? 6.515   -2.551  -0.824  1.00 20.77 ? 106  ALA A O   1 
ATOM   715  C CB  . ALA A 1 106 ? 6.416   -5.804  -0.061  1.00 20.42 ? 106  ALA A CB  1 
ATOM   716  N N   . ASP A 1 107 ? 4.467   -3.533  -1.107  1.00 18.38 ? 107  ASP A N   1 
ATOM   717  C CA  . ASP A 1 107 ? 3.999   -2.699  -2.233  1.00 16.46 ? 107  ASP A CA  1 
ATOM   718  C C   . ASP A 1 107 ? 3.885   -1.297  -1.702  1.00 17.36 ? 107  ASP A C   1 
ATOM   719  O O   . ASP A 1 107 ? 4.297   -0.350  -2.395  1.00 17.92 ? 107  ASP A O   1 
ATOM   720  C CB  . ASP A 1 107 ? 2.596   -3.088  -2.746  1.00 18.00 ? 107  ASP A CB  1 
ATOM   721  C CG  . ASP A 1 107 ? 2.576   -4.389  -3.507  1.00 17.49 ? 107  ASP A CG  1 
ATOM   722  O OD1 . ASP A 1 107 ? 3.646   -4.922  -3.883  1.00 18.56 ? 107  ASP A OD1 1 
ATOM   723  O OD2 . ASP A 1 107 ? 1.456   -4.940  -3.716  1.00 19.99 ? 107  ASP A OD2 1 
ATOM   724  N N   . MET A 1 108 ? 3.289   -1.147  -0.524  1.00 17.48 ? 108  MET A N   1 
ATOM   725  C CA  . MET A 1 108 ? 3.117   0.210   0.052   1.00 17.25 ? 108  MET A CA  1 
ATOM   726  C C   . MET A 1 108 ? 4.499   0.768   0.362   1.00 18.69 ? 108  MET A C   1 
ATOM   727  O O   . MET A 1 108 ? 4.757   1.937   0.150   1.00 18.63 ? 108  MET A O   1 
ATOM   728  C CB  . MET A 1 108 ? 2.194   0.165   1.277   1.00 18.47 ? 108  MET A CB  1 
ATOM   729  C CG  . MET A 1 108 ? 0.712   -0.059  0.827   1.00 18.64 ? 108  MET A CG  1 
ATOM   730  S SD  . MET A 1 108 ? -0.358  -0.007  2.331   1.00 20.45 ? 108  MET A SD  1 
ATOM   731  C CE  . MET A 1 108 ? -0.017  -1.657  3.042   1.00 22.25 ? 108  MET A CE  1 
ATOM   732  N N   . GLU A 1 109 ? 5.407   -0.079  0.867   1.00 17.28 ? 109  GLU A N   1 
ATOM   733  C CA  . GLU A 1 109 ? 6.725   0.409   1.198   1.00 19.52 ? 109  GLU A CA  1 
ATOM   734  C C   . GLU A 1 109 ? 7.454   0.835   -0.085  1.00 18.70 ? 109  GLU A C   1 
ATOM   735  O O   . GLU A 1 109 ? 8.252   1.800   -0.054  1.00 19.63 ? 109  GLU A O   1 
ATOM   736  C CB  . GLU A 1 109 ? 7.557   -0.684  1.859   1.00 21.99 ? 109  GLU A CB  1 
ATOM   737  C CG  . GLU A 1 109 ? 8.911   -0.161  2.313   1.00 29.05 ? 109  GLU A CG  1 
ATOM   738  C CD  . GLU A 1 109 ? 8.773   1.025   3.307   1.00 33.20 ? 109  GLU A CD  1 
ATOM   739  O OE1 . GLU A 1 109 ? 9.395   2.073   3.026   1.00 38.94 ? 109  GLU A OE1 1 
ATOM   740  O OE2 . GLU A 1 109 ? 8.079   0.895   4.335   1.00 36.25 ? 109  GLU A OE2 1 
ATOM   741  N N   . ASP A 1 110 ? 7.232   0.101   -1.188  1.00 18.63 ? 110  ASP A N   1 
ATOM   742  C CA  . ASP A 1 110 ? 7.913   0.441   -2.460  1.00 18.47 ? 110  ASP A CA  1 
ATOM   743  C C   . ASP A 1 110 ? 7.450   1.845   -2.925  1.00 18.94 ? 110  ASP A C   1 
ATOM   744  O O   . ASP A 1 110 ? 8.258   2.647   -3.475  1.00 20.12 ? 110  ASP A O   1 
ATOM   745  C CB  . ASP A 1 110 ? 7.669   -0.592  -3.552  1.00 19.61 ? 110  ASP A CB  1 
ATOM   746  C CG  . ASP A 1 110 ? 8.495   -1.852  -3.339  1.00 22.32 ? 110  ASP A CG  1 
ATOM   747  O OD1 . ASP A 1 110 ? 8.204   -2.868  -4.004  1.00 22.42 ? 110  ASP A OD1 1 
ATOM   748  O OD2 . ASP A 1 110 ? 9.399   -1.908  -2.481  1.00 23.21 ? 110  ASP A OD2 1 
ATOM   749  N N   . VAL A 1 111 ? 6.189   2.151   -2.681  1.00 17.64 ? 111  VAL A N   1 
ATOM   750  C CA  . VAL A 1 111 ? 5.676   3.493   -3.043  1.00 18.14 ? 111  VAL A CA  1 
ATOM   751  C C   . VAL A 1 111 ? 6.409   4.524   -2.216  1.00 19.02 ? 111  VAL A C   1 
ATOM   752  O O   . VAL A 1 111 ? 6.970   5.482   -2.730  1.00 19.59 ? 111  VAL A O   1 
ATOM   753  C CB  . VAL A 1 111 ? 4.170   3.606   -2.832  1.00 18.47 ? 111  VAL A CB  1 
ATOM   754  C CG1 . VAL A 1 111 ? 3.720   5.053   -2.964  1.00 21.09 ? 111  VAL A CG1 1 
ATOM   755  C CG2 . VAL A 1 111 ? 3.448   2.758   -3.813  1.00 19.31 ? 111  VAL A CG2 1 
ATOM   756  N N   . ARG A 1 112 ? 6.455   4.318   -0.905  1.00 19.22 ? 112  ARG A N   1 
ATOM   757  C CA  . ARG A 1 112 ? 7.131   5.282   -0.054  1.00 20.06 ? 112  ARG A CA  1 
ATOM   758  C C   . ARG A 1 112 ? 8.601   5.414   -0.452  1.00 20.99 ? 112  ARG A C   1 
ATOM   759  O O   . ARG A 1 112 ? 9.133   6.531   -0.535  1.00 21.25 ? 112  ARG A O   1 
ATOM   760  C CB  . ARG A 1 112 ? 7.008   4.840   1.420   1.00 21.43 ? 112  ARG A CB  1 
ATOM   761  C CG  . ARG A 1 112 ? 7.361   5.926   2.427   1.00 25.90 ? 112  ARG A CG  1 
ATOM   762  C CD  . ARG A 1 112 ? 7.520   5.436   3.858   1.00 29.01 ? 112  ARG A CD  1 
ATOM   763  N NE  . ARG A 1 112 ? 8.733   4.627   3.829   1.00 34.59 ? 112  ARG A NE  1 
ATOM   764  C CZ  . ARG A 1 112 ? 9.944   5.069   4.137   1.00 34.85 ? 112  ARG A CZ  1 
ATOM   765  N NH1 . ARG A 1 112 ? 10.096  6.308   4.561   1.00 36.27 ? 112  ARG A NH1 1 
ATOM   766  N NH2 . ARG A 1 112 ? 11.009  4.266   4.003   1.00 38.86 ? 112  ARG A NH2 1 
ATOM   767  N N   . GLY A 1 113 ? 9.272   4.283   -0.704  1.00 18.84 ? 113  GLY A N   1 
ATOM   768  C CA  . GLY A 1 113 ? 10.671  4.319   -1.057  1.00 20.97 ? 113  GLY A CA  1 
ATOM   769  C C   . GLY A 1 113 ? 11.001  5.112   -2.311  1.00 19.87 ? 113  GLY A C   1 
ATOM   770  O O   . GLY A 1 113 ? 12.009  5.823   -2.377  1.00 20.79 ? 113  GLY A O   1 
ATOM   771  N N   . ARG A 1 114 ? 10.126  4.995   -3.288  1.00 19.81 ? 114  ARG A N   1 
ATOM   772  C CA  . ARG A 1 114 ? 10.311  5.696   -4.542  1.00 18.89 ? 114  ARG A CA  1 
ATOM   773  C C   . ARG A 1 114 ? 10.216  7.208   -4.326  1.00 19.02 ? 114  ARG A C   1 
ATOM   774  O O   . ARG A 1 114 ? 10.921  7.981   -5.020  1.00 18.75 ? 114  ARG A O   1 
ATOM   775  C CB  . ARG A 1 114 ? 9.275   5.270   -5.546  1.00 19.45 ? 114  ARG A CB  1 
ATOM   776  C CG  . ARG A 1 114 ? 9.466   5.844   -6.966  1.00 18.63 ? 114  ARG A CG  1 
ATOM   777  C CD  . ARG A 1 114 ? 10.891  5.632   -7.517  1.00 18.38 ? 114  ARG A CD  1 
ATOM   778  N NE  . ARG A 1 114 ? 11.053  6.200   -8.856  1.00 18.21 ? 114  ARG A NE  1 
ATOM   779  C CZ  . ARG A 1 114 ? 11.452  7.468   -9.054  1.00 18.76 ? 114  ARG A CZ  1 
ATOM   780  N NH1 . ARG A 1 114 ? 11.671  8.260   -7.982  1.00 18.08 ? 114  ARG A NH1 1 
ATOM   781  N NH2 . ARG A 1 114 ? 11.607  7.930   -10.317 1.00 19.76 ? 114  ARG A NH2 1 
ATOM   782  N N   . LEU A 1 115 ? 9.339   7.599   -3.409  1.00 18.46 ? 115  LEU A N   1 
ATOM   783  C CA  . LEU A 1 115 ? 9.186   9.019   -3.060  1.00 18.67 ? 115  LEU A CA  1 
ATOM   784  C C   . LEU A 1 115 ? 10.387  9.533   -2.279  1.00 20.07 ? 115  LEU A C   1 
ATOM   785  O O   . LEU A 1 115 ? 10.815  10.685  -2.469  1.00 20.36 ? 115  LEU A O   1 
ATOM   786  C CB  . LEU A 1 115 ? 7.890   9.283   -2.326  1.00 17.98 ? 115  LEU A CB  1 
ATOM   787  C CG  . LEU A 1 115 ? 6.737   8.970   -3.273  1.00 17.65 ? 115  LEU A CG  1 
ATOM   788  C CD1 . LEU A 1 115 ? 5.398   8.872   -2.526  1.00 19.87 ? 115  LEU A CD1 1 
ATOM   789  C CD2 . LEU A 1 115 ? 6.587   10.031  -4.347  1.00 19.75 ? 115  LEU A CD2 1 
ATOM   790  N N   . VAL A 1 116 ? 10.894  8.726   -1.348  1.00 19.41 ? 116  VAL A N   1 
ATOM   791  C CA  . VAL A 1 116 ? 12.149  9.076   -0.667  1.00 20.91 ? 116  VAL A CA  1 
ATOM   792  C C   . VAL A 1 116 ? 13.281  9.316   -1.703  1.00 21.06 ? 116  VAL A C   1 
ATOM   793  O O   . VAL A 1 116 ? 14.084  10.280  -1.574  1.00 20.38 ? 116  VAL A O   1 
ATOM   794  C CB  . VAL A 1 116 ? 12.595  7.947   0.307   1.00 21.24 ? 116  VAL A CB  1 
ATOM   795  C CG1 . VAL A 1 116 ? 14.022  8.276   0.876   1.00 24.46 ? 116  VAL A CG1 1 
ATOM   796  C CG2 . VAL A 1 116 ? 11.604  7.847   1.446   1.00 23.06 ? 116  VAL A CG2 1 
ATOM   797  N N   . GLN A 1 117 ? 13.388  8.438   -2.704  1.00 20.29 ? 117  GLN A N   1 
ATOM   798  C CA  . GLN A 1 117 ? 14.403  8.563   -3.751  1.00 22.20 ? 117  GLN A CA  1 
ATOM   799  C C   . GLN A 1 117 ? 14.232  9.890   -4.484  1.00 21.69 ? 117  GLN A C   1 
ATOM   800  O O   . GLN A 1 117 ? 15.201  10.614  -4.712  1.00 22.06 ? 117  GLN A O   1 
ATOM   801  C CB  . GLN A 1 117 ? 14.323  7.415   -4.749  1.00 22.72 ? 117  GLN A CB  1 
ATOM   802  C CG  . GLN A 1 117 ? 15.238  7.553   -5.953  1.00 25.31 ? 117  GLN A CG  1 
ATOM   803  C CD  . GLN A 1 117 ? 14.929  6.563   -7.070  1.00 28.53 ? 117  GLN A CD  1 
ATOM   804  O OE1 . GLN A 1 117 ? 14.477  5.443   -6.811  1.00 29.72 ? 117  GLN A OE1 1 
ATOM   805  N NE2 . GLN A 1 117 ? 15.168  6.978   -8.330  1.00 30.48 ? 117  GLN A NE2 1 
ATOM   806  N N   . TYR A 1 118 ? 12.999  10.240  -4.797  1.00 19.99 ? 118  TYR A N   1 
ATOM   807  C CA  . TYR A 1 118 ? 12.766  11.505  -5.520  1.00 20.28 ? 118  TYR A CA  1 
ATOM   808  C C   . TYR A 1 118 ? 13.234  12.714  -4.683  1.00 19.65 ? 118  TYR A C   1 
ATOM   809  O O   . TYR A 1 118 ? 13.893  13.647  -5.185  1.00 20.92 ? 118  TYR A O   1 
ATOM   810  C CB  . TYR A 1 118 ? 11.278  11.651  -5.825  1.00 19.49 ? 118  TYR A CB  1 
ATOM   811  C CG  . TYR A 1 118 ? 10.917  13.007  -6.388  1.00 18.51 ? 118  TYR A CG  1 
ATOM   812  C CD1 . TYR A 1 118 ? 11.071  13.256  -7.733  1.00 19.45 ? 118  TYR A CD1 1 
ATOM   813  C CD2 . TYR A 1 118 ? 10.353  13.969  -5.585  1.00 18.67 ? 118  TYR A CD2 1 
ATOM   814  C CE1 . TYR A 1 118 ? 10.727  14.500  -8.269  1.00 21.20 ? 118  TYR A CE1 1 
ATOM   815  C CE2 . TYR A 1 118 ? 9.994   15.222  -6.111  1.00 20.84 ? 118  TYR A CE2 1 
ATOM   816  C CZ  . TYR A 1 118 ? 10.189  15.447  -7.468  1.00 21.20 ? 118  TYR A CZ  1 
ATOM   817  O OH  . TYR A 1 118 ? 9.870   16.646  -8.074  1.00 23.87 ? 118  TYR A OH  1 
ATOM   818  N N   . ARG A 1 119 ? 12.936  12.695  -3.399  1.00 19.87 ? 119  ARG A N   1 
ATOM   819  C CA  . ARG A 1 119 ? 13.347  13.789  -2.547  1.00 21.14 ? 119  ARG A CA  1 
ATOM   820  C C   . ARG A 1 119 ? 14.862  13.913  -2.573  1.00 21.84 ? 119  ARG A C   1 
ATOM   821  O O   . ARG A 1 119 ? 15.380  14.996  -2.664  1.00 23.76 ? 119  ARG A O   1 
ATOM   822  C CB  . ARG A 1 119 ? 12.939  13.519  -1.112  1.00 21.54 ? 119  ARG A CB  1 
ATOM   823  C CG  . ARG A 1 119 ? 13.231  14.686  -0.196  1.00 25.34 ? 119  ARG A CG  1 
ATOM   824  C CD  A ARG A 1 119 ? 13.043  14.260  1.231   0.50 26.04 ? 119  ARG A CD  1 
ATOM   825  C CD  B ARG A 1 119 ? 13.273  14.346  1.270   0.50 29.25 ? 119  ARG A CD  1 
ATOM   826  N NE  A ARG A 1 119 ? 12.907  15.333  2.202   0.50 27.86 ? 119  ARG A NE  1 
ATOM   827  N NE  B ARG A 1 119 ? 12.535  13.146  1.619   0.50 32.45 ? 119  ARG A NE  1 
ATOM   828  C CZ  A ARG A 1 119 ? 13.546  15.363  3.361   0.50 29.19 ? 119  ARG A CZ  1 
ATOM   829  C CZ  B ARG A 1 119 ? 12.907  12.286  2.562   0.50 33.96 ? 119  ARG A CZ  1 
ATOM   830  N NH1 A ARG A 1 119 ? 13.337  16.362  4.220   0.50 29.42 ? 119  ARG A NH1 1 
ATOM   831  N NH1 B ARG A 1 119 ? 14.028  12.489  3.240   0.50 35.42 ? 119  ARG A NH1 1 
ATOM   832  N NH2 A ARG A 1 119 ? 14.404  14.402  3.663   0.50 30.07 ? 119  ARG A NH2 1 
ATOM   833  N NH2 B ARG A 1 119 ? 12.158  11.223  2.827   0.50 34.41 ? 119  ARG A NH2 1 
ATOM   834  N N   . GLY A 1 120 ? 15.568  12.791  -2.516  1.00 22.20 ? 120  GLY A N   1 
ATOM   835  C CA  . GLY A 1 120 ? 17.031  12.848  -2.510  1.00 23.43 ? 120  GLY A CA  1 
ATOM   836  C C   . GLY A 1 120 ? 17.539  13.458  -3.800  1.00 23.88 ? 120  GLY A C   1 
ATOM   837  O O   . GLY A 1 120 ? 18.478  14.244  -3.783  1.00 26.17 ? 120  GLY A O   1 
ATOM   838  N N   . GLU A 1 121 ? 16.938  13.084  -4.903  1.00 23.80 ? 121  GLU A N   1 
ATOM   839  C CA  . GLU A 1 121 ? 17.337  13.604  -6.205  1.00 24.24 ? 121  GLU A CA  1 
ATOM   840  C C   . GLU A 1 121 ? 17.103  15.102  -6.314  1.00 25.32 ? 121  GLU A C   1 
ATOM   841  O O   . GLU A 1 121 ? 17.954  15.831  -6.848  1.00 24.80 ? 121  GLU A O   1 
ATOM   842  C CB  . GLU A 1 121 ? 16.666  12.833  -7.339  1.00 25.12 ? 121  GLU A CB  1 
ATOM   843  C CG  . GLU A 1 121 ? 17.142  11.372  -7.412  1.00 29.07 ? 121  GLU A CG  1 
ATOM   844  C CD  . GLU A 1 121 ? 16.805  10.701  -8.736  1.00 32.76 ? 121  GLU A CD  1 
ATOM   845  O OE1 . GLU A 1 121 ? 17.465  11.087  -9.747  1.00 35.53 ? 121  GLU A OE1 1 
ATOM   846  O OE2 . GLU A 1 121 ? 15.899  9.823   -8.779  1.00 33.75 ? 121  GLU A OE2 1 
ATOM   847  N N   . VAL A 1 122 ? 15.947  15.559  -5.847  1.00 23.33 ? 122  VAL A N   1 
ATOM   848  C CA  . VAL A 1 122 ? 15.714  17.019  -5.878  1.00 24.43 ? 122  VAL A CA  1 
ATOM   849  C C   . VAL A 1 122 ? 16.704  17.729  -4.965  1.00 26.39 ? 122  VAL A C   1 
ATOM   850  O O   . VAL A 1 122 ? 17.264  18.767  -5.325  1.00 26.65 ? 122  VAL A O   1 
ATOM   851  C CB  . VAL A 1 122 ? 14.285  17.389  -5.510  1.00 23.29 ? 122  VAL A CB  1 
ATOM   852  C CG1 . VAL A 1 122 ? 14.119  18.929  -5.450  1.00 22.37 ? 122  VAL A CG1 1 
ATOM   853  C CG2 . VAL A 1 122 ? 13.289  16.722  -6.483  1.00 22.84 ? 122  VAL A CG2 1 
ATOM   854  N N   . GLN A 1 123 ? 16.975  17.164  -3.800  1.00 28.04 ? 123  GLN A N   1 
ATOM   855  C CA  . GLN A 1 123 ? 17.859  17.857  -2.856  1.00 30.70 ? 123  GLN A CA  1 
ATOM   856  C C   . GLN A 1 123 ? 19.282  17.969  -3.354  1.00 33.18 ? 123  GLN A C   1 
ATOM   857  O O   . GLN A 1 123 ? 20.047  18.810  -2.826  1.00 35.15 ? 123  GLN A O   1 
ATOM   858  C CB  . GLN A 1 123 ? 17.835  17.203  -1.475  1.00 30.63 ? 123  GLN A CB  1 
ATOM   859  C CG  . GLN A 1 123 ? 16.513  17.356  -0.730  1.00 31.65 ? 123  GLN A CG  1 
ATOM   860  C CD  . GLN A 1 123 ? 16.517  16.693  0.640   1.00 33.09 ? 123  GLN A CD  1 
ATOM   861  O OE1 . GLN A 1 123 ? 15.824  17.134  1.558   1.00 37.32 ? 123  GLN A OE1 1 
ATOM   862  N NE2 . GLN A 1 123 ? 17.267  15.621  0.769   1.00 34.15 ? 123  GLN A NE2 1 
ATOM   863  N N   . ALA A 1 124 ? 19.634  17.188  -4.374  1.00 34.03 ? 124  ALA A N   1 
ATOM   864  C CA  . ALA A 1 124 ? 20.992  17.223  -4.925  1.00 35.46 ? 124  ALA A CA  1 
ATOM   865  C C   . ALA A 1 124 ? 21.032  18.036  -6.218  1.00 36.28 ? 124  ALA A C   1 
ATOM   866  O O   . ALA A 1 124 ? 22.052  18.086  -6.903  1.00 36.85 ? 124  ALA A O   1 
ATOM   867  C CB  . ALA A 1 124 ? 21.475  15.804  -5.177  1.00 35.94 ? 124  ALA A CB  1 
ATOM   868  N N   . MET A 1 125 ? 19.945  18.748  -6.480  1.00 36.51 ? 125  MET A N   1 
ATOM   869  C CA  . MET A 1 125 ? 19.626  19.345  -7.794  1.00 37.59 ? 125  MET A CA  1 
ATOM   870  C C   . MET A 1 125 ? 20.011  20.837  -8.038  1.00 36.30 ? 125  MET A C   1 
ATOM   871  O O   . MET A 1 125 ? 19.948  21.324  -9.162  1.00 35.05 ? 125  MET A O   1 
ATOM   872  C CB  . MET A 1 125 ? 18.098  19.173  -7.957  1.00 40.06 ? 125  MET A CB  1 
ATOM   873  C CG  . MET A 1 125 ? 17.476  19.052  -9.362  1.00 44.68 ? 125  MET A CG  1 
ATOM   874  S SD  . MET A 1 125 ? 17.529  17.420  -10.129 1.00 50.38 ? 125  MET A SD  1 
ATOM   875  C CE  . MET A 1 125 ? 18.744  17.739  -11.430 1.00 48.61 ? 125  MET A CE  1 
ATOM   876  N N   . LEU A 1 126 ? 20.372  21.578  -7.002  1.00 34.57 ? 126  LEU A N   1 
ATOM   877  C CA  . LEU A 1 126 ? 20.871  22.971  -7.192  1.00 34.55 ? 126  LEU A CA  1 
ATOM   878  C C   . LEU A 1 126 ? 19.868  24.046  -7.747  1.00 33.47 ? 126  LEU A C   1 
ATOM   879  O O   . LEU A 1 126 ? 20.276  25.090  -8.250  1.00 35.35 ? 126  LEU A O   1 
ATOM   880  C CB  . LEU A 1 126 ? 22.219  22.982  -7.944  1.00 35.86 ? 126  LEU A CB  1 
ATOM   881  C CG  . LEU A 1 126 ? 23.387  22.699  -7.000  1.00 34.95 ? 126  LEU A CG  1 
ATOM   882  C CD1 . LEU A 1 126 ? 24.732  22.718  -7.719  1.00 36.68 ? 126  LEU A CD1 1 
ATOM   883  C CD2 . LEU A 1 126 ? 23.365  23.742  -5.893  1.00 35.11 ? 126  LEU A CD2 1 
ATOM   884  N N   . GLY A 1 127 ? 18.575  23.804  -7.669  1.00 30.58 ? 127  GLY A N   1 
ATOM   885  C CA  . GLY A 1 127 ? 17.638  24.825  -8.129  1.00 25.56 ? 127  GLY A CA  1 
ATOM   886  C C   . GLY A 1 127 ? 17.306  24.578  -9.581  1.00 22.48 ? 127  GLY A C   1 
ATOM   887  O O   . GLY A 1 127 ? 16.522  25.315  -10.173 1.00 20.33 ? 127  GLY A O   1 
ATOM   888  N N   . GLN A 1 128 ? 17.898  23.536  -10.136 1.00 20.13 ? 128  GLN A N   1 
ATOM   889  C CA  . GLN A 1 128 ? 17.577  23.167  -11.537 1.00 20.97 ? 128  GLN A CA  1 
ATOM   890  C C   . GLN A 1 128 ? 16.168  22.579  -11.703 1.00 18.96 ? 128  GLN A C   1 
ATOM   891  O O   . GLN A 1 128 ? 15.579  22.119  -10.736 1.00 18.21 ? 128  GLN A O   1 
ATOM   892  C CB  . GLN A 1 128 ? 18.561  22.157  -12.102 1.00 23.09 ? 128  GLN A CB  1 
ATOM   893  C CG  . GLN A 1 128 ? 20.010  22.589  -12.043 1.00 29.75 ? 128  GLN A CG  1 
ATOM   894  C CD  . GLN A 1 128 ? 20.956  21.391  -12.150 1.00 35.60 ? 128  GLN A CD  1 
ATOM   895  O OE1 . GLN A 1 128 ? 21.844  21.211  -11.280 1.00 38.39 ? 128  GLN A OE1 1 
ATOM   896  N NE2 . GLN A 1 128 ? 20.776  20.562  -13.204 1.00 37.71 ? 128  GLN A NE2 1 
ATOM   897  N N   . SER A 1 129 ? 15.685  22.615  -12.944 1.00 18.36 ? 129  SER A N   1 
ATOM   898  C CA  . SER A 1 129 ? 14.354  22.083  -13.262 1.00 18.62 ? 129  SER A CA  1 
ATOM   899  C C   . SER A 1 129 ? 14.173  20.643  -12.843 1.00 19.39 ? 129  SER A C   1 
ATOM   900  O O   . SER A 1 129 ? 15.022  19.786  -13.164 1.00 19.76 ? 129  SER A O   1 
ATOM   901  C CB  . SER A 1 129 ? 14.108  22.167  -14.756 1.00 20.84 ? 129  SER A CB  1 
ATOM   902  O OG  . SER A 1 129 ? 12.861  21.536  -15.078 1.00 22.62 ? 129  SER A OG  1 
ATOM   903  N N   . THR A 1 130 ? 13.041  20.373  -12.171 1.00 18.27 ? 130  THR A N   1 
ATOM   904  C CA  . THR A 1 130 ? 12.716  18.998  -11.759 1.00 18.27 ? 130  THR A CA  1 
ATOM   905  C C   . THR A 1 130 ? 11.726  18.382  -12.686 1.00 18.95 ? 130  THR A C   1 
ATOM   906  O O   . THR A 1 130 ? 11.192  17.302  -12.406 1.00 19.54 ? 130  THR A O   1 
ATOM   907  C CB  . THR A 1 130 ? 12.115  18.946  -10.310 1.00 18.05 ? 130  THR A CB  1 
ATOM   908  O OG1 . THR A 1 130 ? 10.904  19.726  -10.279 1.00 17.59 ? 130  THR A OG1 1 
ATOM   909  C CG2 . THR A 1 130 ? 13.052  19.615  -9.331  1.00 17.44 ? 130  THR A CG2 1 
ATOM   910  N N   . GLU A 1 131 ? 11.416  19.036  -13.803 1.00 20.17 ? 131  GLU A N   1 
ATOM   911  C CA  . GLU A 1 131 ? 10.356  18.522  -14.652 1.00 21.70 ? 131  GLU A CA  1 
ATOM   912  C C   . GLU A 1 131 ? 10.618  17.105  -15.127 1.00 21.64 ? 131  GLU A C   1 
ATOM   913  O O   . GLU A 1 131 ? 9.717   16.265  -15.114 1.00 21.57 ? 131  GLU A O   1 
ATOM   914  C CB  . GLU A 1 131 ? 10.154  19.419  -15.871 1.00 23.94 ? 131  GLU A CB  1 
ATOM   915  C CG  . GLU A 1 131 ? 8.999   18.965  -16.770 1.00 30.20 ? 131  GLU A CG  1 
ATOM   916  C CD  . GLU A 1 131 ? 7.622   19.004  -16.091 1.00 35.60 ? 131  GLU A CD  1 
ATOM   917  O OE1 . GLU A 1 131 ? 7.401   19.789  -15.120 1.00 40.69 ? 131  GLU A OE1 1 
ATOM   918  O OE2 . GLU A 1 131 ? 6.716   18.242  -16.524 1.00 39.20 ? 131  GLU A OE2 1 
ATOM   919  N N   . GLU A 1 132 ? 11.835  16.838  -15.573 1.00 21.92 ? 132  GLU A N   1 
ATOM   920  C CA  . GLU A 1 132 ? 12.103  15.500  -16.079 1.00 24.25 ? 132  GLU A CA  1 
ATOM   921  C C   . GLU A 1 132 ? 11.985  14.494  -14.935 1.00 23.54 ? 132  GLU A C   1 
ATOM   922  O O   . GLU A 1 132 ? 11.455  13.385  -15.129 1.00 24.06 ? 132  GLU A O   1 
ATOM   923  C CB  . GLU A 1 132 ? 13.492  15.437  -16.724 1.00 26.45 ? 132  GLU A CB  1 
ATOM   924  C CG  . GLU A 1 132 ? 13.871  14.057  -17.264 1.00 33.22 ? 132  GLU A CG  1 
ATOM   925  C CD  . GLU A 1 132 ? 15.011  14.101  -18.291 1.00 38.80 ? 132  GLU A CD  1 
ATOM   926  O OE1 . GLU A 1 132 ? 15.579  15.200  -18.540 1.00 41.03 ? 132  GLU A OE1 1 
ATOM   927  O OE2 . GLU A 1 132 ? 15.327  13.020  -18.875 1.00 41.80 ? 132  GLU A OE2 1 
ATOM   928  N N   . LEU A 1 133 ? 12.494  14.869  -13.766 1.00 21.81 ? 133  LEU A N   1 
ATOM   929  C CA  . LEU A 1 133 ? 12.393  13.986  -12.602 1.00 21.92 ? 133  LEU A CA  1 
ATOM   930  C C   . LEU A 1 133 ? 10.948  13.651  -12.328 1.00 20.40 ? 133  LEU A C   1 
ATOM   931  O O   . LEU A 1 133 ? 10.589  12.508  -11.989 1.00 21.07 ? 133  LEU A O   1 
ATOM   932  C CB  . LEU A 1 133 ? 12.891  14.642  -11.340 1.00 22.59 ? 133  LEU A CB  1 
ATOM   933  C CG  . LEU A 1 133 ? 14.405  14.653  -11.147 1.00 25.81 ? 133  LEU A CG  1 
ATOM   934  C CD1 . LEU A 1 133 ? 14.825  15.497  -9.903  1.00 27.33 ? 133  LEU A CD1 1 
ATOM   935  C CD2 . LEU A 1 133 ? 15.021  13.242  -11.082 1.00 25.89 ? 133  LEU A CD2 1 
ATOM   936  N N   . ARG A 1 134 ? 10.101  14.657  -12.437 1.00 17.98 ? 134  ARG A N   1 
ATOM   937  C CA  . ARG A 1 134 ? 8.680   14.409  -12.159 1.00 18.62 ? 134  ARG A CA  1 
ATOM   938  C C   . ARG A 1 134 ? 8.004   13.545  -13.185 1.00 17.62 ? 134  ARG A C   1 
ATOM   939  O O   . ARG A 1 134 ? 7.114   12.781  -12.850 1.00 18.20 ? 134  ARG A O   1 
ATOM   940  C CB  . ARG A 1 134 ? 7.901   15.743  -12.012 1.00 18.93 ? 134  ARG A CB  1 
ATOM   941  C CG  . ARG A 1 134 ? 8.252   16.419  -10.712 1.00 21.30 ? 134  ARG A CG  1 
ATOM   942  C CD  . ARG A 1 134 ? 7.442   17.654  -10.386 1.00 25.66 ? 134  ARG A CD  1 
ATOM   943  N NE  . ARG A 1 134 ? 8.236   18.772  -10.835 1.00 32.73 ? 134  ARG A NE  1 
ATOM   944  C CZ  . ARG A 1 134 ? 7.859   19.604  -11.804 1.00 35.10 ? 134  ARG A CZ  1 
ATOM   945  N NH1 . ARG A 1 134 ? 6.639   19.498  -12.331 1.00 38.11 ? 134  ARG A NH1 1 
ATOM   946  N NH2 . ARG A 1 134 ? 8.656   20.585  -12.188 1.00 35.06 ? 134  ARG A NH2 1 
ATOM   947  N N   . VAL A 1 135 ? 8.328   13.744  -14.463 1.00 17.95 ? 135  VAL A N   1 
ATOM   948  C CA  . VAL A 1 135 ? 7.724   12.928  -15.520 1.00 18.58 ? 135  VAL A CA  1 
ATOM   949  C C   . VAL A 1 135 ? 8.095   11.486  -15.232 1.00 19.18 ? 135  VAL A C   1 
ATOM   950  O O   . VAL A 1 135 ? 7.239   10.606  -15.290 1.00 20.48 ? 135  VAL A O   1 
ATOM   951  C CB  . VAL A 1 135 ? 8.252   13.304  -16.902 1.00 19.83 ? 135  VAL A CB  1 
ATOM   952  C CG1 . VAL A 1 135 ? 7.816   12.261  -17.905 1.00 22.19 ? 135  VAL A CG1 1 
ATOM   953  C CG2 . VAL A 1 135 ? 7.652   14.655  -17.296 1.00 22.11 ? 135  VAL A CG2 1 
ATOM   954  N N   . ARG A 1 136 ? 9.342   11.237  -14.884 1.00 21.57 ? 136  ARG A N   1 
ATOM   955  C CA  . ARG A 1 136 ? 9.785   9.880   -14.572 1.00 23.02 ? 136  ARG A CA  1 
ATOM   956  C C   . ARG A 1 136 ? 9.130   9.305   -13.320 1.00 21.73 ? 136  ARG A C   1 
ATOM   957  O O   . ARG A 1 136 ? 8.690   8.135   -13.297 1.00 21.23 ? 136  ARG A O   1 
ATOM   958  C CB  . ARG A 1 136 ? 11.297  9.779   -14.469 1.00 25.87 ? 136  ARG A CB  1 
ATOM   959  C CG  A ARG A 1 136 ? 11.984  9.547   -15.803 0.50 29.21 ? 136  ARG A CG  1 
ATOM   960  C CG  B ARG A 1 136 ? 12.025  9.848   -15.793 0.50 27.94 ? 136  ARG A CG  1 
ATOM   961  C CD  A ARG A 1 136 ? 11.673  10.596  -16.862 0.50 32.43 ? 136  ARG A CD  1 
ATOM   962  C CD  B ARG A 1 136 ? 13.536  9.876   -15.647 0.50 30.24 ? 136  ARG A CD  1 
ATOM   963  N NE  A ARG A 1 136 ? 12.237  10.229  -18.161 0.50 35.55 ? 136  ARG A NE  1 
ATOM   964  N NE  B ARG A 1 136 ? 13.951  10.559  -14.416 0.50 33.95 ? 136  ARG A NE  1 
ATOM   965  C CZ  A ARG A 1 136 ? 11.507  9.849   -19.202 0.50 36.11 ? 136  ARG A CZ  1 
ATOM   966  C CZ  B ARG A 1 136 ? 14.528  9.946   -13.384 0.50 33.25 ? 136  ARG A CZ  1 
ATOM   967  N NH1 A ARG A 1 136 ? 12.095  9.514   -20.343 0.50 37.67 ? 136  ARG A NH1 1 
ATOM   968  N NH1 B ARG A 1 136 ? 14.867  10.614  -12.306 0.50 35.36 ? 136  ARG A NH1 1 
ATOM   969  N NH2 A ARG A 1 136 ? 10.191  9.790   -19.098 0.50 37.23 ? 136  ARG A NH2 1 
ATOM   970  N NH2 B ARG A 1 136 ? 14.794  8.654   -13.443 0.50 35.34 ? 136  ARG A NH2 1 
ATOM   971  N N   . LEU A 1 137 ? 9.039   10.114  -12.282 1.00 18.85 ? 137  LEU A N   1 
ATOM   972  C CA  . LEU A 1 137 ? 8.400   9.675   -11.041 1.00 18.05 ? 137  LEU A CA  1 
ATOM   973  C C   . LEU A 1 137 ? 6.949   9.307   -11.323 1.00 17.25 ? 137  LEU A C   1 
ATOM   974  O O   . LEU A 1 137 ? 6.426   8.331   -10.797 1.00 18.12 ? 137  LEU A O   1 
ATOM   975  C CB  . LEU A 1 137 ? 8.442   10.803  -10.003 1.00 18.01 ? 137  LEU A CB  1 
ATOM   976  C CG  . LEU A 1 137 ? 7.647   10.518  -8.717  1.00 18.08 ? 137  LEU A CG  1 
ATOM   977  C CD1 . LEU A 1 137 ? 8.242   9.314   -8.003  1.00 18.88 ? 137  LEU A CD1 1 
ATOM   978  C CD2 . LEU A 1 137 ? 7.659   11.700  -7.759  1.00 17.59 ? 137  LEU A CD2 1 
ATOM   979  N N   . ALA A 1 138 ? 6.233   10.156  -12.071 1.00 17.19 ? 138  ALA A N   1 
ATOM   980  C CA  . ALA A 1 138 ? 4.793   9.906   -12.377 1.00 17.81 ? 138  ALA A CA  1 
ATOM   981  C C   . ALA A 1 138 ? 4.573   8.570   -13.061 1.00 18.76 ? 138  ALA A C   1 
ATOM   982  O O   . ALA A 1 138 ? 3.715   7.801   -12.658 1.00 18.85 ? 138  ALA A O   1 
ATOM   983  C CB  . ALA A 1 138 ? 4.212   11.041  -13.214 1.00 18.87 ? 138  ALA A CB  1 
ATOM   984  N N   . SER A 1 139 ? 5.392   8.295   -14.069 1.00 18.73 ? 139  SER A N   1 
ATOM   985  C CA  . SER A 1 139 ? 5.296   7.019   -14.804 1.00 19.68 ? 139  SER A CA  1 
ATOM   986  C C   . SER A 1 139 ? 5.551   5.824   -13.862 1.00 19.18 ? 139  SER A C   1 
ATOM   987  O O   . SER A 1 139 ? 4.831   4.805   -13.956 1.00 18.18 ? 139  SER A O   1 
ATOM   988  C CB  . SER A 1 139 ? 6.397   7.065   -15.877 1.00 21.49 ? 139  SER A CB  1 
ATOM   989  O OG  . SER A 1 139 ? 6.249   5.954   -16.755 1.00 27.80 ? 139  SER A OG  1 
ATOM   990  N N   . HIS A 1 140 ? 6.547   5.965   -13.000 1.00 18.01 ? 140  HIS A N   1 
ATOM   991  C CA  . HIS A 1 140 ? 6.944   4.908   -12.019 1.00 18.94 ? 140  HIS A CA  1 
ATOM   992  C C   . HIS A 1 140 ? 5.809   4.695   -11.006 1.00 19.50 ? 140  HIS A C   1 
ATOM   993  O O   . HIS A 1 140 ? 5.367   3.554   -10.773 1.00 17.98 ? 140  HIS A O   1 
ATOM   994  C CB  . HIS A 1 140 ? 8.271   5.241   -11.316 1.00 19.75 ? 140  HIS A CB  1 
ATOM   995  C CG  . HIS A 1 140 ? 9.031   4.050   -10.819 1.00 21.41 ? 140  HIS A CG  1 
ATOM   996  N ND1 . HIS A 1 140 ? 10.394  4.058   -10.588 1.00 23.41 ? 140  HIS A ND1 1 
ATOM   997  C CD2 . HIS A 1 140 ? 8.605   2.803   -10.517 1.00 21.17 ? 140  HIS A CD2 1 
ATOM   998  C CE1 . HIS A 1 140 ? 10.780  2.856   -10.180 1.00 18.59 ? 140  HIS A CE1 1 
ATOM   999  N NE2 . HIS A 1 140 ? 9.712   2.077   -10.131 1.00 24.26 ? 140  HIS A NE2 1 
ATOM   1000 N N   . LEU A 1 141 ? 5.277   5.786   -10.447 1.00 17.06 ? 141  LEU A N   1 
ATOM   1001 C CA  . LEU A 1 141 ? 4.176   5.625   -9.486  1.00 17.56 ? 141  LEU A CA  1 
ATOM   1002 C C   . LEU A 1 141 ? 2.962   4.970   -10.143 1.00 16.56 ? 141  LEU A C   1 
ATOM   1003 O O   . LEU A 1 141 ? 2.233   4.278   -9.477  1.00 18.21 ? 141  LEU A O   1 
ATOM   1004 C CB  . LEU A 1 141 ? 3.713   6.978   -8.890  1.00 17.31 ? 141  LEU A CB  1 
ATOM   1005 C CG  . LEU A 1 141 ? 4.751   7.674   -8.018  1.00 18.98 ? 141  LEU A CG  1 
ATOM   1006 C CD1 . LEU A 1 141 ? 4.191   9.055   -7.611  1.00 19.40 ? 141  LEU A CD1 1 
ATOM   1007 C CD2 . LEU A 1 141 ? 5.057   6.857   -6.753  1.00 21.44 ? 141  LEU A CD2 1 
ATOM   1008 N N   . ARG A 1 142 ? 2.687   5.264   -11.426 1.00 16.90 ? 142  ARG A N   1 
ATOM   1009 C CA  . ARG A 1 142 ? 1.534   4.644   -12.065 1.00 17.85 ? 142  ARG A CA  1 
ATOM   1010 C C   . ARG A 1 142 ? 1.725   3.131   -11.974 1.00 17.59 ? 142  ARG A C   1 
ATOM   1011 O O   . ARG A 1 142 ? 0.756   2.432   -11.722 1.00 18.21 ? 142  ARG A O   1 
ATOM   1012 C CB  . ARG A 1 142 ? 1.493   4.968   -13.575 1.00 20.50 ? 142  ARG A CB  1 
ATOM   1013 C CG  . ARG A 1 142 ? 0.152   5.292   -14.195 1.00 31.60 ? 142  ARG A CG  1 
ATOM   1014 C CD  . ARG A 1 142 ? 0.054   6.748   -14.636 1.00 33.18 ? 142  ARG A CD  1 
ATOM   1015 N NE  . ARG A 1 142 ? 1.227   7.185   -15.384 1.00 37.67 ? 142  ARG A NE  1 
ATOM   1016 C CZ  . ARG A 1 142 ? 1.588   8.484   -15.523 1.00 38.83 ? 142  ARG A CZ  1 
ATOM   1017 N NH1 . ARG A 1 142 ? 0.821   9.435   -14.991 1.00 40.83 ? 142  ARG A NH1 1 
ATOM   1018 N NH2 . ARG A 1 142 ? 2.685   8.828   -16.208 1.00 35.71 ? 142  ARG A NH2 1 
ATOM   1019 N N   . LYS A 1 143 ? 2.923   2.663   -12.237 1.00 17.94 ? 143  LYS A N   1 
ATOM   1020 C CA  . LYS A 1 143 ? 3.148   1.197   -12.294 1.00 18.83 ? 143  LYS A CA  1 
ATOM   1021 C C   . LYS A 1 143 ? 3.115   0.630   -10.862 1.00 19.24 ? 143  LYS A C   1 
ATOM   1022 O O   . LYS A 1 143 ? 2.588   -0.483  -10.638 1.00 18.93 ? 143  LYS A O   1 
ATOM   1023 C CB  . LYS A 1 143 ? 4.467   0.857   -12.982 1.00 19.41 ? 143  LYS A CB  1 
ATOM   1024 C CG  . LYS A 1 143 ? 4.394   1.068   -14.496 1.00 21.28 ? 143  LYS A CG  1 
ATOM   1025 C CD  . LYS A 1 143 ? 5.721   0.914   -15.182 1.00 22.11 ? 143  LYS A CD  1 
ATOM   1026 C CE  . LYS A 1 143 ? 5.509   1.132   -16.676 1.00 24.38 ? 143  LYS A CE  1 
ATOM   1027 N NZ  . LYS A 1 143 ? 6.785   1.033   -17.393 1.00 26.18 ? 143  LYS A NZ  1 
ATOM   1028 N N   . LEU A 1 144 ? 3.650   1.391   -9.916  1.00 17.10 ? 144  LEU A N   1 
ATOM   1029 C CA  . LEU A 1 144 ? 3.602   0.914   -8.506  1.00 16.56 ? 144  LEU A CA  1 
ATOM   1030 C C   . LEU A 1 144 ? 2.147   0.823   -8.033  1.00 18.02 ? 144  LEU A C   1 
ATOM   1031 O O   . LEU A 1 144 ? 1.774   -0.058  -7.268  1.00 18.67 ? 144  LEU A O   1 
ATOM   1032 C CB  . LEU A 1 144 ? 4.412   1.791   -7.547  1.00 18.28 ? 144  LEU A CB  1 
ATOM   1033 C CG  . LEU A 1 144 ? 5.906   1.811   -7.816  1.00 17.93 ? 144  LEU A CG  1 
ATOM   1034 C CD1 . LEU A 1 144 ? 6.609   2.803   -6.897  1.00 20.17 ? 144  LEU A CD1 1 
ATOM   1035 C CD2 . LEU A 1 144 ? 6.495   0.413   -7.674  1.00 19.83 ? 144  LEU A CD2 1 
ATOM   1036 N N   . ARG A 1 145 ? 1.320   1.796   -8.411  1.00 16.98 ? 145  ARG A N   1 
ATOM   1037 C CA  . ARG A 1 145 ? -0.079  1.708   -8.070  1.00 18.68 ? 145  ARG A CA  1 
ATOM   1038 C C   . ARG A 1 145 ? -0.770  0.488   -8.706  1.00 19.44 ? 145  ARG A C   1 
ATOM   1039 O O   . ARG A 1 145 ? -1.588  -0.160  -8.049  1.00 19.98 ? 145  ARG A O   1 
ATOM   1040 C CB  . ARG A 1 145 ? -0.798  2.974   -8.462  1.00 19.77 ? 145  ARG A CB  1 
ATOM   1041 C CG  . ARG A 1 145 ? -2.273  2.840   -8.177  1.00 24.30 ? 145  ARG A CG  1 
ATOM   1042 C CD  . ARG A 1 145 ? -3.054  3.613   -9.117  1.00 29.09 ? 145  ARG A CD  1 
ATOM   1043 N NE  . ARG A 1 145 ? -4.515  3.618   -8.926  1.00 27.82 ? 145  ARG A NE  1 
ATOM   1044 C CZ  . ARG A 1 145 ? -5.294  3.342   -9.929  1.00 27.82 ? 145  ARG A CZ  1 
ATOM   1045 N NH1 . ARG A 1 145 ? -6.600  3.343   -9.793  1.00 27.16 ? 145  ARG A NH1 1 
ATOM   1046 N NH2 . ARG A 1 145 ? -4.724  3.065   -11.099 1.00 28.12 ? 145  ARG A NH2 1 
ATOM   1047 N N   . LYS A 1 146 ? -0.466  0.168   -9.966  1.00 19.77 ? 146  LYS A N   1 
ATOM   1048 C CA  . LYS A 1 146 ? -1.071  -1.017  -10.598 1.00 21.01 ? 146  LYS A CA  1 
ATOM   1049 C C   . LYS A 1 146 ? -0.736  -2.258  -9.787  1.00 20.78 ? 146  LYS A C   1 
ATOM   1050 O O   . LYS A 1 146 ? -1.570  -3.144  -9.617  1.00 21.46 ? 146  LYS A O   1 
ATOM   1051 C CB  . LYS A 1 146 ? -0.529  -1.234  -12.031 1.00 23.57 ? 146  LYS A CB  1 
ATOM   1052 C CG  . LYS A 1 146 ? -0.985  -0.176  -13.031 1.00 28.08 ? 146  LYS A CG  1 
ATOM   1053 C CD  . LYS A 1 146 ? -0.410  -0.496  -14.438 1.00 32.79 ? 146  LYS A CD  1 
ATOM   1054 C CE  . LYS A 1 146 ? -1.031  0.399   -15.543 1.00 35.95 ? 146  LYS A CE  1 
ATOM   1055 N NZ  . LYS A 1 146 ? -0.918  -0.230  -16.923 1.00 39.34 ? 146  LYS A NZ  1 
ATOM   1056 N N   . ARG A 1 147 ? 0.485   -2.333  -9.308  1.00 19.27 ? 147  ARG A N   1 
ATOM   1057 C CA  . ARG A 1 147 ? 0.888   -3.513  -8.546  1.00 18.61 ? 147  ARG A CA  1 
ATOM   1058 C C   . ARG A 1 147 ? 0.184   -3.581  -7.164  1.00 18.40 ? 147  ARG A C   1 
ATOM   1059 O O   . ARG A 1 147 ? -0.394  -4.590  -6.795  1.00 17.84 ? 147  ARG A O   1 
ATOM   1060 C CB  . ARG A 1 147 ? 2.391   -3.592  -8.429  1.00 18.39 ? 147  ARG A CB  1 
ATOM   1061 C CG  . ARG A 1 147 ? 2.891   -4.535  -7.295  1.00 18.97 ? 147  ARG A CG  1 
ATOM   1062 C CD  . ARG A 1 147 ? 4.294   -5.049  -7.520  1.00 20.43 ? 147  ARG A CD  1 
ATOM   1063 N NE  . ARG A 1 147 ? 5.357   -4.046  -7.671  1.00 20.16 ? 147  ARG A NE  1 
ATOM   1064 C CZ  . ARG A 1 147 ? 6.144   -3.604  -6.704  1.00 20.21 ? 147  ARG A CZ  1 
ATOM   1065 N NH1 . ARG A 1 147 ? 5.991   -3.965  -5.433  1.00 22.34 ? 147  ARG A NH1 1 
ATOM   1066 N NH2 . ARG A 1 147 ? 7.105   -2.774  -6.996  1.00 20.42 ? 147  ARG A NH2 1 
ATOM   1067 N N   . LEU A 1 148 ? 0.139   -2.458  -6.449  1.00 17.06 ? 148  LEU A N   1 
ATOM   1068 C CA  . LEU A 1 148 ? -0.522  -2.442  -5.165  1.00 17.29 ? 148  LEU A CA  1 
ATOM   1069 C C   . LEU A 1 148 ? -2.012  -2.774  -5.349  1.00 17.62 ? 148  LEU A C   1 
ATOM   1070 O O   . LEU A 1 148 ? -2.582  -3.483  -4.566  1.00 18.25 ? 148  LEU A O   1 
ATOM   1071 C CB  . LEU A 1 148 ? -0.327  -1.066  -4.516  1.00 16.82 ? 148  LEU A CB  1 
ATOM   1072 C CG  . LEU A 1 148 ? -1.169  -0.778  -3.290  1.00 18.81 ? 148  LEU A CG  1 
ATOM   1073 C CD1 . LEU A 1 148 ? -0.780  -1.769  -2.186  1.00 20.12 ? 148  LEU A CD1 1 
ATOM   1074 C CD2 . LEU A 1 148 ? -0.903  0.655   -2.814  1.00 18.58 ? 148  LEU A CD2 1 
ATOM   1075 N N   . LEU A 1 149 ? -2.630  -2.321  -6.440  1.00 18.39 ? 149  LEU A N   1 
ATOM   1076 C CA  . LEU A 1 149 ? -4.069  -2.542  -6.644  1.00 19.04 ? 149  LEU A CA  1 
ATOM   1077 C C   . LEU A 1 149 ? -4.344  -4.000  -6.998  1.00 19.81 ? 149  LEU A C   1 
ATOM   1078 O O   . LEU A 1 149 ? -5.315  -4.607  -6.487  1.00 20.73 ? 149  LEU A O   1 
ATOM   1079 C CB  . LEU A 1 149 ? -4.612  -1.628  -7.749  1.00 20.60 ? 149  LEU A CB  1 
ATOM   1080 C CG  . LEU A 1 149 ? -6.081  -1.797  -8.108  1.00 21.72 ? 149  LEU A CG  1 
ATOM   1081 C CD1 . LEU A 1 149 ? -6.895  -1.552  -6.889  1.00 21.62 ? 149  LEU A CD1 1 
ATOM   1082 C CD2 . LEU A 1 149 ? -6.386  -0.847  -9.272  1.00 23.79 ? 149  LEU A CD2 1 
ATOM   1083 N N   . ARG A 1 150 ? -3.502  -4.580  -7.833  1.00 19.06 ? 150  ARG A N   1 
ATOM   1084 C CA  . ARG A 1 150 ? -3.746  -5.989  -8.147  1.00 19.06 ? 150  ARG A CA  1 
ATOM   1085 C C   . ARG A 1 150 ? -3.525  -6.869  -6.915  1.00 19.19 ? 150  ARG A C   1 
ATOM   1086 O O   . ARG A 1 150 ? -4.310  -7.800  -6.665  1.00 19.85 ? 150  ARG A O   1 
ATOM   1087 C CB  . ARG A 1 150 ? -2.985  -6.491  -9.388  1.00 20.78 ? 150  ARG A CB  1 
ATOM   1088 C CG  . ARG A 1 150 ? -1.553  -6.746  -9.254  1.00 24.86 ? 150  ARG A CG  1 
ATOM   1089 C CD  . ARG A 1 150 ? -0.909  -7.063  -10.678 1.00 24.54 ? 150  ARG A CD  1 
ATOM   1090 N NE  . ARG A 1 150 ? 0.544   -6.930  -10.636 1.00 25.95 ? 150  ARG A NE  1 
ATOM   1091 C CZ  . ARG A 1 150 ? 1.357   -7.915  -10.247 1.00 26.64 ? 150  ARG A CZ  1 
ATOM   1092 N NH1 . ARG A 1 150 ? 0.842   -9.051  -9.802  1.00 27.39 ? 150  ARG A NH1 1 
ATOM   1093 N NH2 . ARG A 1 150 ? 2.672   -7.744  -10.228 1.00 24.80 ? 150  ARG A NH2 1 
ATOM   1094 N N   . ASP A 1 151 ? -2.557  -6.508  -6.095  1.00 18.38 ? 151  ASP A N   1 
ATOM   1095 C CA  . ASP A 1 151 ? -2.342  -7.275  -4.891  1.00 19.44 ? 151  ASP A CA  1 
ATOM   1096 C C   . ASP A 1 151 ? -3.456  -7.049  -3.886  1.00 19.18 ? 151  ASP A C   1 
ATOM   1097 O O   . ASP A 1 151 ? -3.826  -7.970  -3.107  1.00 18.69 ? 151  ASP A O   1 
ATOM   1098 C CB  . ASP A 1 151 ? -0.995  -6.922  -4.271  1.00 20.22 ? 151  ASP A CB  1 
ATOM   1099 C CG  . ASP A 1 151 ? 0.187   -7.510  -5.028  1.00 22.31 ? 151  ASP A CG  1 
ATOM   1100 O OD1 . ASP A 1 151 ? 0.000   -8.475  -5.841  1.00 22.47 ? 151  ASP A OD1 1 
ATOM   1101 O OD2 . ASP A 1 151 ? 1.315   -7.048  -4.833  1.00 21.40 ? 151  ASP A OD2 1 
ATOM   1102 N N   . ALA A 1 152 ? -3.966  -5.815  -3.787  1.00 17.76 ? 152  ALA A N   1 
ATOM   1103 C CA  . ALA A 1 152 ? -5.046  -5.567  -2.817  1.00 18.18 ? 152  ALA A CA  1 
ATOM   1104 C C   . ALA A 1 152 ? -6.292  -6.362  -3.225  1.00 19.01 ? 152  ALA A C   1 
ATOM   1105 O O   . ALA A 1 152 ? -6.957  -6.973  -2.370  1.00 19.21 ? 152  ALA A O   1 
ATOM   1106 C CB  . ALA A 1 152 ? -5.393  -4.099  -2.792  1.00 17.88 ? 152  ALA A CB  1 
ATOM   1107 N N   . ASP A 1 153 ? -6.557  -6.394  -4.525  1.00 18.03 ? 153  ASP A N   1 
ATOM   1108 C CA  . ASP A 1 153 ? -7.753  -7.101  -5.014  1.00 19.71 ? 153  ASP A CA  1 
ATOM   1109 C C   . ASP A 1 153 ? -7.566  -8.589  -4.760  1.00 20.34 ? 153  ASP A C   1 
ATOM   1110 O O   . ASP A 1 153 ? -8.541  -9.269  -4.387  1.00 21.08 ? 153  ASP A O   1 
ATOM   1111 C CB  . ASP A 1 153 ? -8.021  -6.888  -6.491  1.00 20.17 ? 153  ASP A CB  1 
ATOM   1112 C CG  . ASP A 1 153 ? -8.604  -5.502  -6.780  1.00 22.77 ? 153  ASP A CG  1 
ATOM   1113 O OD1 . ASP A 1 153 ? -8.657  -5.116  -7.960  1.00 23.88 ? 153  ASP A OD1 1 
ATOM   1114 O OD2 . ASP A 1 153 ? -8.997  -4.741  -5.890  1.00 23.12 ? 153  ASP A OD2 1 
ATOM   1115 N N   . ASP A 1 154 ? -6.341  -9.054  -4.929  1.00 20.65 ? 154  ASP A N   1 
ATOM   1116 C CA  . ASP A 1 154 ? -6.065  -10.490 -4.715  1.00 21.19 ? 154  ASP A CA  1 
ATOM   1117 C C   . ASP A 1 154 ? -6.274  -10.796 -3.237  1.00 21.36 ? 154  ASP A C   1 
ATOM   1118 O O   . ASP A 1 154 ? -6.904  -11.785 -2.892  1.00 21.48 ? 154  ASP A O   1 
ATOM   1119 C CB  . ASP A 1 154 ? -4.643  -10.817 -5.065  1.00 22.92 ? 154  ASP A CB  1 
ATOM   1120 C CG  . ASP A 1 154 ? -4.316  -12.271 -4.816  1.00 25.70 ? 154  ASP A CG  1 
ATOM   1121 O OD1 . ASP A 1 154 ? -4.942  -13.161 -5.417  1.00 29.21 ? 154  ASP A OD1 1 
ATOM   1122 O OD2 . ASP A 1 154 ? -3.459  -12.627 -4.007  1.00 27.01 ? 154  ASP A OD2 1 
ATOM   1123 N N   . LEU A 1 155 ? -5.760  -9.930  -2.365  1.00 20.71 ? 155  LEU A N   1 
ATOM   1124 C CA  . LEU A 1 155 ? -5.874  -10.125 -0.932  1.00 20.45 ? 155  LEU A CA  1 
ATOM   1125 C C   . LEU A 1 155 ? -7.347  -10.148 -0.568  1.00 21.80 ? 155  LEU A C   1 
ATOM   1126 O O   . LEU A 1 155 ? -7.798  -11.004 0.218   1.00 22.02 ? 155  LEU A O   1 
ATOM   1127 C CB  . LEU A 1 155 ? -5.084  -9.031  -0.203  1.00 20.00 ? 155  LEU A CB  1 
ATOM   1128 C CG  . LEU A 1 155 ? -5.244  -8.877  1.313   1.00 19.54 ? 155  LEU A CG  1 
ATOM   1129 C CD1 . LEU A 1 155 ? -4.798  -10.172 1.989   1.00 20.35 ? 155  LEU A CD1 1 
ATOM   1130 C CD2 . LEU A 1 155 ? -4.391  -7.700  1.780   1.00 20.13 ? 155  LEU A CD2 1 
ATOM   1131 N N   . GLN A 1 156 ? -8.124  -9.191  -1.076  1.00 22.47 ? 156  GLN A N   1 
ATOM   1132 C CA  . GLN A 1 156 ? -9.558  -9.153  -0.733  1.00 25.15 ? 156  GLN A CA  1 
ATOM   1133 C C   . GLN A 1 156 ? -10.204 -10.472 -1.150  1.00 26.05 ? 156  GLN A C   1 
ATOM   1134 O O   . GLN A 1 156 ? -10.898 -11.094 -0.350  1.00 25.85 ? 156  GLN A O   1 
ATOM   1135 C CB  . GLN A 1 156 ? -10.284 -7.961  -1.384  1.00 27.03 ? 156  GLN A CB  1 
ATOM   1136 C CG  . GLN A 1 156 ? -9.704  -6.607  -0.915  1.00 32.70 ? 156  GLN A CG  1 
ATOM   1137 C CD  . GLN A 1 156 ? -10.259 -5.342  -1.625  1.00 36.93 ? 156  GLN A CD  1 
ATOM   1138 O OE1 . GLN A 1 156 ? -10.252 -4.249  -1.037  1.00 41.21 ? 156  GLN A OE1 1 
ATOM   1139 N NE2 . GLN A 1 156 ? -10.674 -5.476  -2.881  1.00 37.94 ? 156  GLN A NE2 1 
ATOM   1140 N N   . LYS A 1 157 ? -10.002 -10.893 -2.386  1.00 25.88 ? 157  LYS A N   1 
ATOM   1141 C CA  . LYS A 1 157 ? -10.593 -12.155 -2.843  1.00 28.56 ? 157  LYS A CA  1 
ATOM   1142 C C   . LYS A 1 157 ? -10.271 -13.345 -1.931  1.00 28.69 ? 157  LYS A C   1 
ATOM   1143 O O   . LYS A 1 157 ? -11.160 -14.132 -1.599  1.00 30.04 ? 157  LYS A O   1 
ATOM   1144 C CB  . LYS A 1 157 ? -10.291 -12.436 -4.331  1.00 30.04 ? 157  LYS A CB  1 
ATOM   1145 C CG  . LYS A 1 157 ? -11.169 -11.561 -5.214  1.00 35.06 ? 157  LYS A CG  1 
ATOM   1146 C CD  . LYS A 1 157 ? -10.911 -11.788 -6.700  1.00 40.02 ? 157  LYS A CD  1 
ATOM   1147 C CE  . LYS A 1 157 ? -10.913 -10.446 -7.440  1.00 41.67 ? 157  LYS A CE  1 
ATOM   1148 N NZ  . LYS A 1 157 ? -10.290 -10.559 -8.770  1.00 44.11 ? 157  LYS A NZ  1 
ATOM   1149 N N   . ARG A 1 158 ? -9.032  -13.457 -1.499  1.00 27.60 ? 158  ARG A N   1 
ATOM   1150 C CA  . ARG A 1 158 ? -8.654  -14.539 -0.610  1.00 29.14 ? 158  ARG A CA  1 
ATOM   1151 C C   . ARG A 1 158 ? -9.365  -14.413 0.731   1.00 29.57 ? 158  ARG A C   1 
ATOM   1152 O O   . ARG A 1 158 ? -9.900  -15.397 1.258   1.00 30.82 ? 158  ARG A O   1 
ATOM   1153 C CB  . ARG A 1 158 ? -7.167  -14.566 -0.364  1.00 28.00 ? 158  ARG A CB  1 
ATOM   1154 C CG  . ARG A 1 158 ? -6.351  -14.914 -1.619  1.00 29.95 ? 158  ARG A CG  1 
ATOM   1155 C CD  . ARG A 1 158 ? -4.877  -14.863 -1.407  1.00 31.71 ? 158  ARG A CD  1 
ATOM   1156 N NE  . ARG A 1 158 ? -4.174  -14.837 -2.679  1.00 34.38 ? 158  ARG A NE  1 
ATOM   1157 C CZ  . ARG A 1 158 ? -3.859  -15.902 -3.380  1.00 36.12 ? 158  ARG A CZ  1 
ATOM   1158 N NH1 . ARG A 1 158 ? -4.171  -17.114 -2.935  1.00 37.35 ? 158  ARG A NH1 1 
ATOM   1159 N NH2 . ARG A 1 158 ? -3.233  -15.756 -4.544  1.00 36.94 ? 158  ARG A NH2 1 
ATOM   1160 N N   . LEU A 1 159 ? -9.353  -13.212 1.305   1.00 28.48 ? 159  LEU A N   1 
ATOM   1161 C CA  . LEU A 1 159 ? -10.068 -13.019 2.557   1.00 28.54 ? 159  LEU A CA  1 
ATOM   1162 C C   . LEU A 1 159 ? -11.552 -13.427 2.474   1.00 30.14 ? 159  LEU A C   1 
ATOM   1163 O O   . LEU A 1 159 ? -12.097 -14.013 3.410   1.00 30.78 ? 159  LEU A O   1 
ATOM   1164 C CB  . LEU A 1 159 ? -9.966  -11.556 3.003   1.00 27.40 ? 159  LEU A CB  1 
ATOM   1165 C CG  . LEU A 1 159 ? -8.617  -11.156 3.557   1.00 26.32 ? 159  LEU A CG  1 
ATOM   1166 C CD1 . LEU A 1 159 ? -8.570  -9.623  3.661   1.00 24.89 ? 159  LEU A CD1 1 
ATOM   1167 C CD2 . LEU A 1 159 ? -8.417  -11.761 4.886   1.00 26.18 ? 159  LEU A CD2 1 
ATOM   1168 N N   . ALA A 1 160 ? -12.209 -13.076 1.381   1.00 32.28 ? 160  ALA A N   1 
ATOM   1169 C CA  . ALA A 1 160 ? -13.651 -13.298 1.259   1.00 35.66 ? 160  ALA A CA  1 
ATOM   1170 C C   . ALA A 1 160 ? -14.039 -14.778 1.232   1.00 37.85 ? 160  ALA A C   1 
ATOM   1171 O O   . ALA A 1 160 ? -15.201 -15.150 1.537   1.00 38.32 ? 160  ALA A O   1 
ATOM   1172 C CB  . ALA A 1 160 ? -14.178 -12.591 0.025   1.00 36.01 ? 160  ALA A CB  1 
ATOM   1173 N N   . VAL A 1 161 ? -13.075 -15.614 0.866   1.00 39.32 ? 161  VAL A N   1 
ATOM   1174 C CA  . VAL A 1 161 ? -13.367 -17.015 0.689   1.00 41.03 ? 161  VAL A CA  1 
ATOM   1175 C C   . VAL A 1 161 ? -12.680 -17.812 1.782   1.00 41.73 ? 161  VAL A C   1 
ATOM   1176 O O   . VAL A 1 161 ? -12.946 -18.992 1.965   1.00 41.57 ? 161  VAL A O   1 
ATOM   1177 C CB  . VAL A 1 161 ? -12.966 -17.501 -0.743  1.00 41.46 ? 161  VAL A CB  1 
ATOM   1178 C CG1 . VAL A 1 161 ? -13.178 -16.393 -1.772  1.00 43.11 ? 161  VAL A CG1 1 
ATOM   1179 C CG2 . VAL A 1 161 ? -11.527 -17.960 -0.797  1.00 41.34 ? 161  VAL A CG2 1 
ATOM   1180 N N   . TYR A 1 162 ? -11.809 -17.143 2.532   1.00 42.41 ? 162  TYR A N   1 
ATOM   1181 C CA  . TYR A 1 162 ? -11.042 -17.770 3.600   1.00 43.17 ? 162  TYR A CA  1 
ATOM   1182 C C   . TYR A 1 162 ? -11.864 -18.428 4.713   1.00 45.15 ? 162  TYR A C   1 
ATOM   1183 O O   . TYR A 1 162 ? -11.389 -19.358 5.368   1.00 44.62 ? 162  TYR A O   1 
ATOM   1184 C CB  . TYR A 1 162 ? -10.125 -16.729 4.234   1.00 42.28 ? 162  TYR A CB  1 
ATOM   1185 C CG  . TYR A 1 162 ? -9.208  -17.251 5.312   1.00 40.75 ? 162  TYR A CG  1 
ATOM   1186 C CD1 . TYR A 1 162 ? -8.179  -18.141 5.016   1.00 41.32 ? 162  TYR A CD1 1 
ATOM   1187 C CD2 . TYR A 1 162 ? -9.337  -16.811 6.629   1.00 39.54 ? 162  TYR A CD2 1 
ATOM   1188 C CE1 . TYR A 1 162 ? -7.326  -18.592 6.002   1.00 40.42 ? 162  TYR A CE1 1 
ATOM   1189 C CE2 . TYR A 1 162 ? -8.487  -17.245 7.612   1.00 39.89 ? 162  TYR A CE2 1 
ATOM   1190 C CZ  . TYR A 1 162 ? -7.484  -18.146 7.294   1.00 41.01 ? 162  TYR A CZ  1 
ATOM   1191 O OH  . TYR A 1 162 ? -6.645  -18.606 8.272   1.00 41.03 ? 162  TYR A OH  1 
ATOM   1192 N N   . GLN A 1 163 ? -13.078 -17.947 4.959   1.00 47.33 ? 163  GLN A N   1 
ATOM   1193 C CA  . GLN A 1 163 ? -13.863 -18.569 6.022   1.00 50.44 ? 163  GLN A CA  1 
ATOM   1194 C C   . GLN A 1 163 ? -14.236 -19.994 5.609   1.00 51.81 ? 163  GLN A C   1 
ATOM   1195 O O   . GLN A 1 163 ? -13.867 -20.956 6.289   1.00 51.75 ? 163  GLN A O   1 
ATOM   1196 C CB  . GLN A 1 163 ? -15.038 -17.688 6.431   1.00 50.95 ? 163  GLN A CB  1 
ATOM   1197 C CG  . GLN A 1 163 ? -14.543 -16.449 7.180   1.00 52.22 ? 163  GLN A CG  1 
ATOM   1198 C CD  . GLN A 1 163 ? -15.628 -15.429 7.428   1.00 52.86 ? 163  GLN A CD  1 
ATOM   1199 O OE1 . GLN A 1 163 ? -15.935 -14.617 6.555   1.00 53.79 ? 163  GLN A OE1 1 
ATOM   1200 N NE2 . GLN A 1 163 ? -16.201 -15.453 8.629   1.00 53.95 ? 163  GLN A NE2 1 
ATOM   1201 N N   . ALA A 1 164 ? -14.916 -20.123 4.472   1.00 54.04 ? 164  ALA A N   1 
ATOM   1202 C CA  . ALA A 1 164 ? -15.091 -21.429 3.835   1.00 56.08 ? 164  ALA A CA  1 
ATOM   1203 C C   . ALA A 1 164 ? -13.686 -21.917 3.431   1.00 57.53 ? 164  ALA A C   1 
ATOM   1204 O O   . ALA A 1 164 ? -12.696 -21.212 3.640   1.00 58.13 ? 164  ALA A O   1 
ATOM   1205 C CB  . ALA A 1 164 ? -15.993 -21.312 2.612   1.00 55.99 ? 164  ALA A CB  1 
ATOM   1206 N N   . GLY A 1 165 ? -13.585 -23.103 2.840   1.00 59.13 ? 165  GLY A N   1 
ATOM   1207 C CA  . GLY A 1 165 ? -12.268 -23.616 2.482   1.00 60.41 ? 165  GLY A CA  1 
ATOM   1208 C C   . GLY A 1 165 ? -12.042 -24.372 1.183   1.00 61.27 ? 165  GLY A C   1 
ATOM   1209 O O   . GLY A 1 165 ? -10.884 -24.747 0.983   1.00 62.20 ? 165  GLY A O   1 
ATOM   1210 O OXT . GLY A 1 165 ? -12.918 -24.629 0.334   1.00 61.75 ? 165  GLY A OXT 1 
HETATM 1211 O O   . HOH B 2 .   ? -16.127 -5.771  -2.284  1.00 56.77 ? 2001 HOH A O   1 
HETATM 1212 O O   . HOH B 2 .   ? -15.809 -1.727  9.302   1.00 65.35 ? 2002 HOH A O   1 
HETATM 1213 O O   . HOH B 2 .   ? -13.253 -4.740  9.745   1.00 32.24 ? 2003 HOH A O   1 
HETATM 1214 O O   . HOH B 2 .   ? -10.637 -4.798  8.883   1.00 23.55 ? 2004 HOH A O   1 
HETATM 1215 O O   . HOH B 2 .   ? -11.899 -7.889  3.428   1.00 32.11 ? 2005 HOH A O   1 
HETATM 1216 O O   . HOH B 2 .   ? -9.829  0.001   -0.216  1.00 33.44 ? 2006 HOH A O   1 
HETATM 1217 O O   . HOH B 2 .   ? -11.337 5.278   3.479   1.00 26.61 ? 2007 HOH A O   1 
HETATM 1218 O O   . HOH B 2 .   ? -4.544  4.094   6.401   1.00 24.65 ? 2008 HOH A O   1 
HETATM 1219 O O   . HOH B 2 .   ? -13.683 -5.219  12.152  1.00 39.38 ? 2009 HOH A O   1 
HETATM 1220 O O   . HOH B 2 .   ? -11.034 1.927   -1.947  1.00 38.86 ? 2010 HOH A O   1 
HETATM 1221 O O   . HOH B 2 .   ? -11.871 6.418   5.962   1.00 41.78 ? 2011 HOH A O   1 
HETATM 1222 O O   . HOH B 2 .   ? -5.279  29.209  0.019   1.00 47.65 ? 2012 HOH A O   1 
HETATM 1223 O O   . HOH B 2 .   ? -8.633  -1.021  -2.805  1.00 30.86 ? 2013 HOH A O   1 
HETATM 1224 O O   . HOH B 2 .   ? -6.332  11.866  -10.130 1.00 26.43 ? 2014 HOH A O   1 
HETATM 1225 O O   . HOH B 2 .   ? -2.608  13.151  -11.798 1.00 40.28 ? 2015 HOH A O   1 
HETATM 1226 O O   . HOH B 2 .   ? -3.031  9.695   -11.208 1.00 33.47 ? 2016 HOH A O   1 
HETATM 1227 O O   . HOH B 2 .   ? -7.002  14.036  -8.339  1.00 31.96 ? 2017 HOH A O   1 
HETATM 1228 O O   . HOH B 2 .   ? -10.406 6.054   -1.788  1.00 43.26 ? 2018 HOH A O   1 
HETATM 1229 O O   . HOH B 2 .   ? -10.626 7.357   2.403   1.00 34.54 ? 2019 HOH A O   1 
HETATM 1230 O O   . HOH B 2 .   ? -7.689  11.911  -3.314  1.00 20.51 ? 2020 HOH A O   1 
HETATM 1231 O O   . HOH B 2 .   ? -3.301  19.918  -9.197  1.00 32.99 ? 2021 HOH A O   1 
HETATM 1232 O O   . HOH B 2 .   ? 4.598   15.381  -14.094 1.00 58.25 ? 2022 HOH A O   1 
HETATM 1233 O O   . HOH B 2 .   ? 0.300   16.066  3.805   1.00 33.38 ? 2023 HOH A O   1 
HETATM 1234 O O   . HOH B 2 .   ? -4.532  21.967  -4.566  1.00 37.54 ? 2024 HOH A O   1 
HETATM 1235 O O   . HOH B 2 .   ? -0.388  25.713  0.276   1.00 37.47 ? 2025 HOH A O   1 
HETATM 1236 O O   . HOH B 2 .   ? -3.265  28.227  -1.979  1.00 37.65 ? 2026 HOH A O   1 
HETATM 1237 O O   . HOH B 2 .   ? -2.171  23.736  0.830   1.00 41.73 ? 2027 HOH A O   1 
HETATM 1238 O O   . HOH B 2 .   ? -5.270  23.904  -2.393  1.00 47.57 ? 2028 HOH A O   1 
HETATM 1239 O O   . HOH B 2 .   ? -1.018  21.494  0.670   1.00 35.08 ? 2029 HOH A O   1 
HETATM 1240 O O   . HOH B 2 .   ? -3.687  11.707  -9.644  1.00 23.52 ? 2030 HOH A O   1 
HETATM 1241 O O   . HOH B 2 .   ? -9.124  9.774   -4.207  1.00 24.10 ? 2031 HOH A O   1 
HETATM 1242 O O   . HOH B 2 .   ? 9.865   -16.204 4.193   1.00 63.07 ? 2032 HOH A O   1 
HETATM 1243 O O   . HOH B 2 .   ? -8.839  -16.541 -3.602  1.00 39.54 ? 2033 HOH A O   1 
HETATM 1244 O O   . HOH B 2 .   ? 17.463  6.219   1.826   1.00 55.73 ? 2034 HOH A O   1 
HETATM 1245 O O   . HOH B 2 .   ? -6.560  13.769  -5.550  1.00 27.37 ? 2035 HOH A O   1 
HETATM 1246 O O   . HOH B 2 .   ? 3.938   6.987   11.952  1.00 47.27 ? 2036 HOH A O   1 
HETATM 1247 O O   . HOH B 2 .   ? -6.060  10.496  5.427   1.00 32.38 ? 2037 HOH A O   1 
HETATM 1248 O O   . HOH B 2 .   ? -6.064  9.242   7.833   1.00 33.61 ? 2038 HOH A O   1 
HETATM 1249 O O   . HOH B 2 .   ? -1.754  5.830   -11.407 1.00 34.94 ? 2039 HOH A O   1 
HETATM 1250 O O   . HOH B 2 .   ? -3.572  7.318   -7.946  1.00 30.24 ? 2040 HOH A O   1 
HETATM 1251 O O   . HOH B 2 .   ? 1.466   9.252   -11.247 1.00 30.22 ? 2041 HOH A O   1 
HETATM 1252 O O   . HOH B 2 .   ? 3.390   3.346   14.616  1.00 59.22 ? 2042 HOH A O   1 
HETATM 1253 O O   . HOH B 2 .   ? 1.962   -0.614  13.820  1.00 44.43 ? 2043 HOH A O   1 
HETATM 1254 O O   . HOH B 2 .   ? 6.680   10.945  -21.269 1.00 41.35 ? 2044 HOH A O   1 
HETATM 1255 O O   . HOH B 2 .   ? -0.652  19.343  -10.822 1.00 50.39 ? 2045 HOH A O   1 
HETATM 1256 O O   . HOH B 2 .   ? -3.351  18.513  -7.063  1.00 22.25 ? 2046 HOH A O   1 
HETATM 1257 O O   . HOH B 2 .   ? -8.951  9.370   11.165  1.00 52.67 ? 2047 HOH A O   1 
HETATM 1258 O O   . HOH B 2 .   ? 2.995   20.626  -11.462 1.00 50.25 ? 2048 HOH A O   1 
HETATM 1259 O O   . HOH B 2 .   ? 3.914   18.112  -12.173 1.00 44.64 ? 2049 HOH A O   1 
HETATM 1260 O O   . HOH B 2 .   ? 2.057   -6.648  10.241  1.00 42.68 ? 2050 HOH A O   1 
HETATM 1261 O O   . HOH B 2 .   ? -10.697 -17.822 -5.150  1.00 50.00 ? 2051 HOH A O   1 
HETATM 1262 O O   . HOH B 2 .   ? -2.497  20.053  -4.882  1.00 20.76 ? 2052 HOH A O   1 
HETATM 1263 O O   . HOH B 2 .   ? -2.101  -2.982  17.838  1.00 45.47 ? 2053 HOH A O   1 
HETATM 1264 O O   . HOH B 2 .   ? 0.268   -2.987  16.358  1.00 57.59 ? 2054 HOH A O   1 
HETATM 1265 O O   . HOH B 2 .   ? 0.968   23.347  -8.959  1.00 22.78 ? 2055 HOH A O   1 
HETATM 1266 O O   . HOH B 2 .   ? 5.818   22.929  -8.598  1.00 25.38 ? 2056 HOH A O   1 
HETATM 1267 O O   . HOH B 2 .   ? 8.567   26.697  -4.578  1.00 21.02 ? 2057 HOH A O   1 
HETATM 1268 O O   . HOH B 2 .   ? -2.546  25.561  -1.378  1.00 39.09 ? 2058 HOH A O   1 
HETATM 1269 O O   . HOH B 2 .   ? 1.788   21.946  0.737   1.00 29.72 ? 2059 HOH A O   1 
HETATM 1270 O O   . HOH B 2 .   ? -1.872  -32.147 -0.040  1.00 45.62 ? 2060 HOH A O   1 
HETATM 1271 O O   . HOH B 2 .   ? 6.090   22.694  4.690   1.00 46.32 ? 2061 HOH A O   1 
HETATM 1272 O O   . HOH B 2 .   ? 8.581   26.140  0.433   1.00 35.51 ? 2062 HOH A O   1 
HETATM 1273 O O   . HOH B 2 .   ? 6.803   26.241  4.476   1.00 46.66 ? 2063 HOH A O   1 
HETATM 1274 O O   . HOH B 2 .   ? 9.228   21.656  1.964   1.00 39.31 ? 2064 HOH A O   1 
HETATM 1275 O O   . HOH B 2 .   ? 7.356   -17.623 2.344   1.00 50.98 ? 2065 HOH A O   1 
HETATM 1276 O O   . HOH B 2 .   ? -8.486  -18.599 -1.631  1.00 40.44 ? 2066 HOH A O   1 
HETATM 1277 O O   . HOH B 2 .   ? 8.229   13.476  1.902   1.00 35.73 ? 2067 HOH A O   1 
HETATM 1278 O O   . HOH B 2 .   ? 2.816   -9.082  6.635   1.00 35.65 ? 2068 HOH A O   1 
HETATM 1279 O O   . HOH B 2 .   ? 11.640  21.140  2.654   1.00 49.35 ? 2069 HOH A O   1 
HETATM 1280 O O   . HOH B 2 .   ? 1.120   -8.354  8.799   1.00 48.34 ? 2070 HOH A O   1 
HETATM 1281 O O   . HOH B 2 .   ? 0.982   -10.836 10.295  1.00 62.21 ? 2071 HOH A O   1 
HETATM 1282 O O   . HOH B 2 .   ? 4.799   -7.886  6.428   1.00 48.64 ? 2072 HOH A O   1 
HETATM 1283 O O   . HOH B 2 .   ? 9.348   -7.756  -1.157  1.00 54.30 ? 2073 HOH A O   1 
HETATM 1284 O O   . HOH B 2 .   ? 9.133   -4.164  2.373   1.00 41.01 ? 2074 HOH A O   1 
HETATM 1285 O O   . HOH B 2 .   ? 8.312   17.795  8.202   1.00 56.29 ? 2075 HOH A O   1 
HETATM 1286 O O   . HOH B 2 .   ? 5.765   20.180  4.988   1.00 41.78 ? 2076 HOH A O   1 
HETATM 1287 O O   . HOH B 2 .   ? 14.017  3.830   0.987   1.00 51.96 ? 2077 HOH A O   1 
HETATM 1288 O O   . HOH B 2 .   ? 16.640  6.582   -2.001  1.00 41.63 ? 2078 HOH A O   1 
HETATM 1289 O O   . HOH B 2 .   ? 9.867   9.720   5.933   1.00 41.21 ? 2079 HOH A O   1 
HETATM 1290 O O   . HOH B 2 .   ? 5.099   8.248   10.133  1.00 36.78 ? 2080 HOH A O   1 
HETATM 1291 O O   . HOH B 2 .   ? 19.994  10.999  -4.605  1.00 43.08 ? 2081 HOH A O   1 
HETATM 1292 O O   . HOH B 2 .   ? -3.927  11.897  5.339   1.00 36.94 ? 2082 HOH A O   1 
HETATM 1293 O O   . HOH B 2 .   ? -3.088  9.539   9.245   1.00 40.63 ? 2083 HOH A O   1 
HETATM 1294 O O   . HOH B 2 .   ? 0.391   14.810  7.249   1.00 53.10 ? 2084 HOH A O   1 
HETATM 1295 O O   . HOH B 2 .   ? 21.244  12.461  -7.114  1.00 49.76 ? 2085 HOH A O   1 
HETATM 1296 O O   . HOH B 2 .   ? 16.336  20.739  0.595   1.00 44.10 ? 2086 HOH A O   1 
HETATM 1297 O O   . HOH B 2 .   ? 8.374   2.570   7.371   1.00 56.31 ? 2087 HOH A O   1 
HETATM 1298 O O   . HOH B 2 .   ? 7.588   8.531   10.075  1.00 43.45 ? 2088 HOH A O   1 
HETATM 1299 O O   . HOH B 2 .   ? 6.984   3.203   13.917  1.00 65.11 ? 2089 HOH A O   1 
HETATM 1300 O O   . HOH B 2 .   ? 16.766  15.735  -14.306 1.00 40.28 ? 2090 HOH A O   1 
HETATM 1301 O O   . HOH B 2 .   ? 7.008   15.472  -20.934 1.00 44.41 ? 2091 HOH A O   1 
HETATM 1302 O O   . HOH B 2 .   ? 3.624   21.976  -15.001 1.00 44.88 ? 2092 HOH A O   1 
HETATM 1303 O O   . HOH B 2 .   ? -0.119  4.585   11.936  1.00 32.91 ? 2093 HOH A O   1 
HETATM 1304 O O   . HOH B 2 .   ? 3.762   13.201  -16.737 1.00 47.15 ? 2094 HOH A O   1 
HETATM 1305 O O   . HOH B 2 .   ? 5.851   9.434   -19.114 1.00 44.07 ? 2095 HOH A O   1 
HETATM 1306 O O   . HOH B 2 .   ? 3.670   -1.987  9.413   1.00 42.54 ? 2096 HOH A O   1 
HETATM 1307 O O   . HOH B 2 .   ? 1.435   -2.030  11.356  1.00 29.98 ? 2097 HOH A O   1 
HETATM 1308 O O   . HOH B 2 .   ? 6.936   0.962   9.050   1.00 41.51 ? 2098 HOH A O   1 
HETATM 1309 O O   . HOH B 2 .   ? 2.939   4.618   12.276  1.00 46.32 ? 2099 HOH A O   1 
HETATM 1310 O O   . HOH B 2 .   ? 1.686   2.263   -16.275 1.00 37.55 ? 2100 HOH A O   1 
HETATM 1311 O O   . HOH B 2 .   ? -2.813  6.946   9.939   1.00 46.95 ? 2101 HOH A O   1 
HETATM 1312 O O   . HOH B 2 .   ? -7.885  6.186   11.731  1.00 46.40 ? 2102 HOH A O   1 
HETATM 1313 O O   . HOH B 2 .   ? -8.121  1.967   11.343  1.00 49.01 ? 2103 HOH A O   1 
HETATM 1314 O O   . HOH B 2 .   ? -7.179  3.261   13.949  1.00 53.68 ? 2104 HOH A O   1 
HETATM 1315 O O   . HOH B 2 .   ? -2.616  -4.428  -13.611 1.00 38.99 ? 2105 HOH A O   1 
HETATM 1316 O O   . HOH B 2 .   ? -2.297  -6.345  -17.186 1.00 51.45 ? 2106 HOH A O   1 
HETATM 1317 O O   . HOH B 2 .   ? 11.432  -3.188  -5.769  1.00 46.91 ? 2107 HOH A O   1 
HETATM 1318 O O   . HOH B 2 .   ? -4.216  -9.825  -10.708 1.00 52.04 ? 2108 HOH A O   1 
HETATM 1319 O O   . HOH B 2 .   ? 0.909   -4.602  11.991  1.00 33.68 ? 2109 HOH A O   1 
HETATM 1320 O O   . HOH B 2 .   ? -5.259  0.832   17.050  1.00 35.72 ? 2110 HOH A O   1 
HETATM 1321 O O   . HOH B 2 .   ? -1.361  2.637   13.280  1.00 43.06 ? 2111 HOH A O   1 
HETATM 1322 O O   . HOH B 2 .   ? -12.788 -4.521  -6.590  1.00 38.94 ? 2112 HOH A O   1 
HETATM 1323 O O   . HOH B 2 .   ? -8.696  -7.482  -11.642 1.00 49.36 ? 2113 HOH A O   1 
HETATM 1324 O O   . HOH B 2 .   ? -9.347  -4.730  11.471  1.00 21.79 ? 2114 HOH A O   1 
HETATM 1325 O O   . HOH B 2 .   ? -8.100  -15.419 -7.720  1.00 48.22 ? 2115 HOH A O   1 
HETATM 1326 O O   . HOH B 2 .   ? -13.577 -1.135  -3.046  1.00 35.21 ? 2116 HOH A O   1 
HETATM 1327 O O   . HOH B 2 .   ? -14.514 -11.838 -3.682  1.00 53.34 ? 2117 HOH A O   1 
HETATM 1328 O O   . HOH B 2 .   ? -13.108 -16.364 -5.348  1.00 53.00 ? 2118 HOH A O   1 
HETATM 1329 O O   . HOH B 2 .   ? -3.518  -12.113 12.012  1.00 31.47 ? 2119 HOH A O   1 
HETATM 1330 O O   . HOH B 2 .   ? -3.824  -4.435  16.841  1.00 35.58 ? 2120 HOH A O   1 
HETATM 1331 O O   . HOH B 2 .   ? -4.987  -8.716  17.395  1.00 44.13 ? 2121 HOH A O   1 
HETATM 1332 O O   . HOH B 2 .   ? 0.092   -5.263  14.461  1.00 33.32 ? 2122 HOH A O   1 
HETATM 1333 O O   . HOH B 2 .   ? -13.060 -21.825 -2.347  1.00 53.79 ? 2123 HOH A O   1 
HETATM 1334 O O   . HOH B 2 .   ? -16.272 -9.974  8.009   1.00 43.71 ? 2124 HOH A O   1 
HETATM 1335 O O   . HOH B 2 .   ? -14.015 -10.822 3.574   1.00 40.21 ? 2125 HOH A O   1 
HETATM 1336 O O   . HOH B 2 .   ? -7.468  -9.282  16.818  1.00 46.86 ? 2126 HOH A O   1 
HETATM 1337 O O   . HOH B 2 .   ? -14.384 -8.246  11.877  1.00 51.05 ? 2127 HOH A O   1 
HETATM 1338 O O   . HOH B 2 .   ? -11.222 -5.904  12.977  1.00 38.29 ? 2128 HOH A O   1 
HETATM 1339 O O   . HOH B 2 .   ? -9.363  -7.923  17.536  1.00 23.95 ? 2129 HOH A O   1 
HETATM 1340 O O   . HOH B 2 .   ? -15.545 -10.116 14.794  1.00 21.63 ? 2130 HOH A O   1 
HETATM 1341 O O   . HOH B 2 .   ? -13.100 -20.758 13.696  1.00 39.40 ? 2131 HOH A O   1 
HETATM 1342 O O   . HOH B 2 .   ? -3.968  -14.759 12.548  1.00 43.67 ? 2132 HOH A O   1 
HETATM 1343 O O   . HOH B 2 .   ? -6.333  -16.730 15.306  1.00 40.84 ? 2133 HOH A O   1 
HETATM 1344 O O   . HOH B 2 .   ? -14.835 -18.575 18.195  1.00 38.43 ? 2134 HOH A O   1 
HETATM 1345 O O   . HOH B 2 .   ? -18.990 -11.594 12.877  1.00 48.35 ? 2135 HOH A O   1 
HETATM 1346 O O   . HOH B 2 .   ? -19.581 -17.973 14.865  1.00 55.95 ? 2136 HOH A O   1 
HETATM 1347 O O   . HOH B 2 .   ? -19.898 -23.040 6.331   1.00 57.72 ? 2137 HOH A O   1 
HETATM 1348 O O   . HOH B 2 .   ? 0.035   -30.630 -0.042  1.00 50.38 ? 2138 HOH A O   1 
HETATM 1349 O O   . HOH B 2 .   ? -0.698  -27.549 3.451   1.00 52.29 ? 2139 HOH A O   1 
HETATM 1350 O O   . HOH B 2 .   ? -0.575  -22.316 7.959   1.00 44.30 ? 2140 HOH A O   1 
HETATM 1351 O O   . HOH B 2 .   ? -6.121  -17.648 1.508   1.00 34.83 ? 2141 HOH A O   1 
HETATM 1352 O O   . HOH B 2 .   ? -0.341  -19.291 8.363   1.00 52.34 ? 2142 HOH A O   1 
HETATM 1353 O O   . HOH B 2 .   ? 5.109   -24.009 2.179   1.00 30.66 ? 2143 HOH A O   1 
HETATM 1354 O O   . HOH B 2 .   ? 7.400   -20.538 1.624   1.00 31.26 ? 2144 HOH A O   1 
HETATM 1355 O O   . HOH B 2 .   ? -0.218  -22.632 -1.358  1.00 55.67 ? 2145 HOH A O   1 
HETATM 1356 O O   . HOH B 2 .   ? -0.859  -15.788 -1.682  1.00 29.68 ? 2146 HOH A O   1 
HETATM 1357 O O   . HOH B 2 .   ? -5.839  -18.352 -0.958  1.00 32.81 ? 2147 HOH A O   1 
HETATM 1358 O O   . HOH B 2 .   ? 3.131   -11.937 6.759   1.00 51.92 ? 2148 HOH A O   1 
HETATM 1359 O O   . HOH B 2 .   ? 4.629   -12.418 0.082   1.00 29.93 ? 2149 HOH A O   1 
HETATM 1360 O O   . HOH B 2 .   ? -1.343  -9.347  -2.033  1.00 30.93 ? 2150 HOH A O   1 
HETATM 1361 O O   . HOH B 2 .   ? -1.463  -12.024 10.102  1.00 37.40 ? 2151 HOH A O   1 
HETATM 1362 O O   . HOH B 2 .   ? -1.206  -7.507  8.096   1.00 40.43 ? 2152 HOH A O   1 
HETATM 1363 O O   . HOH B 2 .   ? 5.764   -6.946  4.122   1.00 43.16 ? 2153 HOH A O   1 
HETATM 1364 O O   . HOH B 2 .   ? 7.961   -10.801 -2.841  1.00 43.58 ? 2154 HOH A O   1 
HETATM 1365 O O   . HOH B 2 .   ? 6.597   -8.911  -2.038  1.00 38.09 ? 2155 HOH A O   1 
HETATM 1366 O O   . HOH B 2 .   ? 5.983   -14.191 -6.112  1.00 27.79 ? 2156 HOH A O   1 
HETATM 1367 O O   . HOH B 2 .   ? 6.268   -9.909  0.224   1.00 35.05 ? 2157 HOH A O   1 
HETATM 1368 O O   . HOH B 2 .   ? 5.488   -2.562  5.094   1.00 46.75 ? 2158 HOH A O   1 
HETATM 1369 O O   . HOH B 2 .   ? 7.178   -4.560  3.884   1.00 49.76 ? 2159 HOH A O   1 
HETATM 1370 O O   . HOH B 2 .   ? 3.795   -1.209  -5.227  1.00 28.29 ? 2160 HOH A O   1 
HETATM 1371 O O   . HOH B 2 .   ? 5.809   -6.744  -3.530  1.00 28.40 ? 2161 HOH A O   1 
HETATM 1372 O O   . HOH B 2 .   ? 8.598   0.027   6.363   1.00 61.29 ? 2162 HOH A O   1 
HETATM 1373 O O   . HOH B 2 .   ? 11.884  1.386   0.789   1.00 44.05 ? 2163 HOH A O   1 
HETATM 1374 O O   . HOH B 2 .   ? 11.425  0.004   -1.196  1.00 52.87 ? 2164 HOH A O   1 
HETATM 1375 O O   . HOH B 2 .   ? 8.490   -5.517  -3.505  1.00 41.13 ? 2165 HOH A O   1 
HETATM 1376 O O   . HOH B 2 .   ? 10.319  1.439   -5.031  1.00 25.51 ? 2166 HOH A O   1 
HETATM 1377 O O   . HOH B 2 .   ? 9.432   -3.324  -0.116  1.00 36.36 ? 2167 HOH A O   1 
HETATM 1378 O O   . HOH B 2 .   ? 13.294  6.231   4.846   1.00 50.51 ? 2168 HOH A O   1 
HETATM 1379 O O   . HOH B 2 .   ? 14.485  4.922   -1.344  1.00 36.94 ? 2169 HOH A O   1 
HETATM 1380 O O   . HOH B 2 .   ? 11.754  5.969   -12.300 1.00 31.64 ? 2170 HOH A O   1 
HETATM 1381 O O   . HOH B 2 .   ? 9.562   12.461  -0.439  1.00 37.92 ? 2171 HOH A O   1 
HETATM 1382 O O   . HOH B 2 .   ? 15.695  11.239  0.433   1.00 45.14 ? 2172 HOH A O   1 
HETATM 1383 O O   . HOH B 2 .   ? 12.690  2.981   -5.886  1.00 51.01 ? 2173 HOH A O   1 
HETATM 1384 O O   . HOH B 2 .   ? 17.930  9.791   -4.220  1.00 35.16 ? 2174 HOH A O   1 
HETATM 1385 O O   . HOH B 2 .   ? 16.924  18.301  4.895   1.00 59.39 ? 2175 HOH A O   1 
HETATM 1386 O O   . HOH B 2 .   ? 20.398  14.356  -1.926  1.00 38.24 ? 2176 HOH A O   1 
HETATM 1387 O O   . HOH B 2 .   ? 13.460  10.524  -8.590  1.00 24.77 ? 2177 HOH A O   1 
HETATM 1388 O O   . HOH B 2 .   ? 20.021  14.544  -8.452  1.00 37.61 ? 2178 HOH A O   1 
HETATM 1389 O O   . HOH B 2 .   ? 17.451  21.780  -5.102  1.00 52.50 ? 2179 HOH A O   1 
HETATM 1390 O O   . HOH B 2 .   ? 21.505  20.835  -4.141  1.00 44.20 ? 2180 HOH A O   1 
HETATM 1391 O O   . HOH B 2 .   ? 18.799  21.659  -1.697  1.00 30.50 ? 2181 HOH A O   1 
HETATM 1392 O O   . HOH B 2 .   ? 22.109  26.912  -9.059  1.00 44.05 ? 2182 HOH A O   1 
HETATM 1393 O O   . HOH B 2 .   ? 19.574  26.422  -11.863 1.00 44.25 ? 2183 HOH A O   1 
HETATM 1394 O O   . HOH B 2 .   ? 14.575  25.927  -12.172 1.00 22.24 ? 2184 HOH A O   1 
HETATM 1395 O O   . HOH B 2 .   ? 15.752  21.682  -7.926  1.00 22.07 ? 2185 HOH A O   1 
HETATM 1396 O O   . HOH B 2 .   ? 21.980  17.172  -11.635 1.00 56.57 ? 2186 HOH A O   1 
HETATM 1397 O O   . HOH B 2 .   ? 16.951  24.094  -15.025 1.00 26.88 ? 2187 HOH A O   1 
HETATM 1398 O O   . HOH B 2 .   ? 14.453  17.105  -13.906 1.00 23.51 ? 2188 HOH A O   1 
HETATM 1399 O O   . HOH B 2 .   ? 6.734   21.499  -13.774 1.00 45.81 ? 2189 HOH A O   1 
HETATM 1400 O O   . HOH B 2 .   ? 6.912   17.668  -19.545 1.00 44.13 ? 2190 HOH A O   1 
HETATM 1401 O O   . HOH B 2 .   ? 14.122  14.513  -21.191 1.00 52.73 ? 2191 HOH A O   1 
HETATM 1402 O O   . HOH B 2 .   ? 12.378  10.680  -11.075 1.00 20.58 ? 2192 HOH A O   1 
HETATM 1403 O O   . HOH B 2 .   ? 4.951   10.607  -16.824 1.00 25.61 ? 2193 HOH A O   1 
HETATM 1404 O O   . HOH B 2 .   ? 14.499  6.873   -15.762 1.00 49.93 ? 2194 HOH A O   1 
HETATM 1405 O O   . HOH B 2 .   ? 8.679   8.348   -18.078 1.00 39.26 ? 2195 HOH A O   1 
HETATM 1406 O O   . HOH B 2 .   ? 6.255   4.167   -18.977 1.00 52.11 ? 2196 HOH A O   1 
HETATM 1407 O O   . HOH B 2 .   ? 3.311   4.267   -16.630 1.00 33.43 ? 2197 HOH A O   1 
HETATM 1408 O O   . HOH B 2 .   ? 5.614   6.703   -19.596 1.00 48.77 ? 2198 HOH A O   1 
HETATM 1409 O O   . HOH B 2 .   ? -1.996  3.233   -12.076 1.00 24.45 ? 2199 HOH A O   1 
HETATM 1410 O O   . HOH B 2 .   ? 1.104   11.517  -16.313 1.00 64.16 ? 2200 HOH A O   1 
HETATM 1411 O O   . HOH B 2 .   ? 2.634   6.776   -17.731 1.00 47.53 ? 2201 HOH A O   1 
HETATM 1412 O O   . HOH B 2 .   ? -7.267  1.796   -12.142 1.00 26.64 ? 2202 HOH A O   1 
HETATM 1413 O O   . HOH B 2 .   ? -1.037  -3.347  -16.987 1.00 58.38 ? 2203 HOH A O   1 
HETATM 1414 O O   . HOH B 2 .   ? -3.779  -3.149  -11.382 1.00 29.16 ? 2204 HOH A O   1 
HETATM 1415 O O   . HOH B 2 .   ? 9.797   -0.968  -6.478  1.00 25.93 ? 2205 HOH A O   1 
HETATM 1416 O O   . HOH B 2 .   ? 0.142   -5.282  -13.613 1.00 40.00 ? 2206 HOH A O   1 
HETATM 1417 O O   . HOH B 2 .   ? -5.926  -8.942  -8.728  1.00 28.62 ? 2207 HOH A O   1 
HETATM 1418 O O   . HOH B 2 .   ? 1.730   -4.798  -11.779 1.00 25.92 ? 2208 HOH A O   1 
HETATM 1419 O O   . HOH B 2 .   ? -1.818  -10.900 -6.659  1.00 41.09 ? 2209 HOH A O   1 
HETATM 1420 O O   . HOH B 2 .   ? -11.303 -8.499  -4.948  1.00 37.01 ? 2210 HOH A O   1 
HETATM 1421 O O   . HOH B 2 .   ? -7.321  -6.560  -9.776  1.00 39.40 ? 2211 HOH A O   1 
HETATM 1422 O O   . HOH B 2 .   ? -10.723 -2.865  -6.319  1.00 24.61 ? 2212 HOH A O   1 
HETATM 1423 O O   . HOH B 2 .   ? -6.748  -12.993 -7.850  1.00 47.54 ? 2213 HOH A O   1 
HETATM 1424 O O   . HOH B 2 .   ? -12.642 -2.217  -0.649  1.00 45.73 ? 2214 HOH A O   1 
HETATM 1425 O O   . HOH B 2 .   ? -12.753 -9.790  1.607   1.00 37.83 ? 2215 HOH A O   1 
HETATM 1426 O O   . HOH B 2 .   ? -8.725  -3.684  -3.163  1.00 33.89 ? 2216 HOH A O   1 
HETATM 1427 O O   . HOH B 2 .   ? -13.622 -14.066 -3.582  1.00 44.97 ? 2217 HOH A O   1 
HETATM 1428 O O   . HOH B 2 .   ? -7.856  -10.626 -7.849  1.00 32.44 ? 2218 HOH A O   1 
HETATM 1429 O O   . HOH B 2 .   ? -8.806  -18.016 1.064   1.00 35.60 ? 2219 HOH A O   1 
HETATM 1430 O O   . HOH B 2 .   ? -14.194 -15.401 4.262   1.00 40.44 ? 2220 HOH A O   1 
HETATM 1431 O O   . HOH B 2 .   ? -5.905  -20.803 10.603  1.00 59.89 ? 2221 HOH A O   1 
HETATM 1432 O O   . HOH B 2 .   ? -15.855 -17.700 3.387   1.00 37.95 ? 2222 HOH A O   1 
HETATM 1433 O O   . HOH B 2 .   ? -13.451 -21.796 0.362   1.00 64.75 ? 2223 HOH A O   1 
# 
loop_
_pdbx_poly_seq_scheme.asym_id 
_pdbx_poly_seq_scheme.entity_id 
_pdbx_poly_seq_scheme.seq_id 
_pdbx_poly_seq_scheme.mon_id 
_pdbx_poly_seq_scheme.ndb_seq_num 
_pdbx_poly_seq_scheme.pdb_seq_num 
_pdbx_poly_seq_scheme.auth_seq_num 
_pdbx_poly_seq_scheme.pdb_mon_id 
_pdbx_poly_seq_scheme.auth_mon_id 
_pdbx_poly_seq_scheme.pdb_strand_id 
_pdbx_poly_seq_scheme.pdb_ins_code 
_pdbx_poly_seq_scheme.hetero 
A 1 1   LYS 1   1   ?   ?   ?   A . n 
A 1 2   VAL 2   2   ?   ?   ?   A . n 
A 1 3   GLU 3   3   ?   ?   ?   A . n 
A 1 4   GLN 4   4   ?   ?   ?   A . n 
A 1 5   ALA 5   5   ?   ?   ?   A . n 
A 1 6   VAL 6   6   ?   ?   ?   A . n 
A 1 7   GLU 7   7   ?   ?   ?   A . n 
A 1 8   THR 8   8   ?   ?   ?   A . n 
A 1 9   GLU 9   9   ?   ?   ?   A . n 
A 1 10  PRO 10  10  ?   ?   ?   A . n 
A 1 11  GLU 11  11  ?   ?   ?   A . n 
A 1 12  PRO 12  12  ?   ?   ?   A . n 
A 1 13  GLU 13  13  ?   ?   ?   A . n 
A 1 14  LEU 14  14  ?   ?   ?   A . n 
A 1 15  ARG 15  15  ?   ?   ?   A . n 
A 1 16  GLN 16  16  ?   ?   ?   A . n 
A 1 17  GLN 17  17  ?   ?   ?   A . n 
A 1 18  THR 18  18  ?   ?   ?   A . n 
A 1 19  GLU 19  19  ?   ?   ?   A . n 
A 1 20  TRP 20  20  ?   ?   ?   A . n 
A 1 21  GLN 21  21  ?   ?   ?   A . n 
A 1 22  SER 22  22  22  SER SER A . n 
A 1 23  GLY 23  23  23  GLY GLY A . n 
A 1 24  GLN 24  24  24  GLN GLN A . n 
A 1 25  ARG 25  25  25  ARG ARG A . n 
A 1 26  TRP 26  26  26  TRP TRP A . n 
A 1 27  GLU 27  27  27  GLU GLU A . n 
A 1 28  LEU 28  28  28  LEU LEU A . n 
A 1 29  ALA 29  29  29  ALA ALA A . n 
A 1 30  LEU 30  30  30  LEU LEU A . n 
A 1 31  GLY 31  31  31  GLY GLY A . n 
A 1 32  ARG 32  32  32  ARG ARG A . n 
A 1 33  PHE 33  33  33  PHE PHE A . n 
A 1 34  TRP 34  34  34  TRP TRP A . n 
A 1 35  ASP 35  35  35  ASP ASP A . n 
A 1 36  TYR 36  36  36  TYR TYR A . n 
A 1 37  LEU 37  37  37  LEU LEU A . n 
A 1 38  ARG 38  38  38  ARG ARG A . n 
A 1 39  TRP 39  39  39  TRP TRP A . n 
A 1 40  VAL 40  40  40  VAL VAL A . n 
A 1 41  GLN 41  41  41  GLN GLN A . n 
A 1 42  THR 42  42  42  THR THR A . n 
A 1 43  LEU 43  43  43  LEU LEU A . n 
A 1 44  SER 44  44  44  SER SER A . n 
A 1 45  GLU 45  45  45  GLU GLU A . n 
A 1 46  GLN 46  46  46  GLN GLN A . n 
A 1 47  VAL 47  47  47  VAL VAL A . n 
A 1 48  GLN 48  48  48  GLN GLN A . n 
A 1 49  GLU 49  49  49  GLU GLU A . n 
A 1 50  GLU 50  50  50  GLU GLU A . n 
A 1 51  LEU 51  51  51  LEU LEU A . n 
A 1 52  LEU 52  52  52  LEU LEU A . n 
A 1 53  SER 53  53  53  SER SER A . n 
A 1 54  SER 54  54  54  SER SER A . n 
A 1 55  GLN 55  55  55  GLN GLN A . n 
A 1 56  VAL 56  56  56  VAL VAL A . n 
A 1 57  THR 57  57  57  THR THR A . n 
A 1 58  GLN 58  58  58  GLN GLN A . n 
A 1 59  GLU 59  59  59  GLU GLU A . n 
A 1 60  LEU 60  60  60  LEU LEU A . n 
A 1 61  ARG 61  61  61  ARG ARG A . n 
A 1 62  ALA 62  62  62  ALA ALA A . n 
A 1 63  LEU 63  63  63  LEU LEU A . n 
A 1 64  MET 64  64  64  MET MET A . n 
A 1 65  ASP 65  65  65  ASP ASP A . n 
A 1 66  GLU 66  66  66  GLU GLU A . n 
A 1 67  THR 67  67  67  THR THR A . n 
A 1 68  MET 68  68  68  MET MET A . n 
A 1 69  LYS 69  69  69  LYS LYS A . n 
A 1 70  GLU 70  70  70  GLU GLU A . n 
A 1 71  LEU 71  71  71  LEU LEU A . n 
A 1 72  LYS 72  72  72  LYS LYS A . n 
A 1 73  ALA 73  73  73  ALA ALA A . n 
A 1 74  TYR 74  74  74  TYR TYR A . n 
A 1 75  LYS 75  75  75  LYS LYS A . n 
A 1 76  SER 76  76  76  SER SER A . n 
A 1 77  GLU 77  77  77  GLU GLU A . n 
A 1 78  LEU 78  78  78  LEU LEU A . n 
A 1 79  GLU 79  79  79  GLU GLU A . n 
A 1 80  GLU 80  80  80  GLU GLU A . n 
A 1 81  GLN 81  81  81  GLN GLN A . n 
A 1 82  LEU 82  82  82  LEU LEU A . n 
A 1 83  THR 83  83  83  THR THR A . n 
A 1 84  PRO 84  84  84  PRO PRO A . n 
A 1 85  VAL 85  85  85  VAL VAL A . n 
A 1 86  ALA 86  86  86  ALA ALA A . n 
A 1 87  GLU 87  87  87  GLU GLU A . n 
A 1 88  GLU 88  88  88  GLU GLU A . n 
A 1 89  THR 89  89  89  THR THR A . n 
A 1 90  ARG 90  90  90  ARG ARG A . n 
A 1 91  ALA 91  91  91  ALA ALA A . n 
A 1 92  ARG 92  92  92  ARG ARG A . n 
A 1 93  LEU 93  93  93  LEU LEU A . n 
A 1 94  SER 94  94  94  SER SER A . n 
A 1 95  LYS 95  95  95  LYS LYS A . n 
A 1 96  GLU 96  96  96  GLU GLU A . n 
A 1 97  LEU 97  97  97  LEU LEU A . n 
A 1 98  GLN 98  98  98  GLN GLN A . n 
A 1 99  ALA 99  99  99  ALA ALA A . n 
A 1 100 ALA 100 100 100 ALA ALA A . n 
A 1 101 GLN 101 101 101 GLN GLN A . n 
A 1 102 ALA 102 102 102 ALA ALA A . n 
A 1 103 ARG 103 103 103 ARG ARG A . n 
A 1 104 LEU 104 104 104 LEU LEU A . n 
A 1 105 GLY 105 105 105 GLY GLY A . n 
A 1 106 ALA 106 106 106 ALA ALA A . n 
A 1 107 ASP 107 107 107 ASP ASP A . n 
A 1 108 MET 108 108 108 MET MET A . n 
A 1 109 GLU 109 109 109 GLU GLU A . n 
A 1 110 ASP 110 110 110 ASP ASP A . n 
A 1 111 VAL 111 111 111 VAL VAL A . n 
A 1 112 ARG 112 112 112 ARG ARG A . n 
A 1 113 GLY 113 113 113 GLY GLY A . n 
A 1 114 ARG 114 114 114 ARG ARG A . n 
A 1 115 LEU 115 115 115 LEU LEU A . n 
A 1 116 VAL 116 116 116 VAL VAL A . n 
A 1 117 GLN 117 117 117 GLN GLN A . n 
A 1 118 TYR 118 118 118 TYR TYR A . n 
A 1 119 ARG 119 119 119 ARG ARG A . n 
A 1 120 GLY 120 120 120 GLY GLY A . n 
A 1 121 GLU 121 121 121 GLU GLU A . n 
A 1 122 VAL 122 122 122 VAL VAL A . n 
A 1 123 GLN 123 123 123 GLN GLN A . n 
A 1 124 ALA 124 124 124 ALA ALA A . n 
A 1 125 MET 125 125 125 MET MET A . n 
A 1 126 LEU 126 126 126 LEU LEU A . n 
A 1 127 GLY 127 127 127 GLY GLY A . n 
A 1 128 GLN 128 128 128 GLN GLN A . n 
A 1 129 SER 129 129 129 SER SER A . n 
A 1 130 THR 130 130 130 THR THR A . n 
A 1 131 GLU 131 131 131 GLU GLU A . n 
A 1 132 GLU 132 132 132 GLU GLU A . n 
A 1 133 LEU 133 133 133 LEU LEU A . n 
A 1 134 ARG 134 134 134 ARG ARG A . n 
A 1 135 VAL 135 135 135 VAL VAL A . n 
A 1 136 ARG 136 136 136 ARG ARG A . n 
A 1 137 LEU 137 137 137 LEU LEU A . n 
A 1 138 ALA 138 138 138 ALA ALA A . n 
A 1 139 SER 139 139 139 SER SER A . n 
A 1 140 HIS 140 140 140 HIS HIS A . n 
A 1 141 LEU 141 141 141 LEU LEU A . n 
A 1 142 ARG 142 142 142 ARG ARG A . n 
A 1 143 LYS 143 143 143 LYS LYS A . n 
A 1 144 LEU 144 144 144 LEU LEU A . n 
A 1 145 ARG 145 145 145 ARG ARG A . n 
A 1 146 LYS 146 146 146 LYS LYS A . n 
A 1 147 ARG 147 147 147 ARG ARG A . n 
A 1 148 LEU 148 148 148 LEU LEU A . n 
A 1 149 LEU 149 149 149 LEU LEU A . n 
A 1 150 ARG 150 150 150 ARG ARG A . n 
A 1 151 ASP 151 151 151 ASP ASP A . n 
A 1 152 ALA 152 152 152 ALA ALA A . n 
A 1 153 ASP 153 153 153 ASP ASP A . n 
A 1 154 ASP 154 154 154 ASP ASP A . n 
A 1 155 LEU 155 155 155 LEU LEU A . n 
A 1 156 GLN 156 156 156 GLN GLN A . n 
A 1 157 LYS 157 157 157 LYS LYS A . n 
A 1 158 ARG 158 158 158 ARG ARG A . n 
A 1 159 LEU 159 159 159 LEU LEU A . n 
A 1 160 ALA 160 160 160 ALA ALA A . n 
A 1 161 VAL 161 161 161 VAL VAL A . n 
A 1 162 TYR 162 162 162 TYR TYR A . n 
A 1 163 GLN 163 163 163 GLN GLN A . n 
A 1 164 ALA 164 164 164 ALA ALA A . n 
A 1 165 GLY 165 165 165 GLY GLY A . n 
# 
loop_
_pdbx_nonpoly_scheme.asym_id 
_pdbx_nonpoly_scheme.entity_id 
_pdbx_nonpoly_scheme.mon_id 
_pdbx_nonpoly_scheme.ndb_seq_num 
_pdbx_nonpoly_scheme.pdb_seq_num 
_pdbx_nonpoly_scheme.auth_seq_num 
_pdbx_nonpoly_scheme.pdb_mon_id 
_pdbx_nonpoly_scheme.auth_mon_id 
_pdbx_nonpoly_scheme.pdb_strand_id 
_pdbx_nonpoly_scheme.pdb_ins_code 
B 2 HOH 1   2001 2001 HOH HOH A . 
B 2 HOH 2   2002 2002 HOH HOH A . 
B 2 HOH 3   2003 2003 HOH HOH A . 
B 2 HOH 4   2004 2004 HOH HOH A . 
B 2 HOH 5   2005 2005 HOH HOH A . 
B 2 HOH 6   2006 2006 HOH HOH A . 
B 2 HOH 7   2007 2007 HOH HOH A . 
B 2 HOH 8   2008 2008 HOH HOH A . 
B 2 HOH 9   2009 2009 HOH HOH A . 
B 2 HOH 10  2010 2010 HOH HOH A . 
B 2 HOH 11  2011 2011 HOH HOH A . 
B 2 HOH 12  2012 2012 HOH HOH A . 
B 2 HOH 13  2013 2013 HOH HOH A . 
B 2 HOH 14  2014 2014 HOH HOH A . 
B 2 HOH 15  2015 2015 HOH HOH A . 
B 2 HOH 16  2016 2016 HOH HOH A . 
B 2 HOH 17  2017 2017 HOH HOH A . 
B 2 HOH 18  2018 2018 HOH HOH A . 
B 2 HOH 19  2019 2019 HOH HOH A . 
B 2 HOH 20  2020 2020 HOH HOH A . 
B 2 HOH 21  2021 2021 HOH HOH A . 
B 2 HOH 22  2022 2022 HOH HOH A . 
B 2 HOH 23  2023 2023 HOH HOH A . 
B 2 HOH 24  2024 2024 HOH HOH A . 
B 2 HOH 25  2025 2025 HOH HOH A . 
B 2 HOH 26  2026 2026 HOH HOH A . 
B 2 HOH 27  2027 2027 HOH HOH A . 
B 2 HOH 28  2028 2028 HOH HOH A . 
B 2 HOH 29  2029 2029 HOH HOH A . 
B 2 HOH 30  2030 2030 HOH HOH A . 
B 2 HOH 31  2031 2031 HOH HOH A . 
B 2 HOH 32  2032 2032 HOH HOH A . 
B 2 HOH 33  2033 2033 HOH HOH A . 
B 2 HOH 34  2034 2034 HOH HOH A . 
B 2 HOH 35  2035 2035 HOH HOH A . 
B 2 HOH 36  2036 2036 HOH HOH A . 
B 2 HOH 37  2037 2037 HOH HOH A . 
B 2 HOH 38  2038 2038 HOH HOH A . 
B 2 HOH 39  2039 2039 HOH HOH A . 
B 2 HOH 40  2040 2040 HOH HOH A . 
B 2 HOH 41  2041 2041 HOH HOH A . 
B 2 HOH 42  2042 2042 HOH HOH A . 
B 2 HOH 43  2043 2043 HOH HOH A . 
B 2 HOH 44  2044 2044 HOH HOH A . 
B 2 HOH 45  2045 2045 HOH HOH A . 
B 2 HOH 46  2046 2046 HOH HOH A . 
B 2 HOH 47  2047 2047 HOH HOH A . 
B 2 HOH 48  2048 2048 HOH HOH A . 
B 2 HOH 49  2049 2049 HOH HOH A . 
B 2 HOH 50  2050 2050 HOH HOH A . 
B 2 HOH 51  2051 2051 HOH HOH A . 
B 2 HOH 52  2052 2052 HOH HOH A . 
B 2 HOH 53  2053 2053 HOH HOH A . 
B 2 HOH 54  2054 2054 HOH HOH A . 
B 2 HOH 55  2055 2055 HOH HOH A . 
B 2 HOH 56  2056 2056 HOH HOH A . 
B 2 HOH 57  2057 2057 HOH HOH A . 
B 2 HOH 58  2058 2058 HOH HOH A . 
B 2 HOH 59  2059 2059 HOH HOH A . 
B 2 HOH 60  2060 2060 HOH HOH A . 
B 2 HOH 61  2061 2061 HOH HOH A . 
B 2 HOH 62  2062 2062 HOH HOH A . 
B 2 HOH 63  2063 2063 HOH HOH A . 
B 2 HOH 64  2064 2064 HOH HOH A . 
B 2 HOH 65  2065 2065 HOH HOH A . 
B 2 HOH 66  2066 2066 HOH HOH A . 
B 2 HOH 67  2067 2067 HOH HOH A . 
B 2 HOH 68  2068 2068 HOH HOH A . 
B 2 HOH 69  2069 2069 HOH HOH A . 
B 2 HOH 70  2070 2070 HOH HOH A . 
B 2 HOH 71  2071 2071 HOH HOH A . 
B 2 HOH 72  2072 2072 HOH HOH A . 
B 2 HOH 73  2073 2073 HOH HOH A . 
B 2 HOH 74  2074 2074 HOH HOH A . 
B 2 HOH 75  2075 2075 HOH HOH A . 
B 2 HOH 76  2076 2076 HOH HOH A . 
B 2 HOH 77  2077 2077 HOH HOH A . 
B 2 HOH 78  2078 2078 HOH HOH A . 
B 2 HOH 79  2079 2079 HOH HOH A . 
B 2 HOH 80  2080 2080 HOH HOH A . 
B 2 HOH 81  2081 2081 HOH HOH A . 
B 2 HOH 82  2082 2082 HOH HOH A . 
B 2 HOH 83  2083 2083 HOH HOH A . 
B 2 HOH 84  2084 2084 HOH HOH A . 
B 2 HOH 85  2085 2085 HOH HOH A . 
B 2 HOH 86  2086 2086 HOH HOH A . 
B 2 HOH 87  2087 2087 HOH HOH A . 
B 2 HOH 88  2088 2088 HOH HOH A . 
B 2 HOH 89  2089 2089 HOH HOH A . 
B 2 HOH 90  2090 2090 HOH HOH A . 
B 2 HOH 91  2091 2091 HOH HOH A . 
B 2 HOH 92  2092 2092 HOH HOH A . 
B 2 HOH 93  2093 2093 HOH HOH A . 
B 2 HOH 94  2094 2094 HOH HOH A . 
B 2 HOH 95  2095 2095 HOH HOH A . 
B 2 HOH 96  2096 2096 HOH HOH A . 
B 2 HOH 97  2097 2097 HOH HOH A . 
B 2 HOH 98  2098 2098 HOH HOH A . 
B 2 HOH 99  2099 2099 HOH HOH A . 
B 2 HOH 100 2100 2100 HOH HOH A . 
B 2 HOH 101 2101 2101 HOH HOH A . 
B 2 HOH 102 2102 2102 HOH HOH A . 
B 2 HOH 103 2103 2103 HOH HOH A . 
B 2 HOH 104 2104 2104 HOH HOH A . 
B 2 HOH 105 2105 2105 HOH HOH A . 
B 2 HOH 106 2106 2106 HOH HOH A . 
B 2 HOH 107 2107 2107 HOH HOH A . 
B 2 HOH 108 2108 2108 HOH HOH A . 
B 2 HOH 109 2109 2109 HOH HOH A . 
B 2 HOH 110 2110 2110 HOH HOH A . 
B 2 HOH 111 2111 2111 HOH HOH A . 
B 2 HOH 112 2112 2112 HOH HOH A . 
B 2 HOH 113 2113 2113 HOH HOH A . 
B 2 HOH 114 2114 2114 HOH HOH A . 
B 2 HOH 115 2115 2115 HOH HOH A . 
B 2 HOH 116 2116 2116 HOH HOH A . 
B 2 HOH 117 2117 2117 HOH HOH A . 
B 2 HOH 118 2118 2118 HOH HOH A . 
B 2 HOH 119 2119 2119 HOH HOH A . 
B 2 HOH 120 2120 2120 HOH HOH A . 
B 2 HOH 121 2121 2121 HOH HOH A . 
B 2 HOH 122 2122 2122 HOH HOH A . 
B 2 HOH 123 2123 2123 HOH HOH A . 
B 2 HOH 124 2124 2124 HOH HOH A . 
B 2 HOH 125 2125 2125 HOH HOH A . 
B 2 HOH 126 2126 2126 HOH HOH A . 
B 2 HOH 127 2127 2127 HOH HOH A . 
B 2 HOH 128 2128 2128 HOH HOH A . 
B 2 HOH 129 2129 2129 HOH HOH A . 
B 2 HOH 130 2130 2130 HOH HOH A . 
B 2 HOH 131 2131 2131 HOH HOH A . 
B 2 HOH 132 2132 2132 HOH HOH A . 
B 2 HOH 133 2133 2133 HOH HOH A . 
B 2 HOH 134 2134 2134 HOH HOH A . 
B 2 HOH 135 2135 2135 HOH HOH A . 
B 2 HOH 136 2136 2136 HOH HOH A . 
B 2 HOH 137 2137 2137 HOH HOH A . 
B 2 HOH 138 2138 2138 HOH HOH A . 
B 2 HOH 139 2139 2139 HOH HOH A . 
B 2 HOH 140 2140 2140 HOH HOH A . 
B 2 HOH 141 2141 2141 HOH HOH A . 
B 2 HOH 142 2142 2142 HOH HOH A . 
B 2 HOH 143 2143 2143 HOH HOH A . 
B 2 HOH 144 2144 2144 HOH HOH A . 
B 2 HOH 145 2145 2145 HOH HOH A . 
B 2 HOH 146 2146 2146 HOH HOH A . 
B 2 HOH 147 2147 2147 HOH HOH A . 
B 2 HOH 148 2148 2148 HOH HOH A . 
B 2 HOH 149 2149 2149 HOH HOH A . 
B 2 HOH 150 2150 2150 HOH HOH A . 
B 2 HOH 151 2151 2151 HOH HOH A . 
B 2 HOH 152 2152 2152 HOH HOH A . 
B 2 HOH 153 2153 2153 HOH HOH A . 
B 2 HOH 154 2154 2154 HOH HOH A . 
B 2 HOH 155 2155 2155 HOH HOH A . 
B 2 HOH 156 2156 2156 HOH HOH A . 
B 2 HOH 157 2157 2157 HOH HOH A . 
B 2 HOH 158 2158 2158 HOH HOH A . 
B 2 HOH 159 2159 2159 HOH HOH A . 
B 2 HOH 160 2160 2160 HOH HOH A . 
B 2 HOH 161 2161 2161 HOH HOH A . 
B 2 HOH 162 2162 2162 HOH HOH A . 
B 2 HOH 163 2163 2163 HOH HOH A . 
B 2 HOH 164 2164 2164 HOH HOH A . 
B 2 HOH 165 2165 2165 HOH HOH A . 
B 2 HOH 166 2166 2166 HOH HOH A . 
B 2 HOH 167 2167 2167 HOH HOH A . 
B 2 HOH 168 2168 2168 HOH HOH A . 
B 2 HOH 169 2169 2169 HOH HOH A . 
B 2 HOH 170 2170 2170 HOH HOH A . 
B 2 HOH 171 2171 2171 HOH HOH A . 
B 2 HOH 172 2172 2172 HOH HOH A . 
B 2 HOH 173 2173 2173 HOH HOH A . 
B 2 HOH 174 2174 2174 HOH HOH A . 
B 2 HOH 175 2175 2175 HOH HOH A . 
B 2 HOH 176 2176 2176 HOH HOH A . 
B 2 HOH 177 2177 2177 HOH HOH A . 
B 2 HOH 178 2178 2178 HOH HOH A . 
B 2 HOH 179 2179 2179 HOH HOH A . 
B 2 HOH 180 2180 2180 HOH HOH A . 
B 2 HOH 181 2181 2181 HOH HOH A . 
B 2 HOH 182 2182 2182 HOH HOH A . 
B 2 HOH 183 2183 2183 HOH HOH A . 
B 2 HOH 184 2184 2184 HOH HOH A . 
B 2 HOH 185 2185 2185 HOH HOH A . 
B 2 HOH 186 2186 2186 HOH HOH A . 
B 2 HOH 187 2187 2187 HOH HOH A . 
B 2 HOH 188 2188 2188 HOH HOH A . 
B 2 HOH 189 2189 2189 HOH HOH A . 
B 2 HOH 190 2190 2190 HOH HOH A . 
B 2 HOH 191 2191 2191 HOH HOH A . 
B 2 HOH 192 2192 2192 HOH HOH A . 
B 2 HOH 193 2193 2193 HOH HOH A . 
B 2 HOH 194 2194 2194 HOH HOH A . 
B 2 HOH 195 2195 2195 HOH HOH A . 
B 2 HOH 196 2196 2196 HOH HOH A . 
B 2 HOH 197 2197 2197 HOH HOH A . 
B 2 HOH 198 2198 2198 HOH HOH A . 
B 2 HOH 199 2199 2199 HOH HOH A . 
B 2 HOH 200 2200 2200 HOH HOH A . 
B 2 HOH 201 2201 2201 HOH HOH A . 
B 2 HOH 202 2202 2202 HOH HOH A . 
B 2 HOH 203 2203 2203 HOH HOH A . 
B 2 HOH 204 2204 2204 HOH HOH A . 
B 2 HOH 205 2205 2205 HOH HOH A . 
B 2 HOH 206 2206 2206 HOH HOH A . 
B 2 HOH 207 2207 2207 HOH HOH A . 
B 2 HOH 208 2208 2208 HOH HOH A . 
B 2 HOH 209 2209 2209 HOH HOH A . 
B 2 HOH 210 2210 2210 HOH HOH A . 
B 2 HOH 211 2211 2211 HOH HOH A . 
B 2 HOH 212 2212 2212 HOH HOH A . 
B 2 HOH 213 2213 2213 HOH HOH A . 
B 2 HOH 214 2214 2214 HOH HOH A . 
B 2 HOH 215 2215 2215 HOH HOH A . 
B 2 HOH 216 2216 2216 HOH HOH A . 
B 2 HOH 217 2217 2217 HOH HOH A . 
B 2 HOH 218 2218 2218 HOH HOH A . 
B 2 HOH 219 2219 2219 HOH HOH A . 
B 2 HOH 220 2220 2220 HOH HOH A . 
B 2 HOH 221 2221 2221 HOH HOH A . 
B 2 HOH 222 2222 2222 HOH HOH A . 
B 2 HOH 223 2223 2223 HOH HOH A . 
# 
_pdbx_struct_assembly.id                   1 
_pdbx_struct_assembly.details              author_and_software_defined_assembly 
_pdbx_struct_assembly.method_details       PQS 
_pdbx_struct_assembly.oligomeric_details   monomeric 
_pdbx_struct_assembly.oligomeric_count     1 
# 
_pdbx_struct_assembly_gen.assembly_id       1 
_pdbx_struct_assembly_gen.oper_expression   1 
_pdbx_struct_assembly_gen.asym_id_list      A,B 
# 
_pdbx_struct_oper_list.id                   1 
_pdbx_struct_oper_list.type                 'identity operation' 
_pdbx_struct_oper_list.name                 1_555 
_pdbx_struct_oper_list.symmetry_operation   x,y,z 
_pdbx_struct_oper_list.matrix[1][1]         1.0000000000 
_pdbx_struct_oper_list.matrix[1][2]         0.0000000000 
_pdbx_struct_oper_list.matrix[1][3]         0.0000000000 
_pdbx_struct_oper_list.vector[1]            0.0000000000 
_pdbx_struct_oper_list.matrix[2][1]         0.0000000000 
_pdbx_struct_oper_list.matrix[2][2]         1.0000000000 
_pdbx_struct_oper_list.matrix[2][3]         0.0000000000 
_pdbx_struct_oper_list.vector[2]            0.0000000000 
_pdbx_struct_oper_list.matrix[3][1]         0.0000000000 
_pdbx_struct_oper_list.matrix[3][2]         0.0000000000 
_pdbx_struct_oper_list.matrix[3][3]         1.0000000000 
_pdbx_struct_oper_list.vector[3]            0.0000000000 
# 
loop_
_pdbx_audit_revision_history.ordinal 
_pdbx_audit_revision_history.data_content_type 
_pdbx_audit_revision_history.major_revision 
_pdbx_audit_revision_history.minor_revision 
_pdbx_audit_revision_history.revision_date 
1 'Structure model' 1 0 2003-06-11 
2 'Structure model' 1 1 2011-05-08 
3 'Structure model' 1 2 2011-07-13 
4 'Structure model' 1 3 2023-12-13 
# 
_pdbx_audit_revision_details.ordinal             1 
_pdbx_audit_revision_details.revision_ordinal    1 
_pdbx_audit_revision_details.data_content_type   'Structure model' 
_pdbx_audit_revision_details.provider            repository 
_pdbx_audit_revision_details.type                'Initial release' 
_pdbx_audit_revision_details.description         ? 
_pdbx_audit_revision_details.details             ? 
# 
loop_
_pdbx_audit_revision_group.ordinal 
_pdbx_audit_revision_group.revision_ordinal 
_pdbx_audit_revision_group.data_content_type 
_pdbx_audit_revision_group.group 
1 2 'Structure model' 'Version format compliance' 
2 3 'Structure model' 'Version format compliance' 
3 4 'Structure model' 'Data collection'           
4 4 'Structure model' 'Database references'       
5 4 'Structure model' Other                       
6 4 'Structure model' 'Refinement description'    
# 
loop_
_pdbx_audit_revision_category.ordinal 
_pdbx_audit_revision_category.revision_ordinal 
_pdbx_audit_revision_category.data_content_type 
_pdbx_audit_revision_category.category 
1 4 'Structure model' chem_comp_atom                
2 4 'Structure model' chem_comp_bond                
3 4 'Structure model' database_2                    
4 4 'Structure model' pdbx_database_status          
5 4 'Structure model' pdbx_initial_refinement_model 
# 
loop_
_pdbx_audit_revision_item.ordinal 
_pdbx_audit_revision_item.revision_ordinal 
_pdbx_audit_revision_item.data_content_type 
_pdbx_audit_revision_item.item 
1 4 'Structure model' '_database_2.pdbx_DOI'                 
2 4 'Structure model' '_database_2.pdbx_database_accession'  
3 4 'Structure model' '_pdbx_database_status.status_code_sf' 
# 
loop_
_software.name 
_software.classification 
_software.version 
_software.citation_id 
_software.pdbx_ordinal 
REFMAC refinement       5.0 ? 1 
MOSFLM 'data reduction' .   ? 2 
SCALA  'data scaling'   .   ? 3 
EPMR   phasing          .   ? 4 
# 
_pdbx_database_remark.id     650 
_pdbx_database_remark.text   
;
HELIX
THE HELICES ASSIGNED 1 TO 5 IN THIS ENTRY ARE LABELED IN
THE APOE LITERATURE AS 1,1',2,3,4, WITH 1' BEING A SHORT
CONNECTING HELIX BETWEEN 1 AND 2 OF THE FOUR HELIX BUNLDE
CONSISTING OF HELICES 1,2,3 AND 4.
;
# 
_pdbx_entry_details.entry_id                 1GS9 
_pdbx_entry_details.compound_details         
;VARIANT: CYS (112) ARG. APOE4 IS A NATURALLY OCCURING ALLELIC
 VARIANT OF E4, THE SECOND MOST COMMON ISOFORM AFTER E3
;
_pdbx_entry_details.source_details           ? 
_pdbx_entry_details.nonpolymer_details       ? 
_pdbx_entry_details.sequence_details         
;ARG A 112, E4 ALLELE, RESIDUES 1-21 ABSENT FROM ELETRON
DENSITY
;
_pdbx_entry_details.has_ligand_of_interest   ? 
# 
_pdbx_validate_symm_contact.id                1 
_pdbx_validate_symm_contact.PDB_model_num     1 
_pdbx_validate_symm_contact.auth_atom_id_1    NH2 
_pdbx_validate_symm_contact.auth_asym_id_1    A 
_pdbx_validate_symm_contact.auth_comp_id_1    ARG 
_pdbx_validate_symm_contact.auth_seq_id_1     38 
_pdbx_validate_symm_contact.PDB_ins_code_1    ? 
_pdbx_validate_symm_contact.label_alt_id_1    B 
_pdbx_validate_symm_contact.site_symmetry_1   1_555 
_pdbx_validate_symm_contact.auth_atom_id_2    OE2 
_pdbx_validate_symm_contact.auth_asym_id_2    A 
_pdbx_validate_symm_contact.auth_comp_id_2    GLU 
_pdbx_validate_symm_contact.auth_seq_id_2     49 
_pdbx_validate_symm_contact.PDB_ins_code_2    ? 
_pdbx_validate_symm_contact.label_alt_id_2    ? 
_pdbx_validate_symm_contact.site_symmetry_2   4_566 
_pdbx_validate_symm_contact.dist              2.05 
# 
_pdbx_validate_rmsd_angle.id                         1 
_pdbx_validate_rmsd_angle.PDB_model_num              1 
_pdbx_validate_rmsd_angle.auth_atom_id_1             NE 
_pdbx_validate_rmsd_angle.auth_asym_id_1             A 
_pdbx_validate_rmsd_angle.auth_comp_id_1             ARG 
_pdbx_validate_rmsd_angle.auth_seq_id_1              38 
_pdbx_validate_rmsd_angle.PDB_ins_code_1             ? 
_pdbx_validate_rmsd_angle.label_alt_id_1             A 
_pdbx_validate_rmsd_angle.auth_atom_id_2             CZ 
_pdbx_validate_rmsd_angle.auth_asym_id_2             A 
_pdbx_validate_rmsd_angle.auth_comp_id_2             ARG 
_pdbx_validate_rmsd_angle.auth_seq_id_2              38 
_pdbx_validate_rmsd_angle.PDB_ins_code_2             ? 
_pdbx_validate_rmsd_angle.label_alt_id_2             A 
_pdbx_validate_rmsd_angle.auth_atom_id_3             NH2 
_pdbx_validate_rmsd_angle.auth_asym_id_3             A 
_pdbx_validate_rmsd_angle.auth_comp_id_3             ARG 
_pdbx_validate_rmsd_angle.auth_seq_id_3              38 
_pdbx_validate_rmsd_angle.PDB_ins_code_3             ? 
_pdbx_validate_rmsd_angle.label_alt_id_3             A 
_pdbx_validate_rmsd_angle.angle_value                116.80 
_pdbx_validate_rmsd_angle.angle_target_value         120.30 
_pdbx_validate_rmsd_angle.angle_deviation            -3.50 
_pdbx_validate_rmsd_angle.angle_standard_deviation   0.50 
_pdbx_validate_rmsd_angle.linker_flag                N 
# 
_pdbx_validate_torsion.id              1 
_pdbx_validate_torsion.PDB_model_num   1 
_pdbx_validate_torsion.auth_comp_id    GLU 
_pdbx_validate_torsion.auth_asym_id    A 
_pdbx_validate_torsion.auth_seq_id     87 
_pdbx_validate_torsion.PDB_ins_code    ? 
_pdbx_validate_torsion.label_alt_id    ? 
_pdbx_validate_torsion.phi             128.29 
_pdbx_validate_torsion.psi             -25.80 
# 
loop_
_pdbx_distant_solvent_atoms.id 
_pdbx_distant_solvent_atoms.PDB_model_num 
_pdbx_distant_solvent_atoms.auth_atom_id 
_pdbx_distant_solvent_atoms.label_alt_id 
_pdbx_distant_solvent_atoms.auth_asym_id 
_pdbx_distant_solvent_atoms.auth_comp_id 
_pdbx_distant_solvent_atoms.auth_seq_id 
_pdbx_distant_solvent_atoms.PDB_ins_code 
_pdbx_distant_solvent_atoms.neighbor_macromolecule_distance 
_pdbx_distant_solvent_atoms.neighbor_ligand_distance 
1 1 O ? A HOH 2012 ? 6.94 . 
2 1 O ? A HOH 2032 ? 7.16 . 
3 1 O ? A HOH 2034 ? 6.28 . 
4 1 O ? A HOH 2106 ? 6.27 . 
# 
loop_
_pdbx_unobs_or_zero_occ_residues.id 
_pdbx_unobs_or_zero_occ_residues.PDB_model_num 
_pdbx_unobs_or_zero_occ_residues.polymer_flag 
_pdbx_unobs_or_zero_occ_residues.occupancy_flag 
_pdbx_unobs_or_zero_occ_residues.auth_asym_id 
_pdbx_unobs_or_zero_occ_residues.auth_comp_id 
_pdbx_unobs_or_zero_occ_residues.auth_seq_id 
_pdbx_unobs_or_zero_occ_residues.PDB_ins_code 
_pdbx_unobs_or_zero_occ_residues.label_asym_id 
_pdbx_unobs_or_zero_occ_residues.label_comp_id 
_pdbx_unobs_or_zero_occ_residues.label_seq_id 
1  1 Y 1 A LYS 1  ? A LYS 1  
2  1 Y 1 A VAL 2  ? A VAL 2  
3  1 Y 1 A GLU 3  ? A GLU 3  
4  1 Y 1 A GLN 4  ? A GLN 4  
5  1 Y 1 A ALA 5  ? A ALA 5  
6  1 Y 1 A VAL 6  ? A VAL 6  
7  1 Y 1 A GLU 7  ? A GLU 7  
8  1 Y 1 A THR 8  ? A THR 8  
9  1 Y 1 A GLU 9  ? A GLU 9  
10 1 Y 1 A PRO 10 ? A PRO 10 
11 1 Y 1 A GLU 11 ? A GLU 11 
12 1 Y 1 A PRO 12 ? A PRO 12 
13 1 Y 1 A GLU 13 ? A GLU 13 
14 1 Y 1 A LEU 14 ? A LEU 14 
15 1 Y 1 A ARG 15 ? A ARG 15 
16 1 Y 1 A GLN 16 ? A GLN 16 
17 1 Y 1 A GLN 17 ? A GLN 17 
18 1 Y 1 A THR 18 ? A THR 18 
19 1 Y 1 A GLU 19 ? A GLU 19 
20 1 Y 1 A TRP 20 ? A TRP 20 
21 1 Y 1 A GLN 21 ? A GLN 21 
# 
loop_
_chem_comp_atom.comp_id 
_chem_comp_atom.atom_id 
_chem_comp_atom.type_symbol 
_chem_comp_atom.pdbx_aromatic_flag 
_chem_comp_atom.pdbx_stereo_config 
_chem_comp_atom.pdbx_ordinal 
ALA N    N N N 1   
ALA CA   C N S 2   
ALA C    C N N 3   
ALA O    O N N 4   
ALA CB   C N N 5   
ALA OXT  O N N 6   
ALA H    H N N 7   
ALA H2   H N N 8   
ALA HA   H N N 9   
ALA HB1  H N N 10  
ALA HB2  H N N 11  
ALA HB3  H N N 12  
ALA HXT  H N N 13  
ARG N    N N N 14  
ARG CA   C N S 15  
ARG C    C N N 16  
ARG O    O N N 17  
ARG CB   C N N 18  
ARG CG   C N N 19  
ARG CD   C N N 20  
ARG NE   N N N 21  
ARG CZ   C N N 22  
ARG NH1  N N N 23  
ARG NH2  N N N 24  
ARG OXT  O N N 25  
ARG H    H N N 26  
ARG H2   H N N 27  
ARG HA   H N N 28  
ARG HB2  H N N 29  
ARG HB3  H N N 30  
ARG HG2  H N N 31  
ARG HG3  H N N 32  
ARG HD2  H N N 33  
ARG HD3  H N N 34  
ARG HE   H N N 35  
ARG HH11 H N N 36  
ARG HH12 H N N 37  
ARG HH21 H N N 38  
ARG HH22 H N N 39  
ARG HXT  H N N 40  
ASP N    N N N 41  
ASP CA   C N S 42  
ASP C    C N N 43  
ASP O    O N N 44  
ASP CB   C N N 45  
ASP CG   C N N 46  
ASP OD1  O N N 47  
ASP OD2  O N N 48  
ASP OXT  O N N 49  
ASP H    H N N 50  
ASP H2   H N N 51  
ASP HA   H N N 52  
ASP HB2  H N N 53  
ASP HB3  H N N 54  
ASP HD2  H N N 55  
ASP HXT  H N N 56  
CYS N    N N N 57  
CYS CA   C N R 58  
CYS C    C N N 59  
CYS O    O N N 60  
CYS CB   C N N 61  
CYS SG   S N N 62  
CYS OXT  O N N 63  
CYS H    H N N 64  
CYS H2   H N N 65  
CYS HA   H N N 66  
CYS HB2  H N N 67  
CYS HB3  H N N 68  
CYS HG   H N N 69  
CYS HXT  H N N 70  
GLN N    N N N 71  
GLN CA   C N S 72  
GLN C    C N N 73  
GLN O    O N N 74  
GLN CB   C N N 75  
GLN CG   C N N 76  
GLN CD   C N N 77  
GLN OE1  O N N 78  
GLN NE2  N N N 79  
GLN OXT  O N N 80  
GLN H    H N N 81  
GLN H2   H N N 82  
GLN HA   H N N 83  
GLN HB2  H N N 84  
GLN HB3  H N N 85  
GLN HG2  H N N 86  
GLN HG3  H N N 87  
GLN HE21 H N N 88  
GLN HE22 H N N 89  
GLN HXT  H N N 90  
GLU N    N N N 91  
GLU CA   C N S 92  
GLU C    C N N 93  
GLU O    O N N 94  
GLU CB   C N N 95  
GLU CG   C N N 96  
GLU CD   C N N 97  
GLU OE1  O N N 98  
GLU OE2  O N N 99  
GLU OXT  O N N 100 
GLU H    H N N 101 
GLU H2   H N N 102 
GLU HA   H N N 103 
GLU HB2  H N N 104 
GLU HB3  H N N 105 
GLU HG2  H N N 106 
GLU HG3  H N N 107 
GLU HE2  H N N 108 
GLU HXT  H N N 109 
GLY N    N N N 110 
GLY CA   C N N 111 
GLY C    C N N 112 
GLY O    O N N 113 
GLY OXT  O N N 114 
GLY H    H N N 115 
GLY H2   H N N 116 
GLY HA2  H N N 117 
GLY HA3  H N N 118 
GLY HXT  H N N 119 
HIS N    N N N 120 
HIS CA   C N S 121 
HIS C    C N N 122 
HIS O    O N N 123 
HIS CB   C N N 124 
HIS CG   C Y N 125 
HIS ND1  N Y N 126 
HIS CD2  C Y N 127 
HIS CE1  C Y N 128 
HIS NE2  N Y N 129 
HIS OXT  O N N 130 
HIS H    H N N 131 
HIS H2   H N N 132 
HIS HA   H N N 133 
HIS HB2  H N N 134 
HIS HB3  H N N 135 
HIS HD1  H N N 136 
HIS HD2  H N N 137 
HIS HE1  H N N 138 
HIS HE2  H N N 139 
HIS HXT  H N N 140 
HOH O    O N N 141 
HOH H1   H N N 142 
HOH H2   H N N 143 
LEU N    N N N 144 
LEU CA   C N S 145 
LEU C    C N N 146 
LEU O    O N N 147 
LEU CB   C N N 148 
LEU CG   C N N 149 
LEU CD1  C N N 150 
LEU CD2  C N N 151 
LEU OXT  O N N 152 
LEU H    H N N 153 
LEU H2   H N N 154 
LEU HA   H N N 155 
LEU HB2  H N N 156 
LEU HB3  H N N 157 
LEU HG   H N N 158 
LEU HD11 H N N 159 
LEU HD12 H N N 160 
LEU HD13 H N N 161 
LEU HD21 H N N 162 
LEU HD22 H N N 163 
LEU HD23 H N N 164 
LEU HXT  H N N 165 
LYS N    N N N 166 
LYS CA   C N S 167 
LYS C    C N N 168 
LYS O    O N N 169 
LYS CB   C N N 170 
LYS CG   C N N 171 
LYS CD   C N N 172 
LYS CE   C N N 173 
LYS NZ   N N N 174 
LYS OXT  O N N 175 
LYS H    H N N 176 
LYS H2   H N N 177 
LYS HA   H N N 178 
LYS HB2  H N N 179 
LYS HB3  H N N 180 
LYS HG2  H N N 181 
LYS HG3  H N N 182 
LYS HD2  H N N 183 
LYS HD3  H N N 184 
LYS HE2  H N N 185 
LYS HE3  H N N 186 
LYS HZ1  H N N 187 
LYS HZ2  H N N 188 
LYS HZ3  H N N 189 
LYS HXT  H N N 190 
MET N    N N N 191 
MET CA   C N S 192 
MET C    C N N 193 
MET O    O N N 194 
MET CB   C N N 195 
MET CG   C N N 196 
MET SD   S N N 197 
MET CE   C N N 198 
MET OXT  O N N 199 
MET H    H N N 200 
MET H2   H N N 201 
MET HA   H N N 202 
MET HB2  H N N 203 
MET HB3  H N N 204 
MET HG2  H N N 205 
MET HG3  H N N 206 
MET HE1  H N N 207 
MET HE2  H N N 208 
MET HE3  H N N 209 
MET HXT  H N N 210 
PHE N    N N N 211 
PHE CA   C N S 212 
PHE C    C N N 213 
PHE O    O N N 214 
PHE CB   C N N 215 
PHE CG   C Y N 216 
PHE CD1  C Y N 217 
PHE CD2  C Y N 218 
PHE CE1  C Y N 219 
PHE CE2  C Y N 220 
PHE CZ   C Y N 221 
PHE OXT  O N N 222 
PHE H    H N N 223 
PHE H2   H N N 224 
PHE HA   H N N 225 
PHE HB2  H N N 226 
PHE HB3  H N N 227 
PHE HD1  H N N 228 
PHE HD2  H N N 229 
PHE HE1  H N N 230 
PHE HE2  H N N 231 
PHE HZ   H N N 232 
PHE HXT  H N N 233 
PRO N    N N N 234 
PRO CA   C N S 235 
PRO C    C N N 236 
PRO O    O N N 237 
PRO CB   C N N 238 
PRO CG   C N N 239 
PRO CD   C N N 240 
PRO OXT  O N N 241 
PRO H    H N N 242 
PRO HA   H N N 243 
PRO HB2  H N N 244 
PRO HB3  H N N 245 
PRO HG2  H N N 246 
PRO HG3  H N N 247 
PRO HD2  H N N 248 
PRO HD3  H N N 249 
PRO HXT  H N N 250 
SER N    N N N 251 
SER CA   C N S 252 
SER C    C N N 253 
SER O    O N N 254 
SER CB   C N N 255 
SER OG   O N N 256 
SER OXT  O N N 257 
SER H    H N N 258 
SER H2   H N N 259 
SER HA   H N N 260 
SER HB2  H N N 261 
SER HB3  H N N 262 
SER HG   H N N 263 
SER HXT  H N N 264 
THR N    N N N 265 
THR CA   C N S 266 
THR C    C N N 267 
THR O    O N N 268 
THR CB   C N R 269 
THR OG1  O N N 270 
THR CG2  C N N 271 
THR OXT  O N N 272 
THR H    H N N 273 
THR H2   H N N 274 
THR HA   H N N 275 
THR HB   H N N 276 
THR HG1  H N N 277 
THR HG21 H N N 278 
THR HG22 H N N 279 
THR HG23 H N N 280 
THR HXT  H N N 281 
TRP N    N N N 282 
TRP CA   C N S 283 
TRP C    C N N 284 
TRP O    O N N 285 
TRP CB   C N N 286 
TRP CG   C Y N 287 
TRP CD1  C Y N 288 
TRP CD2  C Y N 289 
TRP NE1  N Y N 290 
TRP CE2  C Y N 291 
TRP CE3  C Y N 292 
TRP CZ2  C Y N 293 
TRP CZ3  C Y N 294 
TRP CH2  C Y N 295 
TRP OXT  O N N 296 
TRP H    H N N 297 
TRP H2   H N N 298 
TRP HA   H N N 299 
TRP HB2  H N N 300 
TRP HB3  H N N 301 
TRP HD1  H N N 302 
TRP HE1  H N N 303 
TRP HE3  H N N 304 
TRP HZ2  H N N 305 
TRP HZ3  H N N 306 
TRP HH2  H N N 307 
TRP HXT  H N N 308 
TYR N    N N N 309 
TYR CA   C N S 310 
TYR C    C N N 311 
TYR O    O N N 312 
TYR CB   C N N 313 
TYR CG   C Y N 314 
TYR CD1  C Y N 315 
TYR CD2  C Y N 316 
TYR CE1  C Y N 317 
TYR CE2  C Y N 318 
TYR CZ   C Y N 319 
TYR OH   O N N 320 
TYR OXT  O N N 321 
TYR H    H N N 322 
TYR H2   H N N 323 
TYR HA   H N N 324 
TYR HB2  H N N 325 
TYR HB3  H N N 326 
TYR HD1  H N N 327 
TYR HD2  H N N 328 
TYR HE1  H N N 329 
TYR HE2  H N N 330 
TYR HH   H N N 331 
TYR HXT  H N N 332 
VAL N    N N N 333 
VAL CA   C N S 334 
VAL C    C N N 335 
VAL O    O N N 336 
VAL CB   C N N 337 
VAL CG1  C N N 338 
VAL CG2  C N N 339 
VAL OXT  O N N 340 
VAL H    H N N 341 
VAL H2   H N N 342 
VAL HA   H N N 343 
VAL HB   H N N 344 
VAL HG11 H N N 345 
VAL HG12 H N N 346 
VAL HG13 H N N 347 
VAL HG21 H N N 348 
VAL HG22 H N N 349 
VAL HG23 H N N 350 
VAL HXT  H N N 351 
# 
loop_
_chem_comp_bond.comp_id 
_chem_comp_bond.atom_id_1 
_chem_comp_bond.atom_id_2 
_chem_comp_bond.value_order 
_chem_comp_bond.pdbx_aromatic_flag 
_chem_comp_bond.pdbx_stereo_config 
_chem_comp_bond.pdbx_ordinal 
ALA N   CA   sing N N 1   
ALA N   H    sing N N 2   
ALA N   H2   sing N N 3   
ALA CA  C    sing N N 4   
ALA CA  CB   sing N N 5   
ALA CA  HA   sing N N 6   
ALA C   O    doub N N 7   
ALA C   OXT  sing N N 8   
ALA CB  HB1  sing N N 9   
ALA CB  HB2  sing N N 10  
ALA CB  HB3  sing N N 11  
ALA OXT HXT  sing N N 12  
ARG N   CA   sing N N 13  
ARG N   H    sing N N 14  
ARG N   H2   sing N N 15  
ARG CA  C    sing N N 16  
ARG CA  CB   sing N N 17  
ARG CA  HA   sing N N 18  
ARG C   O    doub N N 19  
ARG C   OXT  sing N N 20  
ARG CB  CG   sing N N 21  
ARG CB  HB2  sing N N 22  
ARG CB  HB3  sing N N 23  
ARG CG  CD   sing N N 24  
ARG CG  HG2  sing N N 25  
ARG CG  HG3  sing N N 26  
ARG CD  NE   sing N N 27  
ARG CD  HD2  sing N N 28  
ARG CD  HD3  sing N N 29  
ARG NE  CZ   sing N N 30  
ARG NE  HE   sing N N 31  
ARG CZ  NH1  sing N N 32  
ARG CZ  NH2  doub N N 33  
ARG NH1 HH11 sing N N 34  
ARG NH1 HH12 sing N N 35  
ARG NH2 HH21 sing N N 36  
ARG NH2 HH22 sing N N 37  
ARG OXT HXT  sing N N 38  
ASP N   CA   sing N N 39  
ASP N   H    sing N N 40  
ASP N   H2   sing N N 41  
ASP CA  C    sing N N 42  
ASP CA  CB   sing N N 43  
ASP CA  HA   sing N N 44  
ASP C   O    doub N N 45  
ASP C   OXT  sing N N 46  
ASP CB  CG   sing N N 47  
ASP CB  HB2  sing N N 48  
ASP CB  HB3  sing N N 49  
ASP CG  OD1  doub N N 50  
ASP CG  OD2  sing N N 51  
ASP OD2 HD2  sing N N 52  
ASP OXT HXT  sing N N 53  
CYS N   CA   sing N N 54  
CYS N   H    sing N N 55  
CYS N   H2   sing N N 56  
CYS CA  C    sing N N 57  
CYS CA  CB   sing N N 58  
CYS CA  HA   sing N N 59  
CYS C   O    doub N N 60  
CYS C   OXT  sing N N 61  
CYS CB  SG   sing N N 62  
CYS CB  HB2  sing N N 63  
CYS CB  HB3  sing N N 64  
CYS SG  HG   sing N N 65  
CYS OXT HXT  sing N N 66  
GLN N   CA   sing N N 67  
GLN N   H    sing N N 68  
GLN N   H2   sing N N 69  
GLN CA  C    sing N N 70  
GLN CA  CB   sing N N 71  
GLN CA  HA   sing N N 72  
GLN C   O    doub N N 73  
GLN C   OXT  sing N N 74  
GLN CB  CG   sing N N 75  
GLN CB  HB2  sing N N 76  
GLN CB  HB3  sing N N 77  
GLN CG  CD   sing N N 78  
GLN CG  HG2  sing N N 79  
GLN CG  HG3  sing N N 80  
GLN CD  OE1  doub N N 81  
GLN CD  NE2  sing N N 82  
GLN NE2 HE21 sing N N 83  
GLN NE2 HE22 sing N N 84  
GLN OXT HXT  sing N N 85  
GLU N   CA   sing N N 86  
GLU N   H    sing N N 87  
GLU N   H2   sing N N 88  
GLU CA  C    sing N N 89  
GLU CA  CB   sing N N 90  
GLU CA  HA   sing N N 91  
GLU C   O    doub N N 92  
GLU C   OXT  sing N N 93  
GLU CB  CG   sing N N 94  
GLU CB  HB2  sing N N 95  
GLU CB  HB3  sing N N 96  
GLU CG  CD   sing N N 97  
GLU CG  HG2  sing N N 98  
GLU CG  HG3  sing N N 99  
GLU CD  OE1  doub N N 100 
GLU CD  OE2  sing N N 101 
GLU OE2 HE2  sing N N 102 
GLU OXT HXT  sing N N 103 
GLY N   CA   sing N N 104 
GLY N   H    sing N N 105 
GLY N   H2   sing N N 106 
GLY CA  C    sing N N 107 
GLY CA  HA2  sing N N 108 
GLY CA  HA3  sing N N 109 
GLY C   O    doub N N 110 
GLY C   OXT  sing N N 111 
GLY OXT HXT  sing N N 112 
HIS N   CA   sing N N 113 
HIS N   H    sing N N 114 
HIS N   H2   sing N N 115 
HIS CA  C    sing N N 116 
HIS CA  CB   sing N N 117 
HIS CA  HA   sing N N 118 
HIS C   O    doub N N 119 
HIS C   OXT  sing N N 120 
HIS CB  CG   sing N N 121 
HIS CB  HB2  sing N N 122 
HIS CB  HB3  sing N N 123 
HIS CG  ND1  sing Y N 124 
HIS CG  CD2  doub Y N 125 
HIS ND1 CE1  doub Y N 126 
HIS ND1 HD1  sing N N 127 
HIS CD2 NE2  sing Y N 128 
HIS CD2 HD2  sing N N 129 
HIS CE1 NE2  sing Y N 130 
HIS CE1 HE1  sing N N 131 
HIS NE2 HE2  sing N N 132 
HIS OXT HXT  sing N N 133 
HOH O   H1   sing N N 134 
HOH O   H2   sing N N 135 
LEU N   CA   sing N N 136 
LEU N   H    sing N N 137 
LEU N   H2   sing N N 138 
LEU CA  C    sing N N 139 
LEU CA  CB   sing N N 140 
LEU CA  HA   sing N N 141 
LEU C   O    doub N N 142 
LEU C   OXT  sing N N 143 
LEU CB  CG   sing N N 144 
LEU CB  HB2  sing N N 145 
LEU CB  HB3  sing N N 146 
LEU CG  CD1  sing N N 147 
LEU CG  CD2  sing N N 148 
LEU CG  HG   sing N N 149 
LEU CD1 HD11 sing N N 150 
LEU CD1 HD12 sing N N 151 
LEU CD1 HD13 sing N N 152 
LEU CD2 HD21 sing N N 153 
LEU CD2 HD22 sing N N 154 
LEU CD2 HD23 sing N N 155 
LEU OXT HXT  sing N N 156 
LYS N   CA   sing N N 157 
LYS N   H    sing N N 158 
LYS N   H2   sing N N 159 
LYS CA  C    sing N N 160 
LYS CA  CB   sing N N 161 
LYS CA  HA   sing N N 162 
LYS C   O    doub N N 163 
LYS C   OXT  sing N N 164 
LYS CB  CG   sing N N 165 
LYS CB  HB2  sing N N 166 
LYS CB  HB3  sing N N 167 
LYS CG  CD   sing N N 168 
LYS CG  HG2  sing N N 169 
LYS CG  HG3  sing N N 170 
LYS CD  CE   sing N N 171 
LYS CD  HD2  sing N N 172 
LYS CD  HD3  sing N N 173 
LYS CE  NZ   sing N N 174 
LYS CE  HE2  sing N N 175 
LYS CE  HE3  sing N N 176 
LYS NZ  HZ1  sing N N 177 
LYS NZ  HZ2  sing N N 178 
LYS NZ  HZ3  sing N N 179 
LYS OXT HXT  sing N N 180 
MET N   CA   sing N N 181 
MET N   H    sing N N 182 
MET N   H2   sing N N 183 
MET CA  C    sing N N 184 
MET CA  CB   sing N N 185 
MET CA  HA   sing N N 186 
MET C   O    doub N N 187 
MET C   OXT  sing N N 188 
MET CB  CG   sing N N 189 
MET CB  HB2  sing N N 190 
MET CB  HB3  sing N N 191 
MET CG  SD   sing N N 192 
MET CG  HG2  sing N N 193 
MET CG  HG3  sing N N 194 
MET SD  CE   sing N N 195 
MET CE  HE1  sing N N 196 
MET CE  HE2  sing N N 197 
MET CE  HE3  sing N N 198 
MET OXT HXT  sing N N 199 
PHE N   CA   sing N N 200 
PHE N   H    sing N N 201 
PHE N   H2   sing N N 202 
PHE CA  C    sing N N 203 
PHE CA  CB   sing N N 204 
PHE CA  HA   sing N N 205 
PHE C   O    doub N N 206 
PHE C   OXT  sing N N 207 
PHE CB  CG   sing N N 208 
PHE CB  HB2  sing N N 209 
PHE CB  HB3  sing N N 210 
PHE CG  CD1  doub Y N 211 
PHE CG  CD2  sing Y N 212 
PHE CD1 CE1  sing Y N 213 
PHE CD1 HD1  sing N N 214 
PHE CD2 CE2  doub Y N 215 
PHE CD2 HD2  sing N N 216 
PHE CE1 CZ   doub Y N 217 
PHE CE1 HE1  sing N N 218 
PHE CE2 CZ   sing Y N 219 
PHE CE2 HE2  sing N N 220 
PHE CZ  HZ   sing N N 221 
PHE OXT HXT  sing N N 222 
PRO N   CA   sing N N 223 
PRO N   CD   sing N N 224 
PRO N   H    sing N N 225 
PRO CA  C    sing N N 226 
PRO CA  CB   sing N N 227 
PRO CA  HA   sing N N 228 
PRO C   O    doub N N 229 
PRO C   OXT  sing N N 230 
PRO CB  CG   sing N N 231 
PRO CB  HB2  sing N N 232 
PRO CB  HB3  sing N N 233 
PRO CG  CD   sing N N 234 
PRO CG  HG2  sing N N 235 
PRO CG  HG3  sing N N 236 
PRO CD  HD2  sing N N 237 
PRO CD  HD3  sing N N 238 
PRO OXT HXT  sing N N 239 
SER N   CA   sing N N 240 
SER N   H    sing N N 241 
SER N   H2   sing N N 242 
SER CA  C    sing N N 243 
SER CA  CB   sing N N 244 
SER CA  HA   sing N N 245 
SER C   O    doub N N 246 
SER C   OXT  sing N N 247 
SER CB  OG   sing N N 248 
SER CB  HB2  sing N N 249 
SER CB  HB3  sing N N 250 
SER OG  HG   sing N N 251 
SER OXT HXT  sing N N 252 
THR N   CA   sing N N 253 
THR N   H    sing N N 254 
THR N   H2   sing N N 255 
THR CA  C    sing N N 256 
THR CA  CB   sing N N 257 
THR CA  HA   sing N N 258 
THR C   O    doub N N 259 
THR C   OXT  sing N N 260 
THR CB  OG1  sing N N 261 
THR CB  CG2  sing N N 262 
THR CB  HB   sing N N 263 
THR OG1 HG1  sing N N 264 
THR CG2 HG21 sing N N 265 
THR CG2 HG22 sing N N 266 
THR CG2 HG23 sing N N 267 
THR OXT HXT  sing N N 268 
TRP N   CA   sing N N 269 
TRP N   H    sing N N 270 
TRP N   H2   sing N N 271 
TRP CA  C    sing N N 272 
TRP CA  CB   sing N N 273 
TRP CA  HA   sing N N 274 
TRP C   O    doub N N 275 
TRP C   OXT  sing N N 276 
TRP CB  CG   sing N N 277 
TRP CB  HB2  sing N N 278 
TRP CB  HB3  sing N N 279 
TRP CG  CD1  doub Y N 280 
TRP CG  CD2  sing Y N 281 
TRP CD1 NE1  sing Y N 282 
TRP CD1 HD1  sing N N 283 
TRP CD2 CE2  doub Y N 284 
TRP CD2 CE3  sing Y N 285 
TRP NE1 CE2  sing Y N 286 
TRP NE1 HE1  sing N N 287 
TRP CE2 CZ2  sing Y N 288 
TRP CE3 CZ3  doub Y N 289 
TRP CE3 HE3  sing N N 290 
TRP CZ2 CH2  doub Y N 291 
TRP CZ2 HZ2  sing N N 292 
TRP CZ3 CH2  sing Y N 293 
TRP CZ3 HZ3  sing N N 294 
TRP CH2 HH2  sing N N 295 
TRP OXT HXT  sing N N 296 
TYR N   CA   sing N N 297 
TYR N   H    sing N N 298 
TYR N   H2   sing N N 299 
TYR CA  C    sing N N 300 
TYR CA  CB   sing N N 301 
TYR CA  HA   sing N N 302 
TYR C   O    doub N N 303 
TYR C   OXT  sing N N 304 
TYR CB  CG   sing N N 305 
TYR CB  HB2  sing N N 306 
TYR CB  HB3  sing N N 307 
TYR CG  CD1  doub Y N 308 
TYR CG  CD2  sing Y N 309 
TYR CD1 CE1  sing Y N 310 
TYR CD1 HD1  sing N N 311 
TYR CD2 CE2  doub Y N 312 
TYR CD2 HD2  sing N N 313 
TYR CE1 CZ   doub Y N 314 
TYR CE1 HE1  sing N N 315 
TYR CE2 CZ   sing Y N 316 
TYR CE2 HE2  sing N N 317 
TYR CZ  OH   sing N N 318 
TYR OH  HH   sing N N 319 
TYR OXT HXT  sing N N 320 
VAL N   CA   sing N N 321 
VAL N   H    sing N N 322 
VAL N   H2   sing N N 323 
VAL CA  C    sing N N 324 
VAL CA  CB   sing N N 325 
VAL CA  HA   sing N N 326 
VAL C   O    doub N N 327 
VAL C   OXT  sing N N 328 
VAL CB  CG1  sing N N 329 
VAL CB  CG2  sing N N 330 
VAL CB  HB   sing N N 331 
VAL CG1 HG11 sing N N 332 
VAL CG1 HG12 sing N N 333 
VAL CG1 HG13 sing N N 334 
VAL CG2 HG21 sing N N 335 
VAL CG2 HG22 sing N N 336 
VAL CG2 HG23 sing N N 337 
VAL OXT HXT  sing N N 338 
# 
_pdbx_entity_nonpoly.entity_id   2 
_pdbx_entity_nonpoly.name        water 
_pdbx_entity_nonpoly.comp_id     HOH 
# 
_pdbx_initial_refinement_model.id               1 
_pdbx_initial_refinement_model.entity_id_list   ? 
_pdbx_initial_refinement_model.type             'experimental model' 
_pdbx_initial_refinement_model.source_name      PDB 
_pdbx_initial_refinement_model.accession_code   1BZ4 
_pdbx_initial_refinement_model.details          'PDB ENTRY 1BZ4' 
# 
